data_1WBD
#
_entry.id   1WBD
#
_cell.length_a   89.620
_cell.length_b   92.042
_cell.length_c   260.977
_cell.angle_alpha   90.00
_cell.angle_beta   90.00
_cell.angle_gamma   90.00
#
_symmetry.space_group_name_H-M   'P 21 21 21'
#
loop_
_entity.id
_entity.type
_entity.pdbx_description
1 polymer 'DNA MISMATCH REPAIR PROTEIN MUTS'
2 polymer "5'-D(*AP*GP*CP*TP*GP*CP*CP*AP*GP*GP *CP*AP*CP*CP*AP*GP*TP*G)-3'"
3 polymer "5'-D(*AP*CP*TP*GP*GP*TP*GP*CP*TP*TP *GP*GP*CP*AP*GP*CP*T)-3'"
4 non-polymer "ADENOSINE-5'-DIPHOSPHATE"
5 non-polymer 'MAGNESIUM ION'
6 water water
#
loop_
_entity_poly.entity_id
_entity_poly.type
_entity_poly.pdbx_seq_one_letter_code
_entity_poly.pdbx_strand_id
1 'polypeptide(L)'
;MSAIENFDAHTPMMQQYLRLKAQHPEILLFYRMGDFYQLFYDDAKRASQLLDISLTKRGASAGEPIPMAGIPYHAVENYL
AKLVNQGESVAICEQIGDPATSKGPVERKVVRIVTPGTISDEALLQERQDNLLAAIWQDSKGFGYATLDISSGRFRLSEP
ADRETMAAELQRTNPAELLYAEDFAEMSLIEGRRGLRRRPLWEFEIDTARQQLNLQFGTRDLVGFGVENAPRGLCAAGCL
LQYAKDTQRTTLPHIRSITMEREQDSIIMDAATRRNLEITQNLAGGAENTLASVLDCTVTPMGSRMLKRWLHMPVRDTRV
LLERQQTIGALQDFTAGLQPVLRQVGDLERILARLALRTARPRDLARMRHAFQQLPELRAQLETVDSAPVQALREKMGEF
AELRDLLERAIIDTPPVLVRDGGVIASGYNEELDEWRALADGATDYLERLEVRERERTGLDTLKVGFNAVHGYYIQISRG
QSHLAPINYMRRQTLKNAERYIIPELKEYEDKVLTSKGKALALEKQLYEELFDLLLPHLEALQQSASALAELDVLVNLAE
RAYTLNYTCPTFIDKPGIRITEGRHPVVEQVLNEPFIANPLNLSPQRRMLIITGPNMGGKSTYMRQTALIALMAYIGSYV
PAQKVEIGPIDRIFTRVGAADDLASGRSTFMVEMTETANILHNATEYSLVLMDEIGRGTSTYDGLSLAWACAENLANKIK
ALTLFATHYFELTQLPEKMEGVANVHLDALEHGDTIAFMHSVQDGAASKSYGLAVAALAGVPKEVIKRARQKLRELESIS
;
A,B
2 'polydeoxyribonucleotide' (DA)(DG)(DC)(DT)(DG)(DC)(DC)(DA)(DG)(DG)(DC)(DA)(DC)(DC)(DA)(DG)(DT)(DG) E
3 'polydeoxyribonucleotide' (DA)(DC)(DT)(DG)(DG)(DT)(DG)(DC)(DT)(DT)(DG)(DG)(DC)(DA)(DG)(DC)(DT) F
#
# COMPACT_ATOMS: atom_id res chain seq x y z
N SER A 2 -9.81 19.92 -34.01
CA SER A 2 -9.56 20.71 -32.79
C SER A 2 -9.51 22.21 -33.08
N ALA A 3 -10.12 22.97 -32.19
CA ALA A 3 -10.23 24.41 -32.37
C ALA A 3 -8.87 25.10 -32.17
N ILE A 4 -8.62 26.06 -33.02
CA ILE A 4 -7.50 26.96 -32.83
C ILE A 4 -7.83 27.87 -31.66
N GLU A 5 -7.14 27.58 -30.55
CA GLU A 5 -7.30 28.27 -29.28
C GLU A 5 -6.41 29.53 -29.20
N ASN A 6 -6.33 30.32 -30.25
CA ASN A 6 -5.69 31.63 -30.10
C ASN A 6 -6.34 32.49 -28.97
N PHE A 7 -5.58 33.48 -28.50
CA PHE A 7 -5.99 34.36 -27.39
C PHE A 7 -7.38 34.99 -27.58
N ASP A 8 -7.62 35.59 -28.75
CA ASP A 8 -8.90 36.23 -29.10
C ASP A 8 -10.13 35.32 -29.17
N ALA A 9 -9.93 34.04 -29.47
CA ALA A 9 -11.03 33.06 -29.52
C ALA A 9 -11.55 32.70 -28.12
N HIS A 10 -10.88 33.23 -27.09
CA HIS A 10 -11.22 33.01 -25.70
C HIS A 10 -12.04 34.10 -25.05
N THR A 11 -12.95 33.65 -24.18
CA THR A 11 -13.73 34.50 -23.29
C THR A 11 -12.75 35.18 -22.34
N PRO A 12 -13.07 36.35 -21.80
CA PRO A 12 -12.21 36.97 -20.77
C PRO A 12 -11.87 36.02 -19.60
N MET A 13 -12.77 35.11 -19.25
CA MET A 13 -12.53 34.18 -18.14
C MET A 13 -11.34 33.27 -18.43
N MET A 14 -11.36 32.66 -19.61
CA MET A 14 -10.37 31.68 -20.00
C MET A 14 -9.07 32.34 -20.46
N GLN A 15 -9.15 33.57 -20.97
CA GLN A 15 -7.93 34.35 -21.17
C GLN A 15 -7.13 34.39 -19.87
N GLN A 16 -7.71 34.98 -18.82
CA GLN A 16 -7.10 35.01 -17.48
C GLN A 16 -6.68 33.61 -16.97
N TYR A 17 -7.58 32.63 -17.05
CA TYR A 17 -7.27 31.30 -16.54
C TYR A 17 -6.08 30.67 -17.26
N LEU A 18 -6.03 30.78 -18.59
CA LEU A 18 -4.92 30.19 -19.35
C LEU A 18 -3.60 30.91 -19.08
N ARG A 19 -3.62 32.23 -18.84
CA ARG A 19 -2.41 32.99 -18.43
C ARG A 19 -1.84 32.38 -17.14
N LEU A 20 -2.72 32.02 -16.21
CA LEU A 20 -2.30 31.59 -14.88
C LEU A 20 -1.91 30.12 -14.87
N LYS A 21 -2.62 29.32 -15.65
CA LYS A 21 -2.24 27.92 -15.82
C LYS A 21 -0.90 27.85 -16.54
N ALA A 22 -0.59 28.83 -17.39
CA ALA A 22 0.68 28.84 -18.16
C ALA A 22 1.89 28.94 -17.25
N GLN A 23 1.69 29.58 -16.10
CA GLN A 23 2.74 29.76 -15.12
C GLN A 23 2.84 28.54 -14.20
N HIS A 24 1.97 27.55 -14.42
CA HIS A 24 1.90 26.34 -13.59
C HIS A 24 1.48 25.14 -14.43
N PRO A 25 2.19 24.95 -15.54
CA PRO A 25 1.74 24.05 -16.61
C PRO A 25 1.70 22.56 -16.26
N GLU A 26 2.48 22.09 -15.30
CA GLU A 26 2.53 20.65 -15.02
C GLU A 26 1.81 20.21 -13.75
N ILE A 27 1.30 21.17 -12.99
CA ILE A 27 0.62 20.90 -11.72
C ILE A 27 -0.85 21.38 -11.72
N LEU A 28 -1.68 20.73 -10.89
CA LEU A 28 -3.08 21.09 -10.70
C LEU A 28 -3.21 22.50 -10.20
N LEU A 29 -4.14 23.26 -10.78
CA LEU A 29 -4.42 24.64 -10.41
C LEU A 29 -5.88 24.70 -9.93
N PHE A 30 -6.05 24.98 -8.63
CA PHE A 30 -7.34 25.26 -8.01
C PHE A 30 -7.59 26.73 -8.25
N TYR A 31 -8.63 27.04 -9.01
CA TYR A 31 -8.91 28.40 -9.49
C TYR A 31 -10.21 28.94 -8.88
N ARG A 32 -10.08 29.96 -8.03
CA ARG A 32 -11.21 30.49 -7.26
C ARG A 32 -12.15 31.29 -8.15
N MET A 33 -13.38 30.80 -8.25
CA MET A 33 -14.49 31.58 -8.83
C MET A 33 -15.69 31.54 -7.88
N GLY A 34 -15.96 32.65 -7.20
CA GLY A 34 -17.00 32.69 -6.21
C GLY A 34 -16.72 31.68 -5.13
N ASP A 35 -17.71 30.86 -4.81
CA ASP A 35 -17.59 29.93 -3.71
C ASP A 35 -16.85 28.64 -4.07
N PHE A 36 -16.31 28.54 -5.28
CA PHE A 36 -15.69 27.30 -5.72
C PHE A 36 -14.24 27.46 -6.16
N TYR A 37 -13.43 26.46 -5.86
CA TYR A 37 -12.20 26.24 -6.57
C TYR A 37 -12.51 25.32 -7.78
N GLN A 38 -12.11 25.79 -8.96
CA GLN A 38 -12.39 25.14 -10.22
C GLN A 38 -11.13 24.64 -10.88
N LEU A 39 -11.31 23.63 -11.70
CA LEU A 39 -10.24 23.11 -12.53
C LEU A 39 -10.78 22.97 -13.92
N PHE A 40 -9.92 23.06 -14.90
CA PHE A 40 -10.35 22.96 -16.27
C PHE A 40 -9.47 22.01 -17.09
N TYR A 41 -10.04 21.49 -18.18
CA TYR A 41 -9.32 20.64 -19.10
C TYR A 41 -8.82 19.43 -18.39
N ASP A 42 -7.55 19.05 -18.60
CA ASP A 42 -7.02 17.83 -17.99
C ASP A 42 -6.93 17.89 -16.48
N ASP A 43 -6.71 19.08 -15.93
CA ASP A 43 -6.80 19.28 -14.48
C ASP A 43 -8.15 18.73 -13.94
N ALA A 44 -9.24 19.05 -14.61
CA ALA A 44 -10.54 18.61 -14.17
C ALA A 44 -10.67 17.11 -14.26
N LYS A 45 -10.15 16.52 -15.34
CA LYS A 45 -10.32 15.09 -15.57
C LYS A 45 -9.50 14.31 -14.54
N ARG A 46 -8.31 14.82 -14.28
CA ARG A 46 -7.39 14.19 -13.35
C ARG A 46 -7.98 14.37 -11.94
N ALA A 47 -8.39 15.60 -11.61
CA ALA A 47 -9.02 15.90 -10.31
C ALA A 47 -10.26 15.04 -10.09
N SER A 48 -11.09 14.92 -11.12
CA SER A 48 -12.25 14.06 -11.06
C SER A 48 -11.92 12.61 -10.69
N GLN A 49 -10.92 12.01 -11.34
CA GLN A 49 -10.50 10.64 -11.02
C GLN A 49 -9.90 10.52 -9.61
N LEU A 50 -9.00 11.43 -9.23
CA LEU A 50 -8.31 11.40 -7.92
C LEU A 50 -9.22 11.66 -6.72
N LEU A 51 -10.02 12.72 -6.82
CA LEU A 51 -10.78 13.28 -5.70
C LEU A 51 -12.19 12.73 -5.61
N ASP A 52 -12.65 12.05 -6.65
CA ASP A 52 -13.97 11.43 -6.65
C ASP A 52 -15.00 12.56 -6.66
N ILE A 53 -14.92 13.39 -7.68
CA ILE A 53 -15.93 14.42 -7.88
C ILE A 53 -16.40 14.38 -9.32
N SER A 54 -17.47 15.11 -9.61
CA SER A 54 -18.12 15.09 -10.93
C SER A 54 -17.29 15.82 -12.00
N LEU A 55 -17.21 15.21 -13.16
CA LEU A 55 -16.58 15.80 -14.31
C LEU A 55 -17.69 16.42 -15.14
N THR A 56 -17.69 17.74 -15.23
CA THR A 56 -18.77 18.44 -15.89
C THR A 56 -18.21 19.32 -17.01
N LYS A 57 -19.08 20.14 -17.59
CA LYS A 57 -18.77 20.95 -18.75
C LYS A 57 -19.20 22.40 -18.46
N ARG A 58 -18.32 23.34 -18.78
CA ARG A 58 -18.70 24.72 -18.86
C ARG A 58 -19.01 25.06 -20.31
N GLY A 59 -20.28 25.32 -20.60
CA GLY A 59 -20.72 25.63 -21.95
C GLY A 59 -19.96 26.75 -22.66
N ALA A 60 -19.87 26.64 -23.98
CA ALA A 60 -19.11 27.56 -24.82
C ALA A 60 -19.89 27.97 -26.07
N SER A 61 -19.80 29.25 -26.40
CA SER A 61 -20.54 29.84 -27.50
C SER A 61 -19.79 29.55 -28.80
N ALA A 62 -18.50 29.90 -28.81
CA ALA A 62 -17.61 29.62 -29.92
C ALA A 62 -16.66 28.50 -29.51
N GLY A 63 -16.95 27.27 -29.95
CA GLY A 63 -16.02 26.15 -29.81
C GLY A 63 -16.57 24.93 -29.07
N GLU A 64 -15.64 24.09 -28.59
CA GLU A 64 -15.97 22.85 -27.87
C GLU A 64 -16.16 23.15 -26.37
N PRO A 65 -16.96 22.33 -25.67
CA PRO A 65 -17.19 22.58 -24.24
C PRO A 65 -15.91 22.35 -23.45
N ILE A 66 -15.78 23.02 -22.32
CA ILE A 66 -14.58 22.93 -21.49
C ILE A 66 -14.78 21.98 -20.31
N PRO A 67 -13.98 20.91 -20.19
CA PRO A 67 -14.08 20.05 -19.01
C PRO A 67 -13.87 20.84 -17.74
N MET A 68 -14.65 20.48 -16.73
CA MET A 68 -14.78 21.27 -15.51
C MET A 68 -15.00 20.40 -14.27
N ALA A 69 -14.36 20.79 -13.18
CA ALA A 69 -14.67 20.23 -11.88
C ALA A 69 -14.37 21.27 -10.80
N GLY A 70 -14.93 21.05 -9.62
CA GLY A 70 -14.75 21.98 -8.53
C GLY A 70 -15.26 21.51 -7.18
N ILE A 71 -14.85 22.25 -6.15
CA ILE A 71 -15.25 22.00 -4.79
C ILE A 71 -15.51 23.35 -4.10
N PRO A 72 -16.42 23.40 -3.14
CA PRO A 72 -16.69 24.66 -2.44
C PRO A 72 -15.47 25.05 -1.65
N TYR A 73 -15.26 26.36 -1.49
CA TYR A 73 -14.01 26.86 -0.92
C TYR A 73 -13.84 26.30 0.49
N HIS A 74 -14.96 26.20 1.24
CA HIS A 74 -14.89 25.75 2.63
C HIS A 74 -14.44 24.29 2.81
N ALA A 75 -14.51 23.46 1.75
CA ALA A 75 -14.07 22.06 1.81
C ALA A 75 -12.63 21.80 1.29
N VAL A 76 -11.88 22.87 0.99
CA VAL A 76 -10.61 22.74 0.27
C VAL A 76 -9.55 21.89 0.97
N GLU A 77 -9.36 22.04 2.28
CA GLU A 77 -8.26 21.36 3.00
C GLU A 77 -8.38 19.82 3.02
N ASN A 78 -9.58 19.28 3.05
CA ASN A 78 -9.74 17.82 2.94
C ASN A 78 -9.24 17.31 1.57
N TYR A 79 -9.55 18.06 0.51
CA TYR A 79 -9.12 17.72 -0.84
C TYR A 79 -7.62 17.92 -1.06
N LEU A 80 -7.09 19.06 -0.61
CA LEU A 80 -5.63 19.26 -0.57
C LEU A 80 -4.89 18.11 0.12
N ALA A 81 -5.48 17.53 1.16
CA ALA A 81 -4.83 16.42 1.88
C ALA A 81 -4.78 15.15 1.02
N LYS A 82 -5.89 14.81 0.35
CA LYS A 82 -5.92 13.67 -0.56
C LYS A 82 -4.85 13.78 -1.64
N LEU A 83 -4.62 14.99 -2.12
CA LEU A 83 -3.66 15.23 -3.19
C LEU A 83 -2.22 15.16 -2.75
N VAL A 84 -1.91 15.83 -1.66
CA VAL A 84 -0.53 15.92 -1.23
C VAL A 84 -0.01 14.57 -0.73
N ASN A 85 -0.94 13.74 -0.23
CA ASN A 85 -0.64 12.38 0.21
C ASN A 85 -0.19 11.45 -0.93
N GLN A 86 -0.62 11.78 -2.14
CA GLN A 86 -0.22 11.10 -3.37
C GLN A 86 0.95 11.78 -4.08
N GLY A 87 1.57 12.78 -3.46
CA GLY A 87 2.71 13.47 -4.04
C GLY A 87 2.33 14.52 -5.07
N GLU A 88 1.07 14.91 -5.10
CA GLU A 88 0.61 15.93 -6.04
C GLU A 88 0.82 17.31 -5.47
N SER A 89 1.31 18.22 -6.29
CA SER A 89 1.31 19.66 -5.99
C SER A 89 0.03 20.29 -6.52
N VAL A 90 -0.34 21.43 -5.93
CA VAL A 90 -1.53 22.18 -6.30
C VAL A 90 -1.29 23.67 -6.10
N ALA A 91 -1.31 24.43 -7.18
CA ALA A 91 -1.36 25.89 -7.09
C ALA A 91 -2.73 26.40 -6.67
N ILE A 92 -2.76 27.22 -5.63
CA ILE A 92 -3.97 27.87 -5.15
C ILE A 92 -4.05 29.30 -5.72
N CYS A 93 -5.07 29.55 -6.53
CA CYS A 93 -5.33 30.83 -7.11
C CYS A 93 -6.54 31.47 -6.41
N GLU A 94 -6.39 32.69 -5.91
CA GLU A 94 -7.48 33.45 -5.26
C GLU A 94 -7.85 34.74 -6.02
N GLN A 95 -8.99 35.30 -5.64
CA GLN A 95 -9.47 36.58 -6.16
C GLN A 95 -8.88 37.65 -5.30
N ILE A 96 -8.21 38.62 -5.90
CA ILE A 96 -7.61 39.72 -5.15
C ILE A 96 -8.53 40.91 -5.10
N GLY A 97 -9.11 41.26 -6.24
CA GLY A 97 -9.90 42.48 -6.36
C GLY A 97 -11.35 42.37 -5.90
N ASP A 98 -12.06 43.50 -6.00
CA ASP A 98 -13.50 43.60 -5.77
C ASP A 98 -14.31 43.41 -7.09
N PRO A 99 -15.17 42.38 -7.15
CA PRO A 99 -16.07 42.16 -8.30
C PRO A 99 -16.92 43.37 -8.72
N ALA A 100 -17.35 44.15 -7.72
CA ALA A 100 -18.20 45.33 -7.94
C ALA A 100 -17.49 46.51 -8.63
N THR A 101 -16.17 46.58 -8.56
CA THR A 101 -15.42 47.64 -9.25
C THR A 101 -14.63 47.12 -10.44
N SER A 102 -14.80 45.84 -10.80
CA SER A 102 -14.17 45.27 -11.99
C SER A 102 -15.21 45.10 -13.09
N LYS A 103 -14.88 45.62 -14.28
CA LYS A 103 -15.77 45.52 -15.44
C LYS A 103 -15.70 44.09 -15.97
N GLY A 104 -14.50 43.66 -16.36
CA GLY A 104 -14.28 42.27 -16.70
C GLY A 104 -14.02 41.44 -15.44
N PRO A 105 -13.41 40.28 -15.62
CA PRO A 105 -13.10 39.38 -14.49
C PRO A 105 -12.19 40.01 -13.43
N VAL A 106 -12.53 39.80 -12.17
CA VAL A 106 -11.70 40.24 -11.06
C VAL A 106 -10.27 39.72 -11.16
N GLU A 107 -9.33 40.51 -10.65
CA GLU A 107 -7.94 40.14 -10.60
C GLU A 107 -7.78 38.84 -9.81
N ARG A 108 -6.96 37.94 -10.35
CA ARG A 108 -6.66 36.67 -9.72
C ARG A 108 -5.14 36.44 -9.67
N LYS A 109 -4.66 35.91 -8.55
CA LYS A 109 -3.24 35.63 -8.36
C LYS A 109 -3.10 34.26 -7.74
N VAL A 110 -2.01 33.57 -8.08
CA VAL A 110 -1.64 32.38 -7.33
C VAL A 110 -0.96 32.87 -6.07
N VAL A 111 -1.54 32.54 -4.92
CA VAL A 111 -1.01 33.01 -3.63
C VAL A 111 -0.13 31.99 -2.93
N ARG A 112 -0.39 30.69 -3.14
CA ARG A 112 0.51 29.65 -2.65
C ARG A 112 0.47 28.42 -3.54
N ILE A 113 1.47 27.56 -3.40
CA ILE A 113 1.48 26.25 -4.01
C ILE A 113 1.74 25.27 -2.89
N VAL A 114 0.87 24.29 -2.76
CA VAL A 114 1.00 23.25 -1.78
C VAL A 114 1.76 22.15 -2.46
N THR A 115 2.88 21.74 -1.88
CA THR A 115 3.68 20.65 -2.42
C THR A 115 4.11 19.77 -1.28
N PRO A 116 4.53 18.54 -1.58
CA PRO A 116 4.71 17.54 -0.52
C PRO A 116 5.76 17.90 0.51
N GLY A 117 6.72 18.75 0.18
CA GLY A 117 7.79 19.11 1.08
C GLY A 117 7.80 20.56 1.54
N THR A 118 6.74 21.31 1.19
CA THR A 118 6.56 22.65 1.69
C THR A 118 5.32 22.84 2.54
N ILE A 119 4.68 21.76 2.96
CA ILE A 119 3.47 21.91 3.75
C ILE A 119 3.87 22.24 5.19
N SER A 120 3.01 23.01 5.86
CA SER A 120 3.23 23.43 7.24
C SER A 120 1.99 23.30 8.11
N ASP A 121 0.86 22.88 7.54
CA ASP A 121 -0.38 22.80 8.29
C ASP A 121 -0.44 21.50 9.10
N GLU A 122 -0.99 21.60 10.30
CA GLU A 122 -1.01 20.49 11.20
C GLU A 122 -1.79 19.27 10.67
N ALA A 123 -2.83 19.51 9.87
CA ALA A 123 -3.65 18.45 9.29
C ALA A 123 -2.93 17.58 8.26
N LEU A 124 -1.95 18.15 7.55
CA LEU A 124 -1.26 17.46 6.47
C LEU A 124 0.05 16.75 6.85
N LEU A 125 0.49 16.90 8.10
CA LEU A 125 1.77 16.37 8.56
C LEU A 125 1.57 15.26 9.55
N GLN A 126 2.60 14.44 9.71
CA GLN A 126 2.68 13.48 10.80
C GLN A 126 3.42 14.14 11.96
N GLU A 127 2.85 14.05 13.15
CA GLU A 127 3.38 14.71 14.35
C GLU A 127 4.85 14.38 14.63
N ARG A 128 5.18 13.09 14.53
CA ARG A 128 6.44 12.53 15.02
C ARG A 128 7.44 12.22 13.92
N GLN A 129 7.19 12.74 12.73
CA GLN A 129 8.09 12.48 11.61
C GLN A 129 8.37 13.73 10.87
N ASP A 130 9.64 13.99 10.63
CA ASP A 130 10.07 15.14 9.83
C ASP A 130 9.54 15.03 8.40
N ASN A 131 9.41 16.17 7.75
CA ASN A 131 8.96 16.27 6.36
C ASN A 131 9.83 17.32 5.70
N LEU A 132 10.79 16.87 4.91
CA LEU A 132 11.87 17.74 4.44
C LEU A 132 11.76 17.99 2.97
N LEU A 133 12.11 19.20 2.55
CA LEU A 133 12.33 19.51 1.14
C LEU A 133 13.85 19.39 0.94
N ALA A 134 14.26 18.71 -0.14
CA ALA A 134 15.66 18.69 -0.55
C ALA A 134 15.86 19.14 -2.01
N ALA A 135 17.08 19.58 -2.30
CA ALA A 135 17.55 19.77 -3.63
C ALA A 135 18.82 18.99 -3.75
N ILE A 136 19.07 18.48 -4.95
CA ILE A 136 20.30 17.74 -5.23
C ILE A 136 20.85 18.10 -6.61
N TRP A 137 22.17 18.15 -6.70
CA TRP A 137 22.80 18.27 -8.00
C TRP A 137 24.17 17.61 -8.02
N GLN A 138 24.70 17.41 -9.22
CA GLN A 138 25.89 16.61 -9.44
C GLN A 138 26.87 17.38 -10.35
N ASP A 139 28.12 17.35 -9.92
CA ASP A 139 29.29 17.86 -10.63
C ASP A 139 29.97 16.65 -11.25
N SER A 140 31.08 16.89 -11.92
CA SER A 140 31.90 15.78 -12.39
C SER A 140 32.66 15.09 -11.25
N LYS A 141 32.63 15.71 -10.07
CA LYS A 141 33.50 15.36 -8.93
C LYS A 141 32.68 14.87 -7.73
N GLY A 142 31.44 15.35 -7.59
CA GLY A 142 30.56 14.95 -6.51
C GLY A 142 29.20 15.67 -6.49
N PHE A 143 28.60 15.76 -5.32
CA PHE A 143 27.23 16.25 -5.17
C PHE A 143 27.11 17.45 -4.24
N GLY A 144 26.21 18.37 -4.56
CA GLY A 144 25.68 19.33 -3.61
C GLY A 144 24.30 18.86 -3.17
N TYR A 145 23.94 19.13 -1.91
CA TYR A 145 22.68 18.64 -1.36
C TYR A 145 22.25 19.58 -0.28
N ALA A 146 20.97 19.89 -0.24
CA ALA A 146 20.47 20.80 0.80
C ALA A 146 19.14 20.29 1.29
N THR A 147 18.82 20.59 2.54
CA THR A 147 17.51 20.22 3.10
C THR A 147 16.86 21.40 3.83
N LEU A 148 15.54 21.44 3.82
CA LEU A 148 14.80 22.47 4.50
C LEU A 148 13.62 21.83 5.12
N ASP A 149 13.47 22.08 6.40
CA ASP A 149 12.28 21.77 7.10
C ASP A 149 11.55 23.11 7.24
N ILE A 150 10.60 23.34 6.33
CA ILE A 150 9.86 24.60 6.25
C ILE A 150 9.05 24.89 7.52
N SER A 151 8.75 23.84 8.27
CA SER A 151 7.91 23.97 9.43
C SER A 151 8.74 24.02 10.72
N SER A 152 10.05 24.21 10.59
CA SER A 152 10.93 24.71 11.65
C SER A 152 12.06 25.68 11.20
N GLY A 153 12.28 25.85 9.90
CA GLY A 153 13.34 26.76 9.42
C GLY A 153 14.75 26.19 9.40
N ARG A 154 14.90 24.91 9.79
CA ARG A 154 16.19 24.21 9.83
C ARG A 154 16.69 23.95 8.40
N PHE A 155 17.82 24.56 8.05
CA PHE A 155 18.29 24.67 6.67
C PHE A 155 19.75 24.21 6.63
N ARG A 156 20.01 23.14 5.89
CA ARG A 156 21.32 22.48 5.88
C ARG A 156 21.89 22.26 4.49
N LEU A 157 23.20 22.09 4.44
CA LEU A 157 23.93 21.98 3.19
C LEU A 157 25.04 20.96 3.42
N SER A 158 25.23 20.05 2.48
CA SER A 158 26.34 19.13 2.54
C SER A 158 26.89 18.94 1.14
N GLU A 159 28.02 18.25 1.03
CA GLU A 159 28.68 17.98 -0.26
C GLU A 159 29.20 16.55 -0.25
N PRO A 160 28.31 15.56 -0.36
CA PRO A 160 28.72 14.16 -0.32
C PRO A 160 29.68 13.87 -1.45
N ALA A 161 30.82 13.26 -1.14
CA ALA A 161 31.94 13.13 -2.08
C ALA A 161 31.76 12.11 -3.20
N ASP A 162 30.93 11.09 -2.97
CA ASP A 162 30.78 10.02 -3.95
C ASP A 162 29.37 9.48 -3.96
N ARG A 163 29.11 8.54 -4.86
CA ARG A 163 27.81 7.93 -4.99
C ARG A 163 27.27 7.40 -3.67
N GLU A 164 28.00 6.51 -3.02
CA GLU A 164 27.50 5.82 -1.82
C GLU A 164 27.21 6.75 -0.64
N THR A 165 27.99 7.81 -0.45
CA THR A 165 27.68 8.80 0.57
C THR A 165 26.39 9.55 0.26
N MET A 166 26.15 9.79 -1.02
CA MET A 166 24.90 10.38 -1.47
C MET A 166 23.72 9.44 -1.25
N ALA A 167 23.84 8.17 -1.62
CA ALA A 167 22.79 7.19 -1.28
C ALA A 167 22.45 7.23 0.21
N ALA A 168 23.50 7.29 1.03
CA ALA A 168 23.37 7.29 2.47
C ALA A 168 22.69 8.54 2.97
N GLU A 169 23.01 9.69 2.41
CA GLU A 169 22.34 10.92 2.77
C GLU A 169 20.87 11.00 2.41
N LEU A 170 20.48 10.46 1.27
CA LEU A 170 19.07 10.43 0.86
C LEU A 170 18.27 9.55 1.80
N GLN A 171 18.87 8.44 2.17
CA GLN A 171 18.29 7.56 3.13
C GLN A 171 18.16 8.20 4.52
N ARG A 172 19.18 8.90 4.99
CA ARG A 172 19.14 9.62 6.26
C ARG A 172 18.04 10.70 6.29
N THR A 173 18.04 11.59 5.31
CA THR A 173 17.11 12.72 5.30
C THR A 173 15.72 12.35 4.79
N ASN A 174 15.65 11.44 3.82
CA ASN A 174 14.39 10.87 3.32
C ASN A 174 13.42 11.97 2.95
N PRO A 175 13.83 12.84 2.02
CA PRO A 175 13.01 13.98 1.63
C PRO A 175 11.64 13.55 1.11
N ALA A 176 10.59 14.28 1.48
CA ALA A 176 9.26 14.13 0.89
C ALA A 176 9.21 14.69 -0.53
N GLU A 177 10.12 15.60 -0.85
CA GLU A 177 10.12 16.23 -2.18
C GLU A 177 11.57 16.62 -2.50
N LEU A 178 12.01 16.28 -3.71
CA LEU A 178 13.42 16.35 -4.10
C LEU A 178 13.57 17.07 -5.40
N LEU A 179 14.14 18.26 -5.33
CA LEU A 179 14.39 19.04 -6.52
C LEU A 179 15.71 18.47 -7.05
N TYR A 180 15.78 18.08 -8.32
CA TYR A 180 17.07 17.69 -8.93
C TYR A 180 17.31 18.44 -10.24
N ALA A 181 18.57 18.71 -10.55
CA ALA A 181 18.94 19.38 -11.81
C ALA A 181 18.80 18.49 -13.04
N GLU A 182 18.52 19.10 -14.18
CA GLU A 182 18.12 18.39 -15.38
C GLU A 182 19.28 17.57 -15.98
N ASP A 183 20.51 17.98 -15.71
CA ASP A 183 21.70 17.27 -16.20
C ASP A 183 22.25 16.21 -15.23
N PHE A 184 21.43 15.78 -14.26
CA PHE A 184 21.83 14.79 -13.27
C PHE A 184 22.15 13.43 -13.93
N ALA A 185 23.37 12.93 -13.72
CA ALA A 185 23.82 11.68 -14.34
C ALA A 185 23.44 10.36 -13.61
N GLU A 186 23.52 10.33 -12.27
CA GLU A 186 23.36 9.09 -11.45
C GLU A 186 21.91 8.91 -11.08
N MET A 187 21.09 8.62 -12.08
CA MET A 187 19.67 8.66 -11.88
C MET A 187 19.26 7.51 -10.99
N SER A 188 20.06 6.46 -10.90
CA SER A 188 19.71 5.33 -10.04
C SER A 188 19.61 5.67 -8.55
N LEU A 189 20.29 6.72 -8.10
CA LEU A 189 20.15 7.25 -6.74
C LEU A 189 18.77 7.85 -6.43
N ILE A 190 18.03 8.22 -7.48
CA ILE A 190 16.96 9.21 -7.36
C ILE A 190 15.63 8.76 -7.96
N GLU A 191 15.67 7.92 -8.98
CA GLU A 191 14.43 7.57 -9.65
C GLU A 191 13.63 6.61 -8.78
N GLY A 192 12.31 6.67 -8.86
CA GLY A 192 11.52 5.90 -7.90
C GLY A 192 11.59 6.42 -6.46
N ARG A 193 11.96 7.69 -6.29
CA ARG A 193 11.70 8.41 -5.06
C ARG A 193 10.39 9.16 -5.25
N ARG A 194 9.80 9.59 -4.15
CA ARG A 194 8.54 10.32 -4.17
C ARG A 194 8.85 11.80 -4.29
N GLY A 195 7.89 12.53 -4.83
CA GLY A 195 7.97 13.98 -4.87
C GLY A 195 9.16 14.48 -5.66
N LEU A 196 9.53 13.77 -6.70
CA LEU A 196 10.67 14.12 -7.53
C LEU A 196 10.32 15.30 -8.45
N ARG A 197 11.24 16.25 -8.57
CA ARG A 197 10.93 17.47 -9.24
C ARG A 197 12.12 17.89 -10.06
N ARG A 198 12.06 17.63 -11.36
CA ARG A 198 13.11 18.00 -12.29
C ARG A 198 13.10 19.53 -12.42
N ARG A 199 14.26 20.14 -12.26
CA ARG A 199 14.44 21.58 -12.34
C ARG A 199 15.47 21.93 -13.40
N PRO A 200 15.29 23.09 -14.03
CA PRO A 200 16.27 23.55 -15.01
C PRO A 200 17.60 23.90 -14.36
N LEU A 201 18.66 23.71 -15.13
CA LEU A 201 20.02 24.07 -14.72
C LEU A 201 20.13 25.46 -14.15
N TRP A 202 19.47 26.44 -14.73
CA TRP A 202 19.79 27.80 -14.30
C TRP A 202 19.49 28.07 -12.81
N GLU A 203 18.58 27.29 -12.22
CA GLU A 203 18.22 27.44 -10.80
C GLU A 203 19.31 26.94 -9.84
N PHE A 204 20.38 26.36 -10.39
CA PHE A 204 21.49 25.90 -9.60
C PHE A 204 22.70 26.77 -9.83
N GLU A 205 22.53 27.89 -10.52
CA GLU A 205 23.61 28.83 -10.76
C GLU A 205 24.15 29.41 -9.46
N ILE A 206 25.47 29.41 -9.32
CA ILE A 206 26.14 29.84 -8.08
C ILE A 206 25.96 31.33 -7.70
N ASP A 207 26.01 32.28 -8.67
CA ASP A 207 25.97 33.70 -8.33
C ASP A 207 24.60 34.08 -7.81
N THR A 208 23.60 33.40 -8.36
CA THR A 208 22.20 33.63 -8.02
C THR A 208 21.93 33.09 -6.64
N ALA A 209 22.41 31.87 -6.39
CA ALA A 209 22.34 31.28 -5.07
C ALA A 209 22.95 32.17 -4.00
N ARG A 210 24.15 32.66 -4.24
CA ARG A 210 24.84 33.49 -3.25
C ARG A 210 23.99 34.69 -2.99
N GLN A 211 23.50 35.29 -4.07
CA GLN A 211 22.67 36.48 -4.02
C GLN A 211 21.36 36.27 -3.23
N GLN A 212 20.57 35.26 -3.55
CA GLN A 212 19.33 34.98 -2.84
C GLN A 212 19.52 34.57 -1.35
N LEU A 213 20.54 33.79 -1.06
CA LEU A 213 20.80 33.42 0.31
C LEU A 213 21.22 34.61 1.19
N ASN A 214 22.11 35.45 0.68
CA ASN A 214 22.49 36.65 1.38
C ASN A 214 21.28 37.58 1.58
N LEU A 215 20.40 37.65 0.61
CA LEU A 215 19.22 38.48 0.72
C LEU A 215 18.26 37.89 1.77
N GLN A 216 18.05 36.59 1.72
CA GLN A 216 17.26 35.93 2.74
C GLN A 216 17.84 36.18 4.15
N PHE A 217 19.15 36.14 4.33
CA PHE A 217 19.75 36.25 5.67
C PHE A 217 20.13 37.69 6.07
N GLY A 218 19.98 38.64 5.15
CA GLY A 218 20.39 40.00 5.40
C GLY A 218 21.89 40.23 5.52
N THR A 219 22.71 39.41 4.83
CA THR A 219 24.17 39.49 4.94
C THR A 219 24.83 39.95 3.67
N ARG A 220 26.08 40.33 3.76
CA ARG A 220 26.84 40.66 2.56
C ARG A 220 27.43 39.38 1.99
N ASP A 221 27.82 38.45 2.87
CA ASP A 221 28.37 37.14 2.52
C ASP A 221 28.04 36.06 3.57
N LEU A 222 28.32 34.82 3.21
CA LEU A 222 27.94 33.66 3.98
C LEU A 222 29.08 33.14 4.83
N VAL A 223 30.12 33.97 4.99
CA VAL A 223 31.25 33.66 5.85
C VAL A 223 30.80 33.25 7.27
N GLY A 224 30.02 34.11 7.93
CA GLY A 224 29.55 33.82 9.28
C GLY A 224 28.79 32.50 9.45
N PHE A 225 28.17 31.99 8.38
CA PHE A 225 27.46 30.69 8.42
C PHE A 225 28.35 29.49 8.10
N GLY A 226 29.60 29.75 7.72
CA GLY A 226 30.50 28.66 7.40
C GLY A 226 30.19 27.89 6.12
N VAL A 227 29.57 28.56 5.14
CA VAL A 227 29.29 27.97 3.85
C VAL A 227 29.77 28.76 2.64
N GLU A 228 30.54 29.84 2.83
CA GLU A 228 31.05 30.64 1.71
C GLU A 228 31.95 29.76 0.86
N ASN A 229 32.73 28.95 1.55
CA ASN A 229 33.51 27.78 1.05
C ASN A 229 32.88 26.73 0.13
N ALA A 230 31.55 26.64 0.08
CA ALA A 230 30.91 25.42 -0.41
C ALA A 230 29.97 25.66 -1.57
N PRO A 231 30.48 26.12 -2.72
CA PRO A 231 29.62 26.39 -3.88
C PRO A 231 28.82 25.16 -4.38
N ARG A 232 29.38 23.96 -4.34
CA ARG A 232 28.58 22.76 -4.68
C ARG A 232 27.28 22.74 -3.91
N GLY A 233 27.38 22.86 -2.60
CA GLY A 233 26.22 22.83 -1.73
C GLY A 233 25.37 24.09 -1.87
N LEU A 234 25.99 25.25 -1.99
CA LEU A 234 25.26 26.48 -2.19
C LEU A 234 24.34 26.42 -3.43
N CYS A 235 24.76 25.76 -4.49
CA CYS A 235 23.96 25.64 -5.71
C CYS A 235 22.62 24.93 -5.45
N ALA A 236 22.70 23.82 -4.72
CA ALA A 236 21.53 23.11 -4.25
C ALA A 236 20.67 23.95 -3.28
N ALA A 237 21.30 24.58 -2.31
CA ALA A 237 20.56 25.40 -1.35
C ALA A 237 19.85 26.60 -2.05
N GLY A 238 20.46 27.13 -3.10
CA GLY A 238 19.88 28.22 -3.88
C GLY A 238 18.64 27.81 -4.67
N CYS A 239 18.71 26.65 -5.34
CA CYS A 239 17.53 26.04 -5.95
C CYS A 239 16.43 25.93 -4.92
N LEU A 240 16.79 25.38 -3.77
CA LEU A 240 15.84 25.00 -2.73
C LEU A 240 15.10 26.23 -2.20
N LEU A 241 15.86 27.27 -1.91
CA LEU A 241 15.30 28.51 -1.40
C LEU A 241 14.39 29.18 -2.42
N GLN A 242 14.74 29.09 -3.69
CA GLN A 242 13.89 29.71 -4.73
C GLN A 242 12.58 28.92 -4.82
N TYR A 243 12.64 27.62 -4.66
CA TYR A 243 11.43 26.83 -4.68
C TYR A 243 10.54 27.18 -3.48
N ALA A 244 11.15 27.43 -2.34
CA ALA A 244 10.40 27.64 -1.12
C ALA A 244 9.70 28.99 -1.18
N LYS A 245 10.38 30.01 -1.69
CA LYS A 245 9.80 31.35 -1.85
C LYS A 245 8.67 31.37 -2.87
N ASP A 246 8.81 30.55 -3.92
CA ASP A 246 7.81 30.42 -4.96
C ASP A 246 6.57 29.65 -4.50
N THR A 247 6.73 28.69 -3.57
CA THR A 247 5.56 27.98 -3.04
C THR A 247 4.81 28.80 -1.99
N GLN A 248 5.51 29.57 -1.17
CA GLN A 248 4.85 30.23 -0.04
C GLN A 248 4.40 31.63 -0.41
N ARG A 249 5.19 32.31 -1.22
CA ARG A 249 4.85 33.64 -1.72
C ARG A 249 4.61 34.72 -0.64
N THR A 250 5.25 34.46 0.50
CA THR A 250 5.36 35.39 1.62
C THR A 250 6.82 35.42 2.06
N THR A 251 7.16 36.33 2.94
CA THR A 251 8.49 36.33 3.52
C THR A 251 8.59 35.10 4.43
N LEU A 252 9.80 34.63 4.64
CA LEU A 252 10.03 33.45 5.48
C LEU A 252 11.03 33.80 6.57
N PRO A 253 10.62 34.54 7.61
CA PRO A 253 11.58 35.09 8.59
C PRO A 253 12.15 34.08 9.56
N HIS A 254 11.63 32.85 9.55
CA HIS A 254 12.15 31.75 10.35
C HIS A 254 13.31 31.01 9.68
N ILE A 255 13.53 31.26 8.41
CA ILE A 255 14.72 30.76 7.73
C ILE A 255 15.77 31.89 7.80
N ARG A 256 16.53 31.88 8.91
CA ARG A 256 17.46 32.97 9.25
C ARG A 256 18.92 32.51 9.18
N SER A 257 19.11 31.25 8.85
CA SER A 257 20.38 30.59 8.94
C SER A 257 20.48 29.33 8.09
N ILE A 258 21.71 29.01 7.70
CA ILE A 258 22.08 27.73 7.08
C ILE A 258 23.39 27.24 7.70
N THR A 259 23.56 25.92 7.69
CA THR A 259 24.73 25.24 8.24
C THR A 259 25.18 24.09 7.32
N MET A 260 26.49 23.90 7.22
CA MET A 260 27.05 22.79 6.49
C MET A 260 27.27 21.62 7.41
N GLU A 261 26.82 20.45 6.99
CA GLU A 261 27.10 19.20 7.64
C GLU A 261 28.37 18.63 7.00
N ARG A 262 29.49 18.69 7.70
CA ARG A 262 30.76 18.20 7.17
C ARG A 262 30.93 16.73 7.55
N GLU A 263 31.62 16.01 6.68
CA GLU A 263 31.97 14.61 6.90
C GLU A 263 32.52 14.34 8.31
N GLN A 264 33.39 15.23 8.74
CA GLN A 264 34.18 15.08 9.96
C GLN A 264 33.37 15.30 11.23
N ASP A 265 32.23 15.97 11.08
CA ASP A 265 31.38 16.36 12.21
C ASP A 265 30.60 15.21 12.77
N SER A 266 30.31 14.23 11.93
CA SER A 266 29.49 13.12 12.38
C SER A 266 29.99 11.75 11.90
N ILE A 267 29.50 10.67 12.51
CA ILE A 267 29.76 9.31 12.03
C ILE A 267 28.89 9.02 10.84
N ILE A 268 29.53 8.60 9.77
CA ILE A 268 28.87 8.46 8.52
C ILE A 268 28.59 7.00 8.30
N MET A 269 27.33 6.64 8.47
CA MET A 269 26.85 5.30 8.28
C MET A 269 26.44 5.13 6.81
N ASP A 270 26.92 4.09 6.13
CA ASP A 270 26.45 3.84 4.75
C ASP A 270 24.97 3.36 4.74
N ALA A 271 24.42 3.17 3.55
CA ALA A 271 23.01 2.82 3.37
C ALA A 271 22.66 1.46 4.02
N ALA A 272 23.50 0.47 3.79
CA ALA A 272 23.32 -0.85 4.37
C ALA A 272 23.32 -0.85 5.90
N THR A 273 24.18 -0.02 6.49
CA THR A 273 24.30 0.04 7.94
C THR A 273 23.02 0.56 8.59
N ARG A 274 22.50 1.68 8.08
CA ARG A 274 21.22 2.24 8.54
C ARG A 274 20.11 1.20 8.47
N ARG A 275 20.02 0.49 7.36
CA ARG A 275 19.01 -0.56 7.21
C ARG A 275 19.26 -1.72 8.17
N ASN A 276 20.51 -2.15 8.26
CA ASN A 276 20.82 -3.35 9.00
C ASN A 276 20.62 -3.16 10.52
N LEU A 277 20.74 -1.93 11.01
CA LEU A 277 20.55 -1.65 12.44
C LEU A 277 19.09 -1.34 12.81
N GLU A 278 18.21 -1.20 11.80
CA GLU A 278 16.80 -1.00 12.03
C GLU A 278 16.64 0.18 13.01
N ILE A 279 17.14 1.35 12.60
CA ILE A 279 17.20 2.53 13.48
C ILE A 279 15.83 3.18 13.70
N THR A 280 15.18 3.66 12.64
CA THR A 280 13.77 4.12 12.70
C THR A 280 12.83 3.29 11.85
N GLN A 281 13.38 2.44 11.00
CA GLN A 281 12.62 1.62 10.07
C GLN A 281 13.17 0.20 10.13
N ASN A 282 12.29 -0.79 10.34
CA ASN A 282 12.73 -2.17 10.37
C ASN A 282 12.95 -2.68 8.94
N LEU A 283 13.28 -3.96 8.81
CA LEU A 283 13.69 -4.52 7.51
C LEU A 283 12.51 -4.87 6.63
N ALA A 284 11.29 -4.63 7.12
CA ALA A 284 10.07 -4.86 6.38
C ALA A 284 9.29 -3.56 6.20
N GLY A 285 9.95 -2.42 6.42
CA GLY A 285 9.33 -1.10 6.24
C GLY A 285 8.55 -0.55 7.43
N GLY A 286 8.29 -1.39 8.43
CA GLY A 286 7.51 -0.96 9.58
C GLY A 286 8.34 -0.22 10.61
N ALA A 287 7.67 0.41 11.57
CA ALA A 287 8.34 1.19 12.60
C ALA A 287 8.42 0.47 13.95
N GLU A 288 7.85 -0.74 14.03
CA GLU A 288 7.97 -1.59 15.21
C GLU A 288 9.37 -2.21 15.28
N ASN A 289 9.80 -2.53 16.50
CA ASN A 289 11.09 -3.21 16.74
C ASN A 289 12.32 -2.50 16.12
N THR A 290 12.36 -1.20 16.29
CA THR A 290 13.50 -0.41 15.87
C THR A 290 14.19 0.14 17.09
N LEU A 291 15.36 0.75 16.88
CA LEU A 291 16.06 1.39 17.98
C LEU A 291 15.18 2.50 18.54
N ALA A 292 14.44 3.17 17.66
CA ALA A 292 13.57 4.28 18.06
C ALA A 292 12.38 3.78 18.84
N SER A 293 11.83 2.64 18.46
CA SER A 293 10.72 2.06 19.19
C SER A 293 11.10 1.81 20.64
N VAL A 294 12.38 1.59 20.90
CA VAL A 294 12.88 1.41 22.25
C VAL A 294 13.32 2.73 22.95
N LEU A 295 14.16 3.53 22.33
CA LEU A 295 14.66 4.74 23.00
C LEU A 295 13.64 5.88 23.07
N ASP A 296 12.62 5.84 22.22
CA ASP A 296 11.75 6.98 22.04
C ASP A 296 10.49 7.01 22.91
N CYS A 297 10.62 7.62 24.09
CA CYS A 297 9.48 7.95 24.93
C CYS A 297 9.50 9.42 25.24
N THR A 298 9.86 10.21 24.24
CA THR A 298 9.70 11.64 24.34
C THR A 298 8.23 11.89 24.56
N VAL A 299 7.91 13.05 25.11
CA VAL A 299 6.55 13.41 25.39
C VAL A 299 6.06 14.56 24.52
N THR A 300 6.94 15.13 23.69
CA THR A 300 6.53 16.11 22.69
C THR A 300 6.93 15.63 21.31
N PRO A 301 6.12 15.97 20.32
CA PRO A 301 6.43 15.72 18.91
C PRO A 301 7.78 16.27 18.46
N MET A 302 8.11 17.52 18.82
CA MET A 302 9.35 18.13 18.35
C MET A 302 10.56 17.41 18.93
N GLY A 303 10.39 16.88 20.12
CA GLY A 303 11.39 16.03 20.73
C GLY A 303 11.52 14.66 20.12
N SER A 304 10.42 14.04 19.70
CA SER A 304 10.51 12.76 19.00
C SER A 304 11.28 12.89 17.69
N ARG A 305 10.97 13.92 16.92
CA ARG A 305 11.72 14.23 15.70
C ARG A 305 13.22 14.43 15.93
N MET A 306 13.56 15.26 16.91
CA MET A 306 14.94 15.53 17.25
C MET A 306 15.71 14.27 17.61
N LEU A 307 15.10 13.42 18.43
CA LEU A 307 15.76 12.21 18.90
C LEU A 307 16.09 11.38 17.69
N LYS A 308 15.15 11.30 16.73
CA LYS A 308 15.41 10.49 15.54
C LYS A 308 16.51 11.10 14.66
N ARG A 309 16.60 12.42 14.60
CA ARG A 309 17.72 13.09 13.90
C ARG A 309 19.07 12.75 14.53
N TRP A 310 19.12 12.67 15.86
CA TRP A 310 20.37 12.32 16.57
C TRP A 310 20.69 10.86 16.33
N LEU A 311 19.73 9.98 16.53
CA LEU A 311 19.98 8.57 16.28
C LEU A 311 20.60 8.39 14.91
N HIS A 312 20.13 9.16 13.93
CA HIS A 312 20.62 9.03 12.55
C HIS A 312 21.90 9.74 12.23
N MET A 313 22.28 10.70 13.06
CA MET A 313 23.49 11.46 12.80
C MET A 313 24.33 11.62 14.06
N PRO A 314 25.05 10.56 14.44
CA PRO A 314 25.88 10.65 15.64
C PRO A 314 26.99 11.70 15.48
N VAL A 315 27.29 12.40 16.56
CA VAL A 315 28.21 13.53 16.57
C VAL A 315 29.60 13.12 17.07
N ARG A 316 30.65 13.65 16.44
CA ARG A 316 32.03 13.42 16.87
C ARG A 316 32.70 14.51 17.75
N ASP A 317 31.94 15.47 18.25
CA ASP A 317 32.49 16.57 19.06
C ASP A 317 32.54 16.08 20.51
N THR A 318 33.75 15.91 21.04
CA THR A 318 33.89 15.30 22.39
C THR A 318 33.16 16.11 23.47
N ARG A 319 33.20 17.44 23.33
CA ARG A 319 32.63 18.33 24.32
C ARG A 319 31.10 18.20 24.38
N VAL A 320 30.45 18.28 23.22
CA VAL A 320 29.00 18.12 23.07
C VAL A 320 28.51 16.80 23.70
N LEU A 321 29.29 15.74 23.52
CA LEU A 321 28.92 14.42 24.02
C LEU A 321 29.02 14.33 25.54
N LEU A 322 30.09 14.92 26.08
CA LEU A 322 30.31 14.88 27.52
C LEU A 322 29.23 15.69 28.17
N GLU A 323 28.85 16.80 27.53
CA GLU A 323 27.81 17.67 28.04
C GLU A 323 26.47 16.98 28.08
N ARG A 324 26.19 16.17 27.05
CA ARG A 324 24.93 15.43 26.96
C ARG A 324 24.84 14.31 27.98
N GLN A 325 25.95 13.59 28.15
CA GLN A 325 26.09 12.57 29.20
C GLN A 325 25.87 13.15 30.59
N GLN A 326 26.48 14.31 30.84
CA GLN A 326 26.42 15.00 32.12
C GLN A 326 24.94 15.26 32.40
N THR A 327 24.26 15.83 31.42
CA THR A 327 22.84 16.17 31.52
C THR A 327 22.01 14.95 31.90
N ILE A 328 22.35 13.79 31.35
CA ILE A 328 21.56 12.59 31.51
C ILE A 328 21.74 12.02 32.90
N GLY A 329 22.95 12.11 33.46
CA GLY A 329 23.19 11.70 34.83
C GLY A 329 22.53 12.62 35.85
N ALA A 330 22.49 13.89 35.53
CA ALA A 330 21.99 14.89 36.45
C ALA A 330 20.45 14.88 36.53
N LEU A 331 19.79 14.55 35.42
CA LEU A 331 18.33 14.62 35.37
C LEU A 331 17.67 13.31 35.78
N GLN A 332 18.46 12.28 36.01
CA GLN A 332 17.92 10.93 36.25
C GLN A 332 16.76 10.92 37.27
N ASP A 333 16.91 11.72 38.33
CA ASP A 333 15.95 11.75 39.43
C ASP A 333 14.75 12.65 39.19
N PHE A 334 14.85 13.50 38.19
CA PHE A 334 13.86 14.55 37.91
C PHE A 334 12.90 14.20 36.74
N THR A 335 13.08 13.05 36.10
CA THR A 335 12.27 12.71 34.93
C THR A 335 10.74 12.62 35.22
N ALA A 336 10.35 12.00 36.33
CA ALA A 336 8.93 11.85 36.65
C ALA A 336 8.18 13.20 36.83
N GLY A 337 8.86 14.21 37.38
CA GLY A 337 8.28 15.53 37.57
C GLY A 337 8.28 16.39 36.31
N LEU A 338 9.34 16.26 35.52
CA LEU A 338 9.54 17.10 34.33
C LEU A 338 8.70 16.67 33.13
N GLN A 339 8.51 15.36 32.94
CA GLN A 339 7.85 14.88 31.72
C GLN A 339 6.38 15.31 31.59
N PRO A 340 5.54 15.11 32.60
CA PRO A 340 4.15 15.55 32.50
C PRO A 340 4.03 17.04 32.22
N VAL A 341 5.02 17.85 32.62
CA VAL A 341 5.03 19.30 32.34
C VAL A 341 5.55 19.62 30.95
N LEU A 342 6.61 18.93 30.50
CA LEU A 342 7.10 19.11 29.15
C LEU A 342 6.06 18.73 28.10
N ARG A 343 5.28 17.70 28.41
CA ARG A 343 4.23 17.24 27.54
C ARG A 343 3.28 18.38 27.15
N GLN A 344 2.98 19.24 28.12
CA GLN A 344 1.99 20.29 27.93
C GLN A 344 2.47 21.41 26.98
N VAL A 345 3.78 21.48 26.75
CA VAL A 345 4.33 22.45 25.81
C VAL A 345 3.92 22.09 24.37
N GLY A 346 3.71 20.80 24.14
CA GLY A 346 3.27 20.32 22.85
C GLY A 346 4.30 20.54 21.75
N ASP A 347 3.81 20.72 20.55
CA ASP A 347 4.68 20.89 19.42
C ASP A 347 4.83 22.36 19.10
N LEU A 348 5.56 23.08 19.94
CA LEU A 348 5.75 24.52 19.77
C LEU A 348 6.49 24.89 18.50
N GLU A 349 7.44 24.07 18.10
CA GLU A 349 8.27 24.30 16.91
C GLU A 349 7.38 24.58 15.72
N ARG A 350 6.48 23.65 15.46
CA ARG A 350 5.63 23.77 14.27
C ARG A 350 4.66 24.95 14.32
N ILE A 351 4.14 25.28 15.51
CA ILE A 351 3.31 26.48 15.70
C ILE A 351 4.10 27.75 15.36
N LEU A 352 5.36 27.79 15.76
CA LEU A 352 6.17 28.95 15.54
C LEU A 352 6.40 29.18 14.06
N ALA A 353 6.42 28.10 13.28
CA ALA A 353 6.52 28.21 11.83
C ALA A 353 5.23 28.72 11.21
N ARG A 354 4.10 28.24 11.69
CA ARG A 354 2.82 28.77 11.23
C ARG A 354 2.73 30.25 11.60
N LEU A 355 3.28 30.64 12.75
CA LEU A 355 3.33 32.03 13.14
C LEU A 355 4.20 32.83 12.18
N ALA A 356 5.33 32.25 11.79
CA ALA A 356 6.23 32.88 10.84
C ALA A 356 5.60 33.05 9.46
N LEU A 357 4.83 32.06 9.05
CA LEU A 357 4.17 32.09 7.75
C LEU A 357 2.84 32.84 7.81
N ARG A 358 2.45 33.29 9.00
CA ARG A 358 1.26 34.14 9.18
C ARG A 358 0.00 33.33 8.89
N THR A 359 0.13 32.04 9.15
CA THR A 359 -0.90 31.07 8.85
C THR A 359 -1.48 30.51 10.14
N ALA A 360 -0.93 30.91 11.29
CA ALA A 360 -1.30 30.28 12.54
C ALA A 360 -2.77 30.51 12.83
N ARG A 361 -3.42 29.44 13.26
CA ARG A 361 -4.82 29.45 13.61
C ARG A 361 -5.00 29.78 15.08
N PRO A 362 -6.23 30.08 15.49
CA PRO A 362 -6.51 30.45 16.87
C PRO A 362 -6.09 29.40 17.89
N ARG A 363 -6.29 28.12 17.62
CA ARG A 363 -5.82 27.10 18.55
C ARG A 363 -4.30 26.97 18.62
N ASP A 364 -3.58 27.50 17.61
CA ASP A 364 -2.12 27.57 17.69
C ASP A 364 -1.68 28.58 18.72
N LEU A 365 -2.30 29.75 18.71
CA LEU A 365 -1.98 30.75 19.70
C LEU A 365 -2.38 30.27 21.09
N ALA A 366 -3.45 29.49 21.17
CA ALA A 366 -3.90 28.92 22.45
C ALA A 366 -2.91 27.90 22.98
N ARG A 367 -2.36 27.06 22.11
CA ARG A 367 -1.33 26.12 22.53
C ARG A 367 0.01 26.80 22.77
N MET A 368 0.28 27.88 22.04
CA MET A 368 1.49 28.68 22.29
C MET A 368 1.36 29.30 23.67
N ARG A 369 0.18 29.83 23.99
CA ARG A 369 -0.10 30.42 25.29
C ARG A 369 0.02 29.42 26.44
N HIS A 370 -0.58 28.24 26.26
CA HIS A 370 -0.50 27.12 27.22
C HIS A 370 0.94 26.73 27.49
N ALA A 371 1.74 26.71 26.43
CA ALA A 371 3.15 26.37 26.52
C ALA A 371 3.89 27.38 27.38
N PHE A 372 3.70 28.67 27.09
CA PHE A 372 4.29 29.74 27.90
C PHE A 372 3.95 29.57 29.39
N GLN A 373 2.75 29.04 29.66
CA GLN A 373 2.26 28.88 31.04
C GLN A 373 2.98 27.76 31.80
N GLN A 374 3.76 26.96 31.08
CA GLN A 374 4.49 25.84 31.67
C GLN A 374 5.93 26.23 32.02
N LEU A 375 6.37 27.38 31.49
CA LEU A 375 7.77 27.76 31.57
C LEU A 375 8.25 28.09 32.97
N PRO A 376 7.44 28.75 33.80
CA PRO A 376 7.75 28.95 35.21
C PRO A 376 7.85 27.66 36.02
N GLU A 377 6.98 26.70 35.80
CA GLU A 377 7.09 25.43 36.50
C GLU A 377 8.36 24.69 36.05
N LEU A 378 8.71 24.82 34.77
CA LEU A 378 9.92 24.18 34.25
C LEU A 378 11.16 24.84 34.80
N ARG A 379 11.20 26.17 34.71
CA ARG A 379 12.24 26.98 35.35
C ARG A 379 12.45 26.57 36.80
N ALA A 380 11.38 26.46 37.59
CA ALA A 380 11.53 26.11 39.00
C ALA A 380 12.14 24.72 39.18
N GLN A 381 11.63 23.73 38.43
CA GLN A 381 12.15 22.37 38.54
C GLN A 381 13.63 22.22 38.16
N LEU A 382 14.10 23.04 37.22
CA LEU A 382 15.46 22.92 36.68
C LEU A 382 16.49 23.74 37.45
N GLU A 383 16.04 24.68 38.28
CA GLU A 383 16.96 25.53 39.05
C GLU A 383 17.86 24.68 39.93
N THR A 384 17.27 23.67 40.53
CA THR A 384 17.93 22.91 41.58
C THR A 384 19.00 22.00 41.01
N VAL A 385 18.89 21.67 39.72
CA VAL A 385 19.81 20.76 39.04
C VAL A 385 21.18 21.42 38.75
N ASP A 386 22.18 21.05 39.54
CA ASP A 386 23.55 21.53 39.34
C ASP A 386 24.19 20.76 38.19
N SER A 387 24.21 21.43 37.04
CA SER A 387 24.75 20.90 35.80
C SER A 387 24.68 22.11 34.88
N ALA A 388 25.83 22.65 34.52
CA ALA A 388 25.87 23.85 33.68
C ALA A 388 25.09 23.72 32.33
N PRO A 389 25.20 22.59 31.64
CA PRO A 389 24.41 22.34 30.43
C PRO A 389 22.88 22.38 30.61
N VAL A 390 22.37 21.86 31.73
CA VAL A 390 20.95 21.96 32.04
C VAL A 390 20.59 23.43 32.24
N GLN A 391 21.45 24.17 32.92
CA GLN A 391 21.21 25.59 33.20
C GLN A 391 21.23 26.44 31.93
N ALA A 392 22.11 26.07 31.00
CA ALA A 392 22.19 26.72 29.70
C ALA A 392 20.87 26.54 28.91
N LEU A 393 20.26 25.35 29.02
CA LEU A 393 18.95 25.08 28.41
C LEU A 393 17.81 25.80 29.12
N ARG A 394 17.77 25.69 30.45
CA ARG A 394 16.89 26.47 31.30
C ARG A 394 16.85 27.95 30.88
N GLU A 395 18.02 28.51 30.60
CA GLU A 395 18.12 29.92 30.20
C GLU A 395 17.58 30.12 28.78
N LYS A 396 17.97 29.24 27.86
CA LYS A 396 17.61 29.39 26.46
C LYS A 396 16.10 29.20 26.21
N MET A 397 15.46 28.35 27.01
CA MET A 397 14.01 28.16 26.93
C MET A 397 13.20 29.44 27.28
N GLY A 398 13.80 30.37 28.01
CA GLY A 398 13.18 31.67 28.26
C GLY A 398 11.95 31.59 29.16
N GLU A 399 11.05 32.55 28.99
CA GLU A 399 9.85 32.69 29.85
C GLU A 399 8.71 33.45 29.17
N PHE A 400 9.03 34.60 28.57
CA PHE A 400 8.09 35.36 27.74
C PHE A 400 6.85 35.79 28.53
N ALA A 401 7.04 36.39 29.70
CA ALA A 401 5.92 36.82 30.54
C ALA A 401 4.96 37.75 29.80
N GLU A 402 5.51 38.74 29.08
CA GLU A 402 4.71 39.74 28.36
C GLU A 402 3.83 39.13 27.28
N LEU A 403 4.35 38.12 26.57
CA LEU A 403 3.64 37.50 25.47
C LEU A 403 2.58 36.55 25.96
N ARG A 404 2.86 35.83 27.05
CA ARG A 404 1.85 35.03 27.74
C ARG A 404 0.67 35.89 28.17
N ASP A 405 0.95 37.04 28.79
CA ASP A 405 -0.09 37.97 29.19
C ASP A 405 -0.91 38.42 27.98
N LEU A 406 -0.23 38.76 26.90
CA LEU A 406 -0.88 39.23 25.69
C LEU A 406 -1.91 38.21 25.21
N LEU A 407 -1.52 36.96 25.10
CA LEU A 407 -2.43 35.93 24.62
C LEU A 407 -3.55 35.57 25.62
N GLU A 408 -3.32 35.75 26.93
CA GLU A 408 -4.37 35.51 27.95
C GLU A 408 -5.47 36.58 27.81
N ARG A 409 -5.05 37.80 27.52
CA ARG A 409 -5.95 38.93 27.36
C ARG A 409 -6.57 39.03 25.96
N ALA A 410 -6.01 38.36 24.96
CA ALA A 410 -6.41 38.61 23.57
C ALA A 410 -7.35 37.56 23.04
N ILE A 411 -7.21 36.33 23.51
CA ILE A 411 -7.95 35.21 22.96
C ILE A 411 -8.67 34.50 24.09
N ILE A 412 -9.83 33.93 23.80
CA ILE A 412 -10.64 33.25 24.83
C ILE A 412 -10.05 31.89 25.21
N ASP A 413 -10.66 31.20 26.17
CA ASP A 413 -10.07 29.99 26.72
C ASP A 413 -9.95 28.88 25.68
N THR A 414 -11.07 28.52 25.05
CA THR A 414 -11.07 27.59 23.92
C THR A 414 -11.68 28.26 22.68
N PRO A 415 -10.85 28.83 21.83
CA PRO A 415 -11.34 29.48 20.61
C PRO A 415 -11.73 28.45 19.55
N PRO A 416 -12.46 28.84 18.52
CA PRO A 416 -12.80 27.93 17.42
C PRO A 416 -11.59 27.66 16.50
N VAL A 417 -11.73 26.68 15.62
CA VAL A 417 -10.61 26.28 14.76
C VAL A 417 -10.14 27.38 13.79
N LEU A 418 -11.06 28.21 13.33
CA LEU A 418 -10.73 29.26 12.37
C LEU A 418 -11.14 30.64 12.89
N VAL A 419 -10.48 31.69 12.41
CA VAL A 419 -10.87 33.09 12.68
C VAL A 419 -11.97 33.56 11.76
N ARG A 420 -12.22 32.84 10.68
CA ARG A 420 -13.12 33.29 9.62
C ARG A 420 -14.52 33.67 10.15
N ASP A 421 -15.05 32.91 11.12
CA ASP A 421 -16.38 33.18 11.69
C ASP A 421 -16.35 34.00 13.00
N GLY A 422 -15.18 34.49 13.39
CA GLY A 422 -15.02 35.21 14.64
C GLY A 422 -15.23 34.34 15.87
N GLY A 423 -15.50 34.98 17.01
CA GLY A 423 -15.59 34.30 18.28
C GLY A 423 -14.22 33.92 18.82
N VAL A 424 -13.21 34.75 18.56
CA VAL A 424 -11.82 34.41 18.88
C VAL A 424 -11.24 35.38 19.89
N ILE A 425 -11.28 36.67 19.56
CA ILE A 425 -10.79 37.72 20.45
C ILE A 425 -11.71 37.80 21.67
N ALA A 426 -11.14 37.93 22.88
CA ALA A 426 -11.89 37.99 24.13
C ALA A 426 -12.40 39.39 24.46
N SER A 427 -13.37 39.45 25.37
CA SER A 427 -13.87 40.72 25.89
C SER A 427 -12.82 41.38 26.74
N GLY A 428 -12.73 42.70 26.65
CA GLY A 428 -11.80 43.48 27.44
C GLY A 428 -10.56 43.91 26.66
N TYR A 429 -10.29 43.26 25.53
CA TYR A 429 -9.05 43.49 24.79
C TYR A 429 -9.09 44.73 23.88
N ASN A 430 -10.20 44.89 23.16
CA ASN A 430 -10.40 46.06 22.31
C ASN A 430 -11.81 46.61 22.54
N GLU A 431 -11.87 47.87 22.97
CA GLU A 431 -13.14 48.47 23.38
C GLU A 431 -14.08 48.75 22.19
N GLU A 432 -13.53 49.19 21.07
CA GLU A 432 -14.32 49.36 19.86
C GLU A 432 -15.06 48.06 19.49
N LEU A 433 -14.43 46.92 19.73
CA LEU A 433 -15.01 45.62 19.40
C LEU A 433 -16.17 45.25 20.33
N ASP A 434 -15.98 45.41 21.63
CA ASP A 434 -17.07 45.19 22.59
C ASP A 434 -18.29 46.05 22.29
N GLU A 435 -18.07 47.24 21.76
CA GLU A 435 -19.16 48.15 21.37
C GLU A 435 -19.93 47.62 20.14
N TRP A 436 -19.23 47.00 19.19
CA TRP A 436 -19.85 46.43 17.99
C TRP A 436 -20.58 45.11 18.28
N ARG A 437 -20.00 44.32 19.18
CA ARG A 437 -20.61 43.05 19.58
C ARG A 437 -21.85 43.29 20.40
N ALA A 438 -21.82 44.34 21.21
CA ALA A 438 -22.94 44.70 22.10
C ALA A 438 -24.17 45.22 21.33
N LEU A 439 -23.96 45.75 20.13
CA LEU A 439 -25.06 46.19 19.28
C LEU A 439 -25.67 44.99 18.56
N ALA A 440 -24.85 43.98 18.28
CA ALA A 440 -25.33 42.71 17.73
C ALA A 440 -25.45 41.69 18.87
N ASP A 441 -25.98 42.14 20.00
CA ASP A 441 -26.19 41.30 21.18
C ASP A 441 -27.25 41.86 22.14
N GLY A 442 -27.52 43.16 22.04
CA GLY A 442 -28.78 43.74 22.48
C GLY A 442 -29.74 43.53 21.33
N ALA A 443 -29.86 42.25 20.97
CA ALA A 443 -30.33 41.82 19.66
C ALA A 443 -31.21 40.58 19.82
N THR A 444 -30.61 39.49 20.31
CA THR A 444 -31.39 38.30 20.71
C THR A 444 -32.55 38.64 21.69
N ASP A 445 -32.28 39.53 22.65
CA ASP A 445 -33.31 40.02 23.58
C ASP A 445 -34.38 40.92 22.91
N TYR A 446 -34.00 41.72 21.92
CA TYR A 446 -34.95 42.62 21.25
C TYR A 446 -35.98 41.87 20.41
N LEU A 447 -35.51 40.85 19.69
CA LEU A 447 -36.35 40.04 18.82
C LEU A 447 -37.38 39.25 19.62
N GLU A 448 -37.06 38.93 20.85
CA GLU A 448 -38.00 38.21 21.71
C GLU A 448 -39.13 39.15 22.14
N ARG A 449 -38.79 40.34 22.59
CA ARG A 449 -39.77 41.29 23.09
C ARG A 449 -40.68 41.76 21.95
N LEU A 450 -40.13 41.81 20.73
CA LEU A 450 -40.89 42.16 19.55
C LEU A 450 -41.80 41.00 19.18
N GLU A 451 -41.34 39.77 19.37
CA GLU A 451 -42.16 38.62 19.09
C GLU A 451 -43.41 38.65 19.98
N VAL A 452 -43.17 38.81 21.29
CA VAL A 452 -44.22 38.73 22.29
C VAL A 452 -45.15 39.92 22.12
N ARG A 453 -44.59 41.08 21.83
CA ARG A 453 -45.40 42.28 21.69
C ARG A 453 -46.35 42.12 20.50
N GLU A 454 -45.84 41.63 19.38
CA GLU A 454 -46.64 41.57 18.14
C GLU A 454 -47.61 40.39 18.19
N ARG A 455 -47.21 39.31 18.83
CA ARG A 455 -48.12 38.19 19.07
C ARG A 455 -49.36 38.65 19.84
N GLU A 456 -49.15 39.42 20.91
CA GLU A 456 -50.25 39.87 21.80
C GLU A 456 -51.13 40.96 21.19
N ARG A 457 -50.48 41.90 20.50
CA ARG A 457 -51.15 42.99 19.81
C ARG A 457 -52.09 42.48 18.71
N THR A 458 -51.63 41.51 17.92
CA THR A 458 -52.41 41.02 16.78
C THR A 458 -53.42 39.98 17.22
N GLY A 459 -53.13 39.26 18.30
CA GLY A 459 -53.99 38.19 18.78
C GLY A 459 -53.78 36.88 18.06
N LEU A 460 -52.68 36.79 17.32
CA LEU A 460 -52.38 35.66 16.44
C LEU A 460 -51.30 34.81 17.04
N ASP A 461 -51.70 33.70 17.65
CA ASP A 461 -50.81 32.93 18.51
C ASP A 461 -49.74 32.06 17.81
N THR A 462 -49.72 32.01 16.50
CA THR A 462 -48.64 31.32 15.78
C THR A 462 -47.52 32.29 15.42
N LEU A 463 -47.75 33.57 15.63
CA LEU A 463 -46.76 34.57 15.28
C LEU A 463 -45.41 34.29 15.96
N LYS A 464 -44.37 34.12 15.15
CA LYS A 464 -43.00 33.94 15.63
C LYS A 464 -42.07 34.86 14.87
N VAL A 465 -40.97 35.26 15.47
CA VAL A 465 -39.93 35.98 14.75
C VAL A 465 -38.76 35.06 14.51
N GLY A 466 -38.25 35.02 13.28
CA GLY A 466 -37.05 34.26 12.97
C GLY A 466 -36.11 34.97 12.00
N PHE A 467 -35.05 34.26 11.66
CA PHE A 467 -34.08 34.68 10.66
C PHE A 467 -33.82 33.57 9.64
N ASN A 468 -33.49 34.00 8.43
CA ASN A 468 -33.23 33.13 7.31
C ASN A 468 -32.15 33.84 6.50
N ALA A 469 -31.08 33.15 6.16
CA ALA A 469 -29.94 33.79 5.51
C ALA A 469 -30.29 34.38 4.14
N VAL A 470 -31.16 33.68 3.40
CA VAL A 470 -31.55 34.13 2.06
C VAL A 470 -32.53 35.31 2.04
N HIS A 471 -33.45 35.39 3.00
CA HIS A 471 -34.48 36.44 2.98
C HIS A 471 -34.42 37.45 4.14
N GLY A 472 -33.68 37.11 5.19
CA GLY A 472 -33.46 38.01 6.32
C GLY A 472 -34.41 37.72 7.46
N TYR A 473 -34.54 38.70 8.35
CA TYR A 473 -35.47 38.61 9.49
C TYR A 473 -36.92 38.64 9.03
N TYR A 474 -37.77 37.92 9.74
CA TYR A 474 -39.18 37.90 9.40
C TYR A 474 -40.09 37.76 10.62
N ILE A 475 -41.36 38.18 10.44
CA ILE A 475 -42.47 37.78 11.31
C ILE A 475 -43.27 36.67 10.60
N GLN A 476 -43.39 35.51 11.21
CA GLN A 476 -44.11 34.38 10.59
C GLN A 476 -45.47 34.21 11.24
N ILE A 477 -46.50 34.04 10.42
CA ILE A 477 -47.82 33.62 10.87
C ILE A 477 -48.19 32.40 10.06
N SER A 478 -48.92 31.47 10.65
CA SER A 478 -49.38 30.28 9.95
C SER A 478 -50.34 30.62 8.81
N ARG A 479 -50.51 29.69 7.87
CA ARG A 479 -51.41 29.86 6.73
C ARG A 479 -52.83 30.18 7.18
N GLY A 480 -53.41 29.30 8.01
CA GLY A 480 -54.75 29.50 8.56
C GLY A 480 -55.02 30.83 9.26
N GLN A 481 -53.98 31.51 9.76
CA GLN A 481 -54.10 32.82 10.42
C GLN A 481 -53.54 33.99 9.60
N SER A 482 -52.86 33.69 8.48
CA SER A 482 -52.19 34.72 7.66
C SER A 482 -53.10 35.79 7.09
N HIS A 483 -54.34 35.43 6.79
CA HIS A 483 -55.32 36.38 6.28
C HIS A 483 -55.82 37.39 7.32
N LEU A 484 -55.33 37.29 8.56
CA LEU A 484 -55.72 38.21 9.63
C LEU A 484 -54.61 39.23 9.96
N ALA A 485 -53.50 39.13 9.24
CA ALA A 485 -52.32 39.94 9.55
C ALA A 485 -52.55 41.41 9.27
N PRO A 486 -51.87 42.30 10.00
CA PRO A 486 -52.04 43.73 9.71
C PRO A 486 -51.73 43.99 8.24
N ILE A 487 -52.42 44.93 7.64
CA ILE A 487 -52.25 45.18 6.22
C ILE A 487 -50.94 46.00 5.96
N ASN A 488 -50.45 46.60 7.04
CA ASN A 488 -49.07 47.12 7.26
C ASN A 488 -47.87 46.15 7.04
N TYR A 489 -48.14 44.87 7.26
CA TYR A 489 -47.14 43.82 7.17
C TYR A 489 -46.77 43.55 5.71
N MET A 490 -45.51 43.79 5.34
CA MET A 490 -45.07 43.63 3.98
C MET A 490 -44.66 42.17 3.81
N ARG A 491 -45.24 41.50 2.83
CA ARG A 491 -44.93 40.09 2.57
C ARG A 491 -43.50 39.93 2.05
N ARG A 492 -42.79 38.97 2.62
CA ARG A 492 -41.38 38.77 2.36
C ARG A 492 -41.12 37.35 1.88
N GLN A 493 -41.59 36.34 2.58
CA GLN A 493 -41.45 34.96 2.15
C GLN A 493 -42.69 34.10 2.39
N THR A 494 -43.16 33.44 1.35
CA THR A 494 -44.25 32.51 1.44
C THR A 494 -43.74 31.07 1.52
N LEU A 495 -44.41 30.28 2.36
CA LEU A 495 -44.12 28.88 2.56
C LEU A 495 -45.38 28.03 2.38
N LYS A 496 -45.25 26.71 2.40
CA LYS A 496 -46.39 25.84 2.17
C LYS A 496 -47.48 26.07 3.19
N ASN A 497 -47.10 26.15 4.46
CA ASN A 497 -48.06 26.31 5.57
C ASN A 497 -47.83 27.52 6.44
N ALA A 498 -47.13 28.53 5.93
CA ALA A 498 -46.84 29.73 6.71
C ALA A 498 -46.49 30.95 5.83
N GLU A 499 -46.74 32.14 6.33
CA GLU A 499 -46.41 33.37 5.61
C GLU A 499 -45.51 34.21 6.47
N ARG A 500 -44.52 34.85 5.85
CA ARG A 500 -43.50 35.59 6.58
C ARG A 500 -43.46 37.02 6.13
N TYR A 501 -43.32 37.94 7.07
CA TYR A 501 -43.47 39.34 6.75
C TYR A 501 -42.33 40.20 7.28
N ILE A 502 -42.30 41.45 6.84
CA ILE A 502 -41.37 42.42 7.36
C ILE A 502 -42.08 43.76 7.63
N ILE A 503 -41.64 44.45 8.68
CA ILE A 503 -42.09 45.80 8.98
C ILE A 503 -40.84 46.65 9.17
N PRO A 504 -40.96 47.98 9.03
CA PRO A 504 -39.80 48.88 9.14
C PRO A 504 -38.97 48.79 10.43
N GLU A 505 -39.61 48.57 11.56
CA GLU A 505 -38.90 48.34 12.81
C GLU A 505 -37.97 47.13 12.66
N LEU A 506 -38.44 46.04 12.07
CA LEU A 506 -37.62 44.85 11.91
C LEU A 506 -36.55 45.03 10.84
N LYS A 507 -36.89 45.73 9.77
CA LYS A 507 -35.95 45.92 8.66
C LYS A 507 -34.78 46.79 9.10
N GLU A 508 -35.08 47.82 9.89
CA GLU A 508 -34.06 48.72 10.45
C GLU A 508 -33.15 47.95 11.42
N TYR A 509 -33.72 47.01 12.16
CA TYR A 509 -32.96 46.18 13.09
C TYR A 509 -32.15 45.09 12.36
N GLU A 510 -32.65 44.61 11.23
CA GLU A 510 -31.86 43.73 10.40
C GLU A 510 -30.62 44.49 9.88
N ASP A 511 -30.81 45.71 9.39
CA ASP A 511 -29.73 46.49 8.77
C ASP A 511 -28.65 46.82 9.78
N LYS A 512 -29.01 46.89 11.05
CA LYS A 512 -28.05 47.29 12.07
C LYS A 512 -27.29 46.09 12.63
N VAL A 513 -27.93 44.93 12.71
CA VAL A 513 -27.28 43.71 13.20
C VAL A 513 -26.28 43.16 12.20
N LEU A 514 -26.69 43.11 10.93
CA LEU A 514 -25.83 42.66 9.85
C LEU A 514 -24.63 43.56 9.63
N THR A 515 -24.81 44.89 9.59
CA THR A 515 -23.65 45.77 9.38
C THR A 515 -22.73 45.87 10.60
N SER A 516 -23.27 45.65 11.79
CA SER A 516 -22.40 45.60 12.98
C SER A 516 -21.74 44.22 13.20
N LYS A 517 -22.26 43.16 12.57
CA LYS A 517 -21.61 41.83 12.60
C LYS A 517 -20.41 41.87 11.63
N GLY A 518 -20.59 42.52 10.49
CA GLY A 518 -19.54 42.68 9.50
C GLY A 518 -18.42 43.59 9.96
N LYS A 519 -18.76 44.50 10.88
CA LYS A 519 -17.77 45.37 11.50
C LYS A 519 -17.03 44.65 12.63
N ALA A 520 -17.75 43.81 13.36
CA ALA A 520 -17.16 43.05 14.47
C ALA A 520 -16.17 42.01 13.96
N LEU A 521 -16.43 41.51 12.78
CA LEU A 521 -15.65 40.41 12.23
C LEU A 521 -14.43 40.99 11.54
N ALA A 522 -14.66 42.04 10.76
CA ALA A 522 -13.60 42.76 10.09
C ALA A 522 -12.55 43.24 11.07
N LEU A 523 -12.98 43.73 12.22
CA LEU A 523 -12.06 44.23 13.26
C LEU A 523 -11.40 43.11 14.07
N GLU A 524 -12.11 42.01 14.28
CA GLU A 524 -11.49 40.83 14.87
C GLU A 524 -10.32 40.31 14.02
N LYS A 525 -10.49 40.34 12.70
CA LYS A 525 -9.50 39.84 11.77
C LYS A 525 -8.32 40.78 11.72
N GLN A 526 -8.59 42.07 11.81
CA GLN A 526 -7.55 43.10 11.87
C GLN A 526 -6.69 42.94 13.15
N LEU A 527 -7.35 42.67 14.27
CA LEU A 527 -6.69 42.54 15.57
C LEU A 527 -5.93 41.23 15.69
N TYR A 528 -6.43 40.20 15.03
CA TYR A 528 -5.85 38.87 15.11
C TYR A 528 -4.60 38.82 14.24
N GLU A 529 -4.65 39.48 13.11
CA GLU A 529 -3.44 39.71 12.32
C GLU A 529 -2.45 40.57 13.11
N GLU A 530 -2.98 41.44 13.96
CA GLU A 530 -2.13 42.29 14.81
C GLU A 530 -1.43 41.52 15.92
N LEU A 531 -1.99 40.40 16.36
CA LEU A 531 -1.28 39.50 17.29
C LEU A 531 0.04 39.04 16.67
N PHE A 532 0.04 38.74 15.37
CA PHE A 532 1.25 38.31 14.66
C PHE A 532 2.34 39.38 14.70
N ASP A 533 1.95 40.63 14.49
CA ASP A 533 2.89 41.76 14.47
C ASP A 533 3.62 41.99 15.81
N LEU A 534 2.98 41.59 16.90
CA LEU A 534 3.52 41.72 18.26
C LEU A 534 4.30 40.48 18.69
N LEU A 535 3.93 39.32 18.15
CA LEU A 535 4.69 38.09 18.37
C LEU A 535 5.97 38.01 17.52
N LEU A 536 5.84 38.25 16.22
CA LEU A 536 6.95 38.14 15.26
C LEU A 536 8.31 38.75 15.65
N PRO A 537 8.37 39.96 16.20
CA PRO A 537 9.65 40.53 16.66
C PRO A 537 10.44 39.61 17.62
N HIS A 538 9.77 38.69 18.29
CA HIS A 538 10.42 37.83 19.27
C HIS A 538 10.67 36.44 18.69
N LEU A 539 10.58 36.34 17.37
CA LEU A 539 10.62 35.04 16.72
C LEU A 539 11.93 34.33 16.99
N GLU A 540 13.03 35.07 16.89
CA GLU A 540 14.34 34.44 17.05
C GLU A 540 14.39 33.76 18.40
N ALA A 541 14.09 34.50 19.47
CA ALA A 541 14.12 33.97 20.83
C ALA A 541 13.07 32.87 21.06
N LEU A 542 11.97 32.92 20.31
CA LEU A 542 10.94 31.89 20.46
C LEU A 542 11.43 30.59 19.85
N GLN A 543 12.05 30.66 18.66
CA GLN A 543 12.60 29.46 18.01
C GLN A 543 13.72 28.81 18.83
N GLN A 544 14.54 29.61 19.51
CA GLN A 544 15.54 29.06 20.42
C GLN A 544 14.91 28.39 21.63
N SER A 545 13.79 28.93 22.10
CA SER A 545 13.08 28.35 23.23
C SER A 545 12.56 26.94 22.86
N ALA A 546 11.95 26.81 21.69
CA ALA A 546 11.39 25.54 21.26
C ALA A 546 12.47 24.48 21.06
N SER A 547 13.63 24.88 20.52
CA SER A 547 14.68 23.88 20.30
C SER A 547 15.26 23.43 21.65
N ALA A 548 15.32 24.35 22.62
CA ALA A 548 15.73 24.02 23.99
C ALA A 548 14.78 23.05 24.63
N LEU A 549 13.50 23.24 24.37
CA LEU A 549 12.47 22.41 24.97
C LEU A 549 12.48 21.01 24.37
N ALA A 550 12.80 20.93 23.07
CA ALA A 550 12.87 19.65 22.37
C ALA A 550 14.08 18.85 22.84
N GLU A 551 15.23 19.52 22.92
CA GLU A 551 16.46 18.97 23.50
C GLU A 551 16.25 18.45 24.93
N LEU A 552 15.62 19.28 25.77
CA LEU A 552 15.27 18.89 27.13
C LEU A 552 14.52 17.58 27.08
N ASP A 553 13.54 17.53 26.19
CA ASP A 553 12.64 16.40 26.08
C ASP A 553 13.46 15.15 25.70
N VAL A 554 14.42 15.32 24.79
CA VAL A 554 15.25 14.21 24.34
C VAL A 554 16.10 13.68 25.50
N LEU A 555 16.70 14.58 26.27
CA LEU A 555 17.68 14.21 27.29
C LEU A 555 17.01 13.66 28.54
N VAL A 556 15.92 14.31 28.92
CA VAL A 556 15.11 13.82 30.01
C VAL A 556 14.68 12.39 29.70
N ASN A 557 14.32 12.17 28.44
CA ASN A 557 13.94 10.86 27.94
C ASN A 557 15.10 9.88 28.01
N LEU A 558 16.29 10.31 27.58
CA LEU A 558 17.44 9.42 27.55
C LEU A 558 17.89 9.10 28.96
N ALA A 559 17.55 9.96 29.92
CA ALA A 559 17.85 9.73 31.32
C ALA A 559 16.93 8.70 31.90
N GLU A 560 15.66 8.79 31.55
CA GLU A 560 14.67 7.84 32.01
C GLU A 560 14.93 6.46 31.39
N ARG A 561 15.36 6.45 30.13
CA ARG A 561 15.66 5.20 29.41
C ARG A 561 16.89 4.52 30.02
N ALA A 562 17.93 5.30 30.25
CA ALA A 562 19.14 4.81 30.88
C ALA A 562 18.87 4.17 32.25
N TYR A 563 17.94 4.76 33.00
CA TYR A 563 17.56 4.24 34.29
C TYR A 563 16.78 2.96 34.08
N THR A 564 15.69 3.06 33.33
CA THR A 564 14.72 1.97 33.28
C THR A 564 15.33 0.74 32.62
N LEU A 565 16.21 0.96 31.64
CA LEU A 565 16.75 -0.13 30.83
C LEU A 565 18.13 -0.62 31.29
N ASN A 566 18.68 0.00 32.35
CA ASN A 566 19.98 -0.40 32.92
C ASN A 566 21.18 -0.15 31.99
N TYR A 567 21.35 1.11 31.55
CA TYR A 567 22.49 1.56 30.76
C TYR A 567 23.59 2.23 31.59
N THR A 568 24.85 2.24 31.11
CA THR A 568 25.97 2.98 31.74
C THR A 568 26.50 4.07 30.86
N CYS A 569 27.28 4.95 31.46
CA CYS A 569 27.97 6.00 30.73
C CYS A 569 29.22 5.40 30.08
N PRO A 570 29.34 5.47 28.75
CA PRO A 570 30.58 5.06 28.09
C PRO A 570 31.68 6.11 28.28
N THR A 571 32.94 5.72 28.08
CA THR A 571 34.05 6.70 28.07
C THR A 571 34.76 6.71 26.72
N PHE A 572 35.38 7.85 26.38
CA PHE A 572 36.06 7.99 25.11
C PHE A 572 37.56 7.91 25.26
N ILE A 573 38.23 7.21 24.35
CA ILE A 573 39.67 7.04 24.37
C ILE A 573 40.34 7.65 23.11
N ASP A 574 41.66 7.79 23.14
CA ASP A 574 42.41 8.53 22.11
C ASP A 574 42.52 7.78 20.80
N LYS A 575 42.72 6.49 20.88
CA LYS A 575 43.01 5.67 19.70
C LYS A 575 41.78 4.82 19.38
N PRO A 576 41.67 4.32 18.14
CA PRO A 576 40.56 3.41 17.78
C PRO A 576 40.49 2.23 18.72
N GLY A 577 39.30 1.79 19.07
CA GLY A 577 39.14 0.59 19.86
C GLY A 577 37.77 0.56 20.46
N ILE A 578 37.34 -0.62 20.90
CA ILE A 578 36.05 -0.76 21.53
C ILE A 578 36.17 -1.81 22.62
N ARG A 579 35.92 -1.44 23.86
CA ARG A 579 35.92 -2.43 24.94
C ARG A 579 34.57 -2.41 25.62
N ILE A 580 33.81 -3.49 25.39
CA ILE A 580 32.51 -3.70 25.98
C ILE A 580 32.60 -4.82 27.01
N THR A 581 31.99 -4.59 28.18
CA THR A 581 31.78 -5.65 29.16
C THR A 581 30.28 -5.93 29.27
N GLU A 582 29.89 -7.20 29.21
CA GLU A 582 28.48 -7.60 29.28
C GLU A 582 27.56 -6.71 28.41
N GLY A 583 27.88 -6.62 27.12
CA GLY A 583 27.14 -5.84 26.14
C GLY A 583 25.88 -6.55 25.66
N ARG A 584 24.90 -5.75 25.21
CA ARG A 584 23.58 -6.27 24.85
C ARG A 584 22.96 -5.55 23.67
N HIS A 585 22.28 -6.30 22.80
CA HIS A 585 21.49 -5.67 21.76
C HIS A 585 20.29 -4.92 22.37
N PRO A 586 20.28 -3.59 22.26
CA PRO A 586 19.20 -2.79 22.85
C PRO A 586 17.80 -3.23 22.40
N VAL A 587 17.65 -3.61 21.15
CA VAL A 587 16.34 -3.93 20.64
C VAL A 587 16.02 -5.38 20.92
N VAL A 588 16.93 -6.30 20.63
CA VAL A 588 16.65 -7.72 20.80
C VAL A 588 16.41 -8.10 22.24
N GLU A 589 17.09 -7.44 23.17
CA GLU A 589 16.89 -7.73 24.60
C GLU A 589 15.51 -7.35 25.11
N GLN A 590 14.80 -6.47 24.39
CA GLN A 590 13.44 -6.10 24.79
C GLN A 590 12.35 -6.97 24.13
N VAL A 591 12.61 -7.53 22.95
CA VAL A 591 11.58 -8.32 22.24
C VAL A 591 11.65 -9.82 22.51
N LEU A 592 12.84 -10.33 22.83
CA LEU A 592 13.00 -11.75 23.16
C LEU A 592 12.32 -12.03 24.47
N ASN A 593 11.62 -13.16 24.56
CA ASN A 593 10.92 -13.56 25.78
C ASN A 593 11.75 -14.58 26.58
N GLU A 594 13.06 -14.47 26.45
CA GLU A 594 14.03 -15.21 27.28
C GLU A 594 15.24 -14.30 27.59
N PRO A 595 16.05 -14.66 28.59
CA PRO A 595 17.18 -13.79 28.98
C PRO A 595 18.14 -13.57 27.82
N PHE A 596 18.63 -12.34 27.70
CA PHE A 596 19.61 -12.03 26.65
C PHE A 596 21.01 -12.28 27.18
N ILE A 597 21.78 -13.09 26.48
CA ILE A 597 23.13 -13.41 26.93
C ILE A 597 24.06 -12.26 26.64
N ALA A 598 24.48 -11.55 27.68
CA ALA A 598 25.40 -10.42 27.46
C ALA A 598 26.76 -10.93 26.95
N ASN A 599 27.51 -10.10 26.20
CA ASN A 599 28.78 -10.50 25.62
C ASN A 599 29.84 -9.39 25.62
N PRO A 600 31.08 -9.78 25.80
CA PRO A 600 32.16 -8.83 25.73
C PRO A 600 32.63 -8.61 24.30
N LEU A 601 33.46 -7.59 24.14
CA LEU A 601 34.23 -7.38 22.92
C LEU A 601 35.48 -6.58 23.25
N ASN A 602 36.59 -6.96 22.64
CA ASN A 602 37.83 -6.19 22.75
C ASN A 602 38.39 -6.02 21.34
N LEU A 603 38.35 -4.78 20.87
CA LEU A 603 38.95 -4.38 19.60
C LEU A 603 39.94 -3.28 19.95
N SER A 604 41.12 -3.35 19.36
CA SER A 604 42.18 -2.35 19.55
C SER A 604 42.97 -2.22 18.23
N PRO A 605 43.93 -1.31 18.16
CA PRO A 605 44.77 -1.20 16.96
C PRO A 605 45.66 -2.42 16.74
N GLN A 606 45.91 -3.23 17.77
CA GLN A 606 46.64 -4.50 17.64
C GLN A 606 45.70 -5.70 17.49
N ARG A 607 44.49 -5.55 17.97
CA ARG A 607 43.50 -6.57 17.84
C ARG A 607 42.36 -5.91 17.08
N ARG A 608 42.54 -5.81 15.77
CA ARG A 608 41.70 -4.92 14.99
C ARG A 608 40.65 -5.63 14.14
N MET A 609 40.86 -6.91 13.82
CA MET A 609 39.87 -7.66 13.05
C MET A 609 39.58 -8.94 13.77
N LEU A 610 38.31 -9.27 13.94
CA LEU A 610 37.89 -10.54 14.51
C LEU A 610 37.18 -11.32 13.43
N ILE A 611 37.64 -12.55 13.17
CA ILE A 611 36.91 -13.51 12.36
C ILE A 611 35.96 -14.22 13.28
N ILE A 612 34.64 -14.03 13.08
CA ILE A 612 33.62 -14.58 13.94
C ILE A 612 33.04 -15.82 13.27
N THR A 613 33.12 -16.97 13.92
CA THR A 613 32.43 -18.16 13.44
C THR A 613 31.40 -18.61 14.46
N GLY A 614 30.82 -19.77 14.23
CA GLY A 614 29.69 -20.27 14.96
C GLY A 614 28.59 -20.61 13.98
N PRO A 615 27.68 -21.45 14.43
CA PRO A 615 26.66 -22.00 13.55
C PRO A 615 25.64 -20.93 13.13
N ASN A 616 24.85 -21.29 12.13
CA ASN A 616 23.71 -20.53 11.71
C ASN A 616 22.76 -20.51 12.91
N MET A 617 22.14 -19.36 13.17
CA MET A 617 21.30 -19.10 14.37
C MET A 617 22.07 -19.04 15.74
N GLY A 618 23.40 -18.95 15.68
CA GLY A 618 24.26 -18.93 16.86
C GLY A 618 24.51 -17.53 17.44
N GLY A 619 24.27 -16.50 16.64
CA GLY A 619 24.26 -15.13 17.15
C GLY A 619 25.30 -14.20 16.59
N LYS A 620 25.91 -14.59 15.49
CA LYS A 620 26.96 -13.83 14.86
C LYS A 620 26.52 -12.46 14.33
N SER A 621 25.37 -12.40 13.68
CA SER A 621 24.88 -11.09 13.19
C SER A 621 24.50 -10.12 14.32
N THR A 622 23.86 -10.66 15.37
CA THR A 622 23.34 -9.90 16.47
C THR A 622 24.49 -9.24 17.21
N TYR A 623 25.56 -10.00 17.36
CA TYR A 623 26.77 -9.55 18.05
C TYR A 623 27.44 -8.41 17.31
N MET A 624 27.41 -8.49 15.99
CA MET A 624 27.94 -7.45 15.12
C MET A 624 27.07 -6.20 15.21
N ARG A 625 25.76 -6.34 15.04
CA ARG A 625 24.83 -5.21 15.11
C ARG A 625 24.85 -4.47 16.45
N GLN A 626 24.98 -5.23 17.54
CA GLN A 626 24.90 -4.64 18.87
C GLN A 626 26.15 -3.81 19.14
N THR A 627 27.26 -4.20 18.51
CA THR A 627 28.48 -3.41 18.54
C THR A 627 28.26 -2.06 17.88
N ALA A 628 27.62 -2.09 16.70
CA ALA A 628 27.38 -0.86 15.97
C ALA A 628 26.36 0.05 16.68
N LEU A 629 25.41 -0.58 17.38
CA LEU A 629 24.34 0.14 18.05
C LEU A 629 24.90 0.82 19.30
N ILE A 630 25.85 0.16 19.96
CA ILE A 630 26.48 0.70 21.15
C ILE A 630 27.33 1.90 20.77
N ALA A 631 28.11 1.76 19.69
CA ALA A 631 28.90 2.84 19.11
C ALA A 631 28.05 4.06 18.78
N LEU A 632 26.93 3.80 18.12
CA LEU A 632 26.02 4.83 17.71
C LEU A 632 25.42 5.52 18.94
N MET A 633 24.93 4.75 19.91
CA MET A 633 24.36 5.34 21.12
C MET A 633 25.42 6.16 21.89
N ALA A 634 26.66 5.69 21.89
CA ALA A 634 27.72 6.37 22.61
C ALA A 634 27.98 7.74 22.00
N TYR A 635 27.77 7.84 20.69
CA TYR A 635 28.12 8.99 19.89
C TYR A 635 26.94 9.90 19.54
N ILE A 636 25.80 9.66 20.15
CA ILE A 636 24.74 10.68 20.30
C ILE A 636 24.71 11.24 21.74
N GLY A 637 25.51 10.67 22.65
CA GLY A 637 25.56 11.10 24.04
C GLY A 637 24.79 10.24 25.05
N SER A 638 24.04 9.25 24.57
CA SER A 638 23.26 8.36 25.41
C SER A 638 24.15 7.49 26.27
N TYR A 639 23.63 7.10 27.41
CA TYR A 639 24.13 5.93 28.09
C TYR A 639 23.87 4.71 27.16
N VAL A 640 24.55 3.61 27.43
CA VAL A 640 24.67 2.48 26.51
C VAL A 640 24.30 1.16 27.23
N PRO A 641 23.79 0.16 26.51
CA PRO A 641 23.36 -1.14 27.08
C PRO A 641 24.46 -2.18 27.33
N ALA A 642 25.34 -1.83 28.26
CA ALA A 642 26.40 -2.69 28.73
C ALA A 642 26.62 -2.42 30.21
N GLN A 643 27.65 -3.02 30.77
CA GLN A 643 28.05 -2.73 32.14
C GLN A 643 29.25 -1.78 32.13
N LYS A 644 30.03 -1.79 31.05
CA LYS A 644 31.07 -0.78 30.83
C LYS A 644 31.41 -0.73 29.35
N VAL A 645 31.55 0.47 28.81
CA VAL A 645 32.06 0.67 27.46
C VAL A 645 33.15 1.77 27.42
N GLU A 646 34.30 1.45 26.83
CA GLU A 646 35.30 2.42 26.42
C GLU A 646 35.43 2.35 24.91
N ILE A 647 35.45 3.50 24.25
CA ILE A 647 35.37 3.58 22.78
C ILE A 647 36.15 4.76 22.20
N GLY A 648 36.87 4.50 21.12
CA GLY A 648 37.70 5.49 20.50
C GLY A 648 36.93 6.17 19.38
N PRO A 649 37.62 7.02 18.61
CA PRO A 649 36.99 7.75 17.52
C PRO A 649 36.67 6.84 16.35
N ILE A 650 35.47 7.04 15.84
CA ILE A 650 34.95 6.34 14.69
C ILE A 650 34.51 7.41 13.69
N ASP A 651 35.06 7.35 12.49
CA ASP A 651 34.63 8.22 11.40
C ASP A 651 33.45 7.69 10.57
N ARG A 652 33.33 6.36 10.39
CA ARG A 652 32.36 5.77 9.46
C ARG A 652 32.01 4.39 9.90
N ILE A 653 30.77 3.99 9.66
CA ILE A 653 30.40 2.62 9.80
C ILE A 653 29.98 2.11 8.42
N PHE A 654 30.65 1.04 8.00
CA PHE A 654 30.35 0.31 6.77
C PHE A 654 29.80 -1.03 7.13
N THR A 655 28.91 -1.53 6.29
CA THR A 655 28.29 -2.83 6.49
C THR A 655 28.11 -3.49 5.12
N ARG A 656 28.45 -4.77 5.05
CA ARG A 656 28.14 -5.60 3.89
C ARG A 656 27.47 -6.87 4.39
N VAL A 657 26.21 -7.06 4.07
CA VAL A 657 25.52 -8.30 4.44
C VAL A 657 25.26 -9.14 3.21
N GLY A 658 26.19 -10.07 2.94
CA GLY A 658 26.05 -11.09 1.91
C GLY A 658 24.61 -11.51 1.63
N PHE A 670 25.50 -9.69 -6.12
CA PHE A 670 26.21 -10.36 -7.19
C PHE A 670 27.32 -9.43 -7.71
N MET A 671 27.00 -8.64 -8.75
CA MET A 671 27.77 -7.45 -9.08
C MET A 671 27.61 -6.41 -7.96
N VAL A 672 26.53 -6.51 -7.21
CA VAL A 672 26.22 -5.53 -6.17
C VAL A 672 27.05 -5.79 -4.93
N GLU A 673 27.19 -7.06 -4.52
CA GLU A 673 28.05 -7.39 -3.38
C GLU A 673 29.47 -6.94 -3.65
N MET A 674 30.02 -7.28 -4.81
CA MET A 674 31.40 -6.94 -5.12
C MET A 674 31.61 -5.40 -5.25
N THR A 675 30.57 -4.67 -5.66
CA THR A 675 30.65 -3.21 -5.78
C THR A 675 30.62 -2.55 -4.39
N GLU A 676 29.71 -2.97 -3.53
CA GLU A 676 29.64 -2.43 -2.18
C GLU A 676 30.96 -2.66 -1.45
N THR A 677 31.57 -3.84 -1.67
CA THR A 677 32.82 -4.26 -1.05
C THR A 677 33.99 -3.38 -1.47
N ALA A 678 34.04 -3.03 -2.76
CA ALA A 678 35.06 -2.14 -3.28
C ALA A 678 34.91 -0.74 -2.70
N ASN A 679 33.69 -0.26 -2.54
CA ASN A 679 33.46 1.02 -1.86
C ASN A 679 34.10 0.99 -0.48
N ILE A 680 33.86 -0.09 0.26
CA ILE A 680 34.41 -0.23 1.60
C ILE A 680 35.93 -0.17 1.52
N LEU A 681 36.52 -0.93 0.60
CA LEU A 681 37.97 -1.01 0.47
C LEU A 681 38.65 0.29 0.02
N HIS A 682 37.93 1.15 -0.72
CA HIS A 682 38.48 2.41 -1.24
C HIS A 682 38.38 3.54 -0.23
N ASN A 683 37.38 3.49 0.64
CA ASN A 683 37.04 4.63 1.54
C ASN A 683 37.14 4.37 3.06
N ALA A 684 37.35 3.14 3.49
CA ALA A 684 37.56 2.88 4.90
C ALA A 684 38.97 3.34 5.30
N THR A 685 39.06 3.88 6.52
CA THR A 685 40.32 4.33 7.16
C THR A 685 40.59 3.52 8.45
N GLU A 686 41.69 3.85 9.14
CA GLU A 686 42.04 3.19 10.42
C GLU A 686 41.02 3.53 11.50
N TYR A 687 40.17 4.51 11.21
CA TYR A 687 39.17 4.96 12.17
C TYR A 687 37.77 4.45 11.88
N SER A 688 37.62 3.57 10.90
CA SER A 688 36.31 3.09 10.51
C SER A 688 35.98 1.79 11.21
N LEU A 689 34.70 1.55 11.43
CA LEU A 689 34.23 0.27 11.93
C LEU A 689 33.54 -0.41 10.76
N VAL A 690 33.93 -1.65 10.48
CA VAL A 690 33.54 -2.37 9.28
C VAL A 690 32.92 -3.70 9.66
N LEU A 691 31.66 -3.89 9.30
CA LEU A 691 30.96 -5.13 9.59
C LEU A 691 30.73 -5.92 8.28
N MET A 692 31.40 -7.05 8.12
CA MET A 692 31.27 -7.90 6.94
C MET A 692 30.57 -9.17 7.39
N ASP A 693 29.42 -9.40 6.83
CA ASP A 693 28.57 -10.47 7.28
C ASP A 693 28.37 -11.55 6.20
N GLU A 694 29.27 -12.53 6.26
CA GLU A 694 29.26 -13.70 5.40
C GLU A 694 29.36 -13.32 3.92
N ILE A 695 30.35 -12.48 3.59
CA ILE A 695 30.60 -12.08 2.21
C ILE A 695 31.47 -13.10 1.46
N GLY A 696 31.63 -12.86 0.17
CA GLY A 696 32.39 -13.74 -0.72
C GLY A 696 31.51 -14.76 -1.42
N ARG A 697 31.00 -14.35 -2.57
CA ARG A 697 30.23 -15.21 -3.45
C ARG A 697 30.98 -15.36 -4.77
N GLY A 698 31.05 -16.58 -5.25
CA GLY A 698 31.59 -16.87 -6.56
C GLY A 698 30.77 -17.94 -7.20
N THR A 699 31.19 -18.37 -8.38
CA THR A 699 30.47 -19.35 -9.18
C THR A 699 30.93 -20.81 -8.99
N SER A 700 32.01 -20.97 -8.23
CA SER A 700 32.60 -22.29 -8.00
C SER A 700 32.88 -22.45 -6.50
N THR A 701 33.59 -23.52 -6.17
CA THR A 701 33.81 -23.85 -4.77
C THR A 701 34.52 -22.81 -3.95
N TYR A 702 35.67 -22.38 -4.45
CA TYR A 702 36.64 -21.61 -3.65
C TYR A 702 36.83 -20.17 -4.17
N ASP A 703 36.21 -19.98 -5.29
CA ASP A 703 36.01 -18.71 -5.92
C ASP A 703 35.76 -17.53 -4.96
N GLY A 704 34.63 -17.55 -4.29
CA GLY A 704 34.21 -16.46 -3.45
C GLY A 704 34.88 -16.40 -2.11
N LEU A 705 35.28 -17.53 -1.55
CA LEU A 705 36.04 -17.50 -0.30
C LEU A 705 37.44 -16.85 -0.47
N SER A 706 38.09 -17.09 -1.61
CA SER A 706 39.40 -16.51 -1.92
C SER A 706 39.39 -15.03 -1.92
N LEU A 707 38.31 -14.49 -2.49
CA LEU A 707 37.99 -13.08 -2.46
C LEU A 707 37.78 -12.54 -1.07
N ALA A 708 37.06 -13.33 -0.26
CA ALA A 708 36.82 -12.99 1.13
C ALA A 708 38.13 -12.88 1.88
N TRP A 709 38.99 -13.89 1.68
CA TRP A 709 40.35 -13.93 2.22
C TRP A 709 41.18 -12.68 1.84
N ALA A 710 41.20 -12.35 0.56
CA ALA A 710 42.01 -11.23 0.06
C ALA A 710 41.48 -9.88 0.53
N CYS A 711 40.17 -9.83 0.70
CA CYS A 711 39.50 -8.68 1.27
C CYS A 711 39.82 -8.56 2.74
N ALA A 712 39.72 -9.66 3.49
CA ALA A 712 40.01 -9.61 4.94
C ALA A 712 41.42 -9.12 5.13
N GLU A 713 42.30 -9.72 4.34
CA GLU A 713 43.68 -9.39 4.33
C GLU A 713 43.94 -7.89 4.04
N ASN A 714 43.30 -7.32 3.04
CA ASN A 714 43.47 -5.88 2.75
C ASN A 714 42.96 -5.03 3.91
N LEU A 715 41.88 -5.46 4.58
CA LEU A 715 41.34 -4.71 5.70
C LEU A 715 42.28 -4.70 6.91
N ALA A 716 42.96 -5.83 7.12
CA ALA A 716 43.86 -6.04 8.23
C ALA A 716 45.19 -5.35 8.02
N ASN A 717 45.80 -5.57 6.87
CA ASN A 717 47.17 -5.17 6.64
C ASN A 717 47.37 -3.78 5.98
N LYS A 718 46.37 -3.22 5.31
CA LYS A 718 46.55 -1.98 4.55
C LYS A 718 45.69 -0.85 5.08
N ILE A 719 44.40 -1.08 5.21
CA ILE A 719 43.46 -0.09 5.68
C ILE A 719 43.51 0.03 7.20
N LYS A 720 43.69 -1.10 7.86
CA LYS A 720 43.74 -1.21 9.32
C LYS A 720 42.53 -0.65 10.05
N ALA A 721 41.36 -0.71 9.44
CA ALA A 721 40.12 -0.46 10.13
C ALA A 721 39.81 -1.54 11.20
N LEU A 722 38.83 -1.26 12.06
CA LEU A 722 38.37 -2.20 13.04
C LEU A 722 37.24 -2.94 12.35
N THR A 723 37.37 -4.25 12.25
CA THR A 723 36.50 -5.04 11.39
C THR A 723 35.96 -6.18 12.17
N LEU A 724 34.65 -6.38 12.15
CA LEU A 724 34.12 -7.69 12.57
C LEU A 724 33.71 -8.44 11.30
N PHE A 725 34.26 -9.64 11.14
CA PHE A 725 34.14 -10.45 9.91
C PHE A 725 33.49 -11.81 10.20
N ALA A 726 32.16 -11.82 10.26
CA ALA A 726 31.41 -13.07 10.44
C ALA A 726 31.55 -13.95 9.19
N THR A 727 31.88 -15.25 9.36
CA THR A 727 31.84 -16.21 8.24
C THR A 727 31.28 -17.56 8.57
N HIS A 728 30.83 -18.18 7.49
CA HIS A 728 30.57 -19.61 7.43
C HIS A 728 31.79 -20.38 6.85
N TYR A 729 32.73 -19.68 6.21
CA TYR A 729 33.95 -20.29 5.68
C TYR A 729 35.00 -20.58 6.77
N PHE A 730 34.98 -21.79 7.32
CA PHE A 730 36.00 -22.22 8.27
C PHE A 730 37.47 -21.99 7.83
N GLU A 731 37.73 -21.87 6.53
CA GLU A 731 39.11 -21.76 6.05
C GLU A 731 39.69 -20.40 6.52
N LEU A 732 38.82 -19.41 6.66
CA LEU A 732 39.21 -18.12 7.20
C LEU A 732 39.64 -18.10 8.68
N THR A 733 39.38 -19.16 9.43
CA THR A 733 39.93 -19.30 10.79
C THR A 733 41.45 -19.56 10.84
N GLN A 734 42.10 -19.58 9.67
CA GLN A 734 43.55 -19.72 9.57
C GLN A 734 44.21 -18.33 9.47
N LEU A 735 43.41 -17.29 9.27
CA LEU A 735 43.96 -15.97 9.07
C LEU A 735 44.77 -15.39 10.22
N PRO A 736 44.28 -15.49 11.46
CA PRO A 736 45.05 -15.04 12.63
C PRO A 736 46.50 -15.51 12.60
N GLU A 737 46.67 -16.71 12.11
CA GLU A 737 47.96 -17.33 12.04
C GLU A 737 48.90 -16.55 11.15
N LYS A 738 48.39 -16.17 9.99
CA LYS A 738 49.20 -15.58 8.95
C LYS A 738 49.24 -14.04 8.98
N MET A 739 48.39 -13.40 9.78
CA MET A 739 48.06 -11.99 9.58
C MET A 739 48.08 -11.17 10.89
N GLU A 740 49.10 -10.35 11.06
CA GLU A 740 49.10 -9.38 12.16
C GLU A 740 47.73 -8.68 12.28
N GLY A 741 47.22 -8.57 13.50
CA GLY A 741 46.03 -7.80 13.73
C GLY A 741 44.71 -8.57 13.70
N VAL A 742 44.75 -9.86 13.39
CA VAL A 742 43.54 -10.63 13.26
C VAL A 742 43.50 -11.72 14.31
N ALA A 743 42.28 -12.05 14.75
CA ALA A 743 42.06 -13.08 15.75
C ALA A 743 40.68 -13.77 15.52
N ASN A 744 40.53 -14.95 16.11
CA ASN A 744 39.29 -15.72 16.06
C ASN A 744 38.49 -15.55 17.34
N VAL A 745 37.19 -15.31 17.16
CA VAL A 745 36.20 -15.50 18.18
C VAL A 745 35.05 -16.31 17.56
N HIS A 746 34.16 -16.79 18.41
CA HIS A 746 33.10 -17.63 17.94
C HIS A 746 31.90 -17.72 18.85
N LEU A 747 30.77 -18.11 18.26
CA LEU A 747 29.58 -18.27 19.07
C LEU A 747 29.41 -19.72 19.45
N ASP A 748 29.45 -19.93 20.76
CA ASP A 748 29.53 -21.23 21.36
C ASP A 748 28.20 -21.96 21.09
N ALA A 749 28.30 -23.23 20.75
CA ALA A 749 27.15 -24.14 20.67
C ALA A 749 27.54 -25.42 21.35
N LEU A 750 26.56 -26.25 21.75
CA LEU A 750 26.82 -27.58 22.27
C LEU A 750 25.96 -28.65 21.59
N GLU A 751 26.60 -29.78 21.26
CA GLU A 751 25.96 -30.93 20.66
C GLU A 751 25.84 -32.03 21.72
N HIS A 752 24.63 -32.23 22.22
CA HIS A 752 24.39 -33.26 23.23
C HIS A 752 23.52 -34.31 22.55
N GLY A 753 24.15 -35.37 22.07
CA GLY A 753 23.48 -36.38 21.26
C GLY A 753 22.94 -35.82 19.94
N ASP A 754 21.66 -36.06 19.69
CA ASP A 754 21.04 -35.80 18.38
C ASP A 754 20.58 -34.35 18.15
N THR A 755 21.10 -33.38 18.91
CA THR A 755 20.66 -31.99 18.71
C THR A 755 21.64 -30.89 19.15
N ILE A 756 21.37 -29.67 18.68
CA ILE A 756 22.21 -28.50 18.91
C ILE A 756 21.52 -27.46 19.81
N ALA A 757 22.30 -26.91 20.75
CA ALA A 757 21.83 -25.87 21.64
C ALA A 757 22.66 -24.63 21.38
N PHE A 758 22.00 -23.52 21.08
CA PHE A 758 22.72 -22.27 20.77
C PHE A 758 22.88 -21.44 22.04
N MET A 759 24.11 -21.22 22.50
CA MET A 759 24.36 -20.60 23.82
C MET A 759 24.41 -19.07 23.79
N HIS A 760 24.89 -18.54 22.67
CA HIS A 760 24.83 -17.13 22.32
C HIS A 760 26.00 -16.35 22.98
N SER A 761 27.08 -17.05 23.32
CA SER A 761 28.20 -16.48 24.08
C SER A 761 29.47 -16.50 23.29
N VAL A 762 30.04 -15.30 23.07
CA VAL A 762 31.30 -15.13 22.39
C VAL A 762 32.47 -15.65 23.25
N GLN A 763 33.30 -16.49 22.63
CA GLN A 763 34.52 -17.04 23.24
C GLN A 763 35.66 -16.79 22.30
N ASP A 764 36.87 -16.74 22.85
CA ASP A 764 38.07 -16.55 22.05
C ASP A 764 38.42 -17.84 21.34
N GLY A 765 39.13 -17.70 20.21
CA GLY A 765 39.60 -18.81 19.41
C GLY A 765 38.57 -19.18 18.35
N ALA A 766 38.98 -20.06 17.44
CA ALA A 766 38.06 -20.65 16.50
C ALA A 766 37.22 -21.71 17.23
N ALA A 767 36.03 -21.96 16.71
CA ALA A 767 35.22 -23.06 17.19
C ALA A 767 35.90 -24.41 16.90
N SER A 768 35.52 -25.43 17.67
CA SER A 768 36.03 -26.82 17.48
C SER A 768 35.84 -27.32 16.05
N LYS A 769 34.66 -27.01 15.53
CA LYS A 769 34.16 -27.54 14.27
C LYS A 769 33.13 -26.55 13.68
N SER A 770 32.62 -26.85 12.50
CA SER A 770 31.37 -26.21 12.04
C SER A 770 30.24 -27.22 12.25
N TYR A 771 28.99 -26.75 12.12
CA TYR A 771 27.80 -27.48 12.52
C TYR A 771 26.74 -27.42 11.43
N GLY A 772 27.18 -27.36 10.17
CA GLY A 772 26.29 -27.29 9.03
C GLY A 772 25.40 -28.52 8.96
N LEU A 773 25.97 -29.67 9.26
CA LEU A 773 25.23 -30.89 9.26
C LEU A 773 24.30 -30.96 10.44
N ALA A 774 24.61 -30.29 11.55
CA ALA A 774 23.73 -30.36 12.72
C ALA A 774 22.47 -29.55 12.49
N VAL A 775 22.71 -28.34 11.97
CA VAL A 775 21.67 -27.40 11.63
C VAL A 775 20.80 -28.05 10.57
N ALA A 776 21.42 -28.74 9.61
CA ALA A 776 20.71 -29.48 8.57
C ALA A 776 19.72 -30.45 9.14
N ALA A 777 20.16 -31.29 10.10
CA ALA A 777 19.31 -32.25 10.77
C ALA A 777 18.23 -31.56 11.59
N LEU A 778 18.59 -30.49 12.27
CA LEU A 778 17.59 -29.72 13.01
C LEU A 778 16.43 -29.34 12.05
N ALA A 779 16.76 -28.92 10.82
CA ALA A 779 15.76 -28.57 9.81
C ALA A 779 14.97 -29.73 9.17
N GLY A 780 15.18 -30.99 9.59
CA GLY A 780 14.41 -32.13 9.14
C GLY A 780 14.96 -33.01 8.02
N VAL A 781 16.14 -32.66 7.48
CA VAL A 781 16.81 -33.46 6.46
C VAL A 781 16.88 -34.92 6.93
N PRO A 782 16.44 -35.89 6.14
CA PRO A 782 16.39 -37.30 6.59
C PRO A 782 17.67 -37.80 7.25
N LYS A 783 17.55 -38.54 8.34
CA LYS A 783 18.73 -39.11 8.99
C LYS A 783 19.63 -39.98 8.09
N GLU A 784 19.05 -40.70 7.14
CA GLU A 784 19.88 -41.49 6.22
C GLU A 784 20.81 -40.58 5.39
N VAL A 785 20.36 -39.37 5.06
CA VAL A 785 21.17 -38.46 4.25
C VAL A 785 22.25 -37.81 5.09
N ILE A 786 21.95 -37.53 6.35
CA ILE A 786 22.93 -36.93 7.23
C ILE A 786 24.02 -37.97 7.56
N LYS A 787 23.66 -39.24 7.68
CA LYS A 787 24.63 -40.28 7.91
C LYS A 787 25.68 -40.34 6.78
N ARG A 788 25.22 -40.30 5.52
CA ARG A 788 26.14 -40.32 4.39
C ARG A 788 26.95 -39.01 4.31
N ALA A 789 26.34 -37.90 4.70
CA ALA A 789 27.04 -36.60 4.62
C ALA A 789 28.19 -36.53 5.63
N ARG A 790 28.05 -37.25 6.75
CA ARG A 790 29.10 -37.34 7.79
C ARG A 790 30.23 -38.22 7.34
N GLN A 791 29.86 -39.32 6.73
CA GLN A 791 30.84 -40.21 6.13
C GLN A 791 31.68 -39.43 5.10
N LYS A 792 31.05 -38.55 4.32
CA LYS A 792 31.75 -37.79 3.29
C LYS A 792 32.62 -36.74 3.95
N LEU A 793 32.09 -36.16 5.02
CA LEU A 793 32.75 -35.12 5.77
C LEU A 793 34.10 -35.60 6.27
N ARG A 794 34.16 -36.85 6.75
CA ARG A 794 35.39 -37.43 7.28
C ARG A 794 36.41 -37.70 6.21
N GLU A 795 35.95 -37.93 4.98
CA GLU A 795 36.86 -38.03 3.84
C GLU A 795 37.57 -36.69 3.66
N LEU A 796 36.79 -35.63 3.62
CA LEU A 796 37.34 -34.29 3.43
C LEU A 796 38.24 -33.88 4.60
N GLU A 797 37.84 -34.20 5.82
CA GLU A 797 38.66 -33.89 7.01
C GLU A 797 40.01 -34.61 7.05
N SER A 798 40.11 -35.74 6.35
CA SER A 798 41.37 -36.48 6.27
C SER A 798 42.38 -35.92 5.27
N ILE A 799 41.97 -34.96 4.43
CA ILE A 799 42.86 -34.34 3.45
C ILE A 799 44.13 -33.86 4.14
N SER A 800 43.95 -33.03 5.17
CA SER A 800 45.04 -32.75 6.11
C SER A 800 44.56 -33.06 7.54
N MET B 14 -26.52 6.97 21.49
CA MET B 14 -26.01 5.65 21.00
C MET B 14 -25.86 4.66 22.16
N GLN B 15 -26.90 4.58 22.99
CA GLN B 15 -26.99 3.54 24.01
C GLN B 15 -27.54 2.27 23.31
N GLN B 16 -28.25 2.48 22.18
CA GLN B 16 -28.84 1.42 21.37
C GLN B 16 -27.82 0.66 20.51
N TYR B 17 -26.68 1.29 20.21
CA TYR B 17 -25.59 0.63 19.46
C TYR B 17 -25.07 -0.60 20.17
N LEU B 18 -24.79 -0.47 21.47
CA LEU B 18 -24.25 -1.56 22.28
C LEU B 18 -25.03 -2.86 22.12
N ARG B 19 -26.36 -2.75 22.16
CA ARG B 19 -27.26 -3.91 22.12
C ARG B 19 -27.29 -4.61 20.76
N LEU B 20 -27.01 -3.85 19.70
CA LEU B 20 -26.85 -4.41 18.36
C LEU B 20 -25.45 -4.96 18.09
N LYS B 21 -24.43 -4.45 18.78
CA LYS B 21 -23.07 -5.01 18.65
C LYS B 21 -23.02 -6.38 19.30
N ALA B 22 -23.75 -6.56 20.41
CA ALA B 22 -23.83 -7.85 21.10
C ALA B 22 -24.39 -8.93 20.19
N GLN B 23 -25.31 -8.56 19.29
CA GLN B 23 -25.98 -9.51 18.38
C GLN B 23 -25.01 -10.28 17.48
N HIS B 24 -23.96 -9.58 17.02
CA HIS B 24 -22.86 -10.16 16.21
C HIS B 24 -21.51 -9.53 16.66
N PRO B 25 -20.91 -10.05 17.75
CA PRO B 25 -19.70 -9.44 18.35
C PRO B 25 -18.37 -9.78 17.66
N GLU B 26 -18.43 -10.64 16.65
CA GLU B 26 -17.26 -11.06 15.87
C GLU B 26 -17.12 -10.27 14.56
N ILE B 27 -18.17 -9.54 14.18
CA ILE B 27 -18.28 -8.89 12.86
C ILE B 27 -18.30 -7.37 13.03
N LEU B 28 -17.72 -6.65 12.08
CA LEU B 28 -17.71 -5.18 12.14
C LEU B 28 -19.10 -4.62 11.96
N LEU B 29 -19.49 -3.60 12.73
CA LEU B 29 -20.83 -3.05 12.63
C LEU B 29 -20.84 -1.63 12.08
N PHE B 30 -21.26 -1.54 10.82
CA PHE B 30 -21.63 -0.29 10.19
C PHE B 30 -23.00 0.18 10.70
N TYR B 31 -23.08 1.43 11.17
CA TYR B 31 -24.26 1.93 11.89
C TYR B 31 -24.72 3.27 11.30
N ARG B 32 -25.76 3.22 10.45
CA ARG B 32 -26.28 4.35 9.68
C ARG B 32 -26.64 5.56 10.54
N MET B 33 -26.17 6.72 10.11
CA MET B 33 -26.55 8.05 10.66
C MET B 33 -26.23 9.14 9.61
N GLY B 34 -27.28 9.74 9.03
CA GLY B 34 -27.16 10.71 7.96
C GLY B 34 -26.63 10.13 6.67
N ASP B 35 -25.59 10.76 6.12
CA ASP B 35 -24.91 10.31 4.90
C ASP B 35 -23.89 9.20 5.16
N PHE B 36 -23.63 8.86 6.42
CA PHE B 36 -22.51 8.00 6.80
C PHE B 36 -22.97 6.69 7.47
N TYR B 37 -22.15 5.63 7.38
CA TYR B 37 -22.17 4.52 8.35
C TYR B 37 -21.00 4.73 9.31
N GLN B 38 -21.25 4.56 10.60
CA GLN B 38 -20.25 4.87 11.60
C GLN B 38 -19.92 3.61 12.39
N LEU B 39 -18.66 3.52 12.80
CA LEU B 39 -18.13 2.38 13.56
C LEU B 39 -17.56 2.90 14.89
N PHE B 40 -17.74 2.13 15.96
CA PHE B 40 -17.31 2.55 17.30
C PHE B 40 -16.43 1.49 18.00
N TYR B 41 -15.70 1.96 19.02
CA TYR B 41 -14.79 1.13 19.83
C TYR B 41 -13.78 0.35 18.97
N ASP B 42 -13.71 -0.98 19.10
CA ASP B 42 -12.66 -1.75 18.42
C ASP B 42 -12.93 -1.93 16.95
N ASP B 43 -14.17 -1.70 16.52
CA ASP B 43 -14.52 -1.67 15.10
C ASP B 43 -13.89 -0.47 14.41
N ALA B 44 -13.99 0.70 15.03
CA ALA B 44 -13.40 1.92 14.49
C ALA B 44 -11.88 1.81 14.37
N LYS B 45 -11.24 1.25 15.40
CA LYS B 45 -9.78 1.11 15.44
C LYS B 45 -9.29 0.22 14.31
N ARG B 46 -9.87 -0.98 14.24
CA ARG B 46 -9.50 -1.97 13.25
C ARG B 46 -9.85 -1.52 11.83
N ALA B 47 -10.84 -0.66 11.68
CA ALA B 47 -11.31 -0.23 10.36
C ALA B 47 -10.48 0.90 9.76
N SER B 48 -9.86 1.73 10.63
CA SER B 48 -9.08 2.89 10.19
C SER B 48 -7.71 2.50 9.64
N GLN B 49 -7.11 1.49 10.26
CA GLN B 49 -5.86 0.91 9.77
C GLN B 49 -6.10 0.01 8.54
N LEU B 50 -7.29 -0.57 8.42
CA LEU B 50 -7.57 -1.45 7.30
C LEU B 50 -7.93 -0.70 6.03
N LEU B 51 -8.59 0.45 6.17
CA LEU B 51 -9.25 1.11 5.02
C LEU B 51 -8.67 2.46 4.61
N ASP B 52 -7.91 3.06 5.52
CA ASP B 52 -7.55 4.48 5.45
C ASP B 52 -8.74 5.41 5.69
N ILE B 53 -8.94 5.70 6.98
CA ILE B 53 -9.88 6.70 7.46
C ILE B 53 -9.44 7.11 8.88
N SER B 54 -10.03 8.16 9.42
CA SER B 54 -9.51 8.80 10.65
C SER B 54 -10.22 8.34 11.92
N LEU B 55 -9.71 8.80 13.07
CA LEU B 55 -10.28 8.49 14.39
C LEU B 55 -10.91 9.76 14.99
N THR B 56 -11.45 9.66 16.21
CA THR B 56 -11.98 10.82 16.93
C THR B 56 -11.70 10.71 18.43
N PRO B 67 -14.12 7.14 20.11
CA PRO B 67 -13.47 6.27 19.11
C PRO B 67 -14.39 5.98 17.92
N MET B 68 -14.34 6.86 16.92
CA MET B 68 -15.25 6.83 15.78
C MET B 68 -14.51 6.95 14.45
N ALA B 69 -14.85 6.09 13.50
CA ALA B 69 -14.56 6.35 12.10
C ALA B 69 -15.84 6.19 11.30
N GLY B 70 -15.90 6.81 10.12
CA GLY B 70 -17.06 6.68 9.25
C GLY B 70 -16.77 6.71 7.77
N ILE B 71 -17.70 6.17 6.98
CA ILE B 71 -17.63 6.19 5.52
C ILE B 71 -18.90 6.84 4.92
N PRO B 72 -18.77 7.57 3.81
CA PRO B 72 -19.94 8.12 3.12
C PRO B 72 -20.81 7.05 2.45
N TYR B 73 -22.12 7.33 2.30
CA TYR B 73 -23.12 6.37 1.84
C TYR B 73 -22.97 6.04 0.37
N HIS B 74 -22.52 7.02 -0.42
CA HIS B 74 -22.40 6.86 -1.87
C HIS B 74 -21.21 5.99 -2.28
N ALA B 75 -20.37 5.58 -1.31
CA ALA B 75 -19.19 4.77 -1.59
C ALA B 75 -19.11 3.51 -0.72
N VAL B 76 -20.23 3.14 -0.09
CA VAL B 76 -20.24 2.04 0.88
C VAL B 76 -19.82 0.73 0.28
N GLU B 77 -20.29 0.46 -0.94
CA GLU B 77 -19.97 -0.80 -1.62
C GLU B 77 -18.47 -0.93 -1.87
N ASN B 78 -17.80 0.20 -2.13
CA ASN B 78 -16.35 0.22 -2.26
C ASN B 78 -15.62 -0.21 -0.98
N TYR B 79 -16.03 0.33 0.17
CA TYR B 79 -15.40 -0.04 1.44
C TYR B 79 -15.87 -1.42 1.94
N LEU B 80 -17.01 -1.91 1.46
CA LEU B 80 -17.36 -3.30 1.74
C LEU B 80 -16.40 -4.20 0.95
N ALA B 81 -16.18 -3.86 -0.32
CA ALA B 81 -15.32 -4.63 -1.21
C ALA B 81 -13.88 -4.74 -0.69
N LYS B 82 -13.39 -3.66 -0.06
CA LYS B 82 -12.00 -3.58 0.44
C LYS B 82 -11.84 -4.35 1.73
N LEU B 83 -12.85 -4.30 2.59
CA LEU B 83 -12.87 -5.06 3.85
C LEU B 83 -13.11 -6.55 3.64
N VAL B 84 -14.01 -6.83 2.71
CA VAL B 84 -14.29 -8.19 2.28
C VAL B 84 -13.05 -8.83 1.61
N ASN B 85 -12.32 -8.03 0.85
CA ASN B 85 -11.06 -8.48 0.24
C ASN B 85 -9.98 -8.77 1.32
N GLN B 86 -10.15 -8.22 2.52
CA GLN B 86 -9.21 -8.46 3.63
C GLN B 86 -9.69 -9.44 4.72
N GLY B 87 -10.81 -10.10 4.49
CA GLY B 87 -11.23 -11.20 5.35
C GLY B 87 -12.23 -10.81 6.41
N GLU B 88 -12.74 -9.58 6.37
CA GLU B 88 -13.69 -9.08 7.37
C GLU B 88 -15.12 -9.24 6.91
N SER B 89 -15.92 -9.93 7.71
CA SER B 89 -17.35 -9.87 7.54
C SER B 89 -17.80 -8.51 8.06
N VAL B 90 -18.96 -8.06 7.61
CA VAL B 90 -19.47 -6.73 7.96
C VAL B 90 -20.99 -6.79 8.06
N ALA B 91 -21.54 -6.34 9.19
CA ALA B 91 -22.96 -6.21 9.36
C ALA B 91 -23.31 -4.74 9.15
N ILE B 92 -24.43 -4.49 8.49
CA ILE B 92 -24.92 -3.12 8.28
C ILE B 92 -26.24 -2.91 9.05
N CYS B 93 -26.32 -1.78 9.74
CA CYS B 93 -27.47 -1.47 10.56
C CYS B 93 -28.18 -0.19 10.06
N GLU B 94 -29.50 -0.24 9.94
CA GLU B 94 -30.32 0.89 9.47
C GLU B 94 -31.47 1.15 10.42
N ARG B 108 -34.54 0.20 14.51
CA ARG B 108 -33.20 0.12 13.94
C ARG B 108 -32.59 -1.28 14.17
N LYS B 109 -32.15 -1.96 13.10
CA LYS B 109 -31.56 -3.31 13.24
C LYS B 109 -30.63 -3.74 12.09
N VAL B 110 -29.93 -4.86 12.29
CA VAL B 110 -28.99 -5.40 11.30
C VAL B 110 -29.75 -6.00 10.12
N VAL B 111 -29.65 -5.33 8.97
CA VAL B 111 -30.50 -5.62 7.81
C VAL B 111 -29.77 -6.35 6.69
N ARG B 112 -28.43 -6.31 6.72
CA ARG B 112 -27.60 -6.94 5.72
C ARG B 112 -26.20 -7.24 6.26
N ILE B 113 -25.63 -8.35 5.78
CA ILE B 113 -24.29 -8.79 6.19
C ILE B 113 -23.56 -9.31 4.98
N VAL B 114 -22.30 -8.92 4.83
CA VAL B 114 -21.48 -9.48 3.78
C VAL B 114 -20.34 -10.25 4.44
N THR B 115 -20.20 -11.52 4.08
CA THR B 115 -19.04 -12.29 4.50
C THR B 115 -18.14 -12.46 3.27
N PRO B 116 -16.82 -12.58 3.46
CA PRO B 116 -15.88 -12.56 2.32
C PRO B 116 -16.01 -13.69 1.31
N GLY B 117 -16.43 -14.87 1.74
CA GLY B 117 -16.53 -16.02 0.85
C GLY B 117 -17.92 -16.27 0.28
N THR B 118 -18.89 -15.39 0.60
CA THR B 118 -20.27 -15.59 0.13
C THR B 118 -20.90 -14.42 -0.64
N ILE B 119 -20.08 -13.51 -1.12
CA ILE B 119 -20.57 -12.41 -1.96
C ILE B 119 -20.71 -12.82 -3.42
N SER B 120 -21.55 -12.09 -4.13
CA SER B 120 -21.88 -12.42 -5.51
C SER B 120 -22.24 -11.20 -6.32
N ASP B 121 -22.27 -10.04 -5.68
CA ASP B 121 -22.52 -8.78 -6.37
C ASP B 121 -21.24 -8.37 -7.05
N GLU B 122 -21.37 -7.81 -8.23
CA GLU B 122 -20.23 -7.54 -9.08
C GLU B 122 -19.39 -6.35 -8.58
N ALA B 123 -19.98 -5.49 -7.75
CA ALA B 123 -19.24 -4.37 -7.15
C ALA B 123 -18.22 -4.87 -6.11
N LEU B 124 -18.52 -6.02 -5.51
CA LEU B 124 -17.73 -6.53 -4.40
C LEU B 124 -16.66 -7.54 -4.85
N LEU B 125 -16.80 -8.06 -6.06
CA LEU B 125 -15.93 -9.09 -6.63
C LEU B 125 -14.90 -8.52 -7.61
N GLN B 126 -13.81 -9.26 -7.76
CA GLN B 126 -12.80 -8.92 -8.77
C GLN B 126 -13.08 -9.77 -10.00
N GLU B 127 -13.31 -9.09 -11.12
CA GLU B 127 -13.66 -9.67 -12.40
C GLU B 127 -12.93 -10.97 -12.78
N ARG B 128 -11.60 -11.01 -12.61
CA ARG B 128 -10.75 -12.14 -13.09
C ARG B 128 -10.11 -13.03 -11.99
N GLN B 129 -10.71 -13.04 -10.81
CA GLN B 129 -10.15 -13.74 -9.68
C GLN B 129 -11.26 -14.49 -8.97
N ASP B 130 -11.09 -15.79 -8.81
CA ASP B 130 -11.98 -16.62 -7.99
C ASP B 130 -12.03 -16.18 -6.53
N ASN B 131 -13.16 -16.43 -5.90
CA ASN B 131 -13.42 -16.09 -4.52
C ASN B 131 -14.09 -17.28 -3.87
N LEU B 132 -13.36 -17.99 -3.02
CA LEU B 132 -13.83 -19.26 -2.49
C LEU B 132 -14.14 -19.21 -0.98
N LEU B 133 -15.13 -19.98 -0.58
CA LEU B 133 -15.39 -20.27 0.81
C LEU B 133 -14.84 -21.67 1.02
N ALA B 134 -14.17 -21.89 2.14
CA ALA B 134 -13.58 -23.17 2.43
C ALA B 134 -13.90 -23.60 3.84
N ALA B 135 -14.00 -24.89 4.04
CA ALA B 135 -14.09 -25.44 5.37
C ALA B 135 -12.98 -26.48 5.53
N ILE B 136 -12.41 -26.55 6.73
CA ILE B 136 -11.33 -27.51 7.02
C ILE B 136 -11.60 -28.20 8.36
N TRP B 137 -11.22 -29.46 8.45
CA TRP B 137 -11.38 -30.17 9.73
C TRP B 137 -10.49 -31.39 9.81
N GLN B 138 -10.27 -31.87 11.04
CA GLN B 138 -9.23 -32.85 11.31
C GLN B 138 -9.74 -33.99 12.18
N ASP B 139 -9.32 -35.19 11.80
CA ASP B 139 -9.73 -36.48 12.39
C ASP B 139 -8.52 -37.00 13.12
N SER B 140 -8.69 -38.14 13.81
CA SER B 140 -7.54 -38.95 14.24
C SER B 140 -6.74 -39.45 13.01
N LYS B 141 -7.47 -39.79 11.94
CA LYS B 141 -6.90 -40.11 10.63
C LYS B 141 -6.30 -38.86 9.97
N GLY B 142 -7.03 -38.22 9.05
CA GLY B 142 -6.51 -37.10 8.30
C GLY B 142 -7.46 -35.91 8.20
N PHE B 143 -7.32 -35.13 7.14
CA PHE B 143 -8.00 -33.85 7.04
C PHE B 143 -9.22 -34.02 6.15
N GLY B 144 -10.24 -33.18 6.38
CA GLY B 144 -11.33 -32.97 5.45
C GLY B 144 -11.28 -31.53 4.94
N TYR B 145 -11.49 -31.35 3.65
CA TYR B 145 -11.44 -30.01 3.04
C TYR B 145 -12.53 -29.85 1.98
N ALA B 146 -13.22 -28.70 1.99
CA ALA B 146 -14.24 -28.42 1.00
C ALA B 146 -14.09 -26.99 0.52
N THR B 147 -14.35 -26.72 -0.76
CA THR B 147 -14.39 -25.33 -1.24
C THR B 147 -15.65 -25.08 -2.04
N LEU B 148 -16.16 -23.86 -1.97
CA LEU B 148 -17.30 -23.45 -2.77
C LEU B 148 -17.04 -22.11 -3.44
N ASP B 149 -17.37 -22.04 -4.72
CA ASP B 149 -17.41 -20.75 -5.38
C ASP B 149 -18.88 -20.39 -5.41
N ILE B 150 -19.31 -19.46 -4.56
CA ILE B 150 -20.75 -19.23 -4.46
C ILE B 150 -21.40 -18.74 -5.76
N SER B 151 -20.60 -18.12 -6.64
CA SER B 151 -21.14 -17.61 -7.89
C SER B 151 -21.39 -18.68 -8.96
N SER B 152 -20.44 -19.59 -9.17
CA SER B 152 -20.59 -20.65 -10.17
C SER B 152 -21.29 -21.89 -9.63
N GLY B 153 -21.33 -22.05 -8.31
CA GLY B 153 -21.79 -23.30 -7.71
C GLY B 153 -20.79 -24.45 -7.73
N ARG B 154 -19.57 -24.14 -8.09
CA ARG B 154 -18.49 -25.10 -8.13
C ARG B 154 -18.10 -25.49 -6.70
N PHE B 155 -18.35 -26.76 -6.38
CA PHE B 155 -18.27 -27.33 -5.05
C PHE B 155 -17.31 -28.52 -5.10
N ARG B 156 -16.24 -28.47 -4.32
CA ARG B 156 -15.18 -29.46 -4.34
C ARG B 156 -14.94 -29.98 -2.94
N LEU B 157 -14.46 -31.19 -2.88
CA LEU B 157 -14.19 -31.82 -1.61
C LEU B 157 -12.94 -32.66 -1.79
N SER B 158 -12.02 -32.59 -0.83
CA SER B 158 -10.89 -33.50 -0.78
C SER B 158 -10.60 -34.01 0.63
N GLU B 159 -9.69 -34.97 0.72
CA GLU B 159 -9.26 -35.53 2.00
C GLU B 159 -7.74 -35.61 2.04
N PRO B 160 -7.06 -34.47 2.09
CA PRO B 160 -5.59 -34.46 2.10
C PRO B 160 -5.04 -35.40 3.18
N ALA B 161 -4.11 -36.26 2.78
CA ALA B 161 -3.65 -37.37 3.64
C ALA B 161 -2.68 -36.95 4.74
N ASP B 162 -2.07 -35.76 4.61
CA ASP B 162 -1.08 -35.29 5.59
C ASP B 162 -0.94 -33.77 5.67
N ARG B 163 -0.15 -33.31 6.64
CA ARG B 163 0.09 -31.90 6.86
C ARG B 163 0.50 -31.15 5.58
N GLU B 164 1.46 -31.71 4.84
CA GLU B 164 2.09 -31.01 3.70
C GLU B 164 1.14 -30.81 2.52
N THR B 165 0.35 -31.84 2.20
CA THR B 165 -0.69 -31.76 1.16
C THR B 165 -1.79 -30.75 1.51
N MET B 166 -2.09 -30.65 2.79
CA MET B 166 -3.17 -29.77 3.24
C MET B 166 -2.68 -28.34 3.06
N ALA B 167 -1.45 -28.08 3.47
CA ALA B 167 -0.82 -26.78 3.25
C ALA B 167 -0.76 -26.43 1.76
N ALA B 168 -0.48 -27.45 0.93
CA ALA B 168 -0.46 -27.28 -0.52
C ALA B 168 -1.85 -26.95 -1.11
N GLU B 169 -2.93 -27.46 -0.50
CA GLU B 169 -4.28 -27.24 -1.00
C GLU B 169 -4.78 -25.88 -0.59
N LEU B 170 -4.42 -25.45 0.61
CA LEU B 170 -4.75 -24.12 1.09
C LEU B 170 -4.12 -23.01 0.27
N GLN B 171 -2.83 -23.14 -0.04
CA GLN B 171 -2.16 -22.11 -0.84
C GLN B 171 -2.73 -22.09 -2.26
N ARG B 172 -3.00 -23.28 -2.81
CA ARG B 172 -3.56 -23.38 -4.15
C ARG B 172 -4.94 -22.78 -4.26
N THR B 173 -5.81 -23.10 -3.29
CA THR B 173 -7.21 -22.66 -3.32
C THR B 173 -7.39 -21.25 -2.74
N ASN B 174 -6.51 -20.83 -1.85
CA ASN B 174 -6.47 -19.45 -1.35
C ASN B 174 -7.87 -18.89 -1.00
N PRO B 175 -8.62 -19.59 -0.16
CA PRO B 175 -9.98 -19.19 0.17
C PRO B 175 -10.07 -17.80 0.79
N ALA B 176 -11.11 -17.06 0.45
CA ALA B 176 -11.28 -15.70 1.02
C ALA B 176 -11.85 -15.78 2.45
N GLU B 177 -12.41 -16.93 2.79
CA GLU B 177 -13.01 -17.19 4.09
C GLU B 177 -12.90 -18.70 4.43
N LEU B 178 -12.53 -19.02 5.66
CA LEU B 178 -12.11 -20.37 6.01
C LEU B 178 -12.71 -20.85 7.33
N LEU B 179 -13.68 -21.75 7.26
CA LEU B 179 -14.29 -22.28 8.46
C LEU B 179 -13.48 -23.45 8.96
N TYR B 180 -13.18 -23.44 10.25
CA TYR B 180 -12.48 -24.51 10.94
C TYR B 180 -13.16 -24.87 12.26
N ALA B 181 -12.96 -26.11 12.71
CA ALA B 181 -13.55 -26.59 13.95
C ALA B 181 -12.81 -26.04 15.19
N GLU B 182 -13.51 -25.99 16.33
CA GLU B 182 -12.92 -25.55 17.60
C GLU B 182 -11.70 -26.37 18.05
N ASP B 183 -11.79 -27.68 17.91
CA ASP B 183 -10.75 -28.59 18.37
C ASP B 183 -9.64 -28.78 17.34
N PHE B 184 -9.63 -27.95 16.30
CA PHE B 184 -8.63 -28.10 15.26
C PHE B 184 -7.26 -28.08 15.92
N ALA B 185 -6.47 -29.10 15.59
CA ALA B 185 -5.20 -29.32 16.27
C ALA B 185 -4.08 -28.54 15.61
N GLU B 186 -3.99 -28.63 14.28
CA GLU B 186 -2.86 -28.10 13.53
C GLU B 186 -3.11 -26.64 13.17
N MET B 187 -3.14 -25.78 14.18
CA MET B 187 -3.42 -24.36 13.97
C MET B 187 -2.31 -23.65 13.16
N SER B 188 -1.11 -24.23 13.10
CA SER B 188 -0.02 -23.66 12.31
C SER B 188 -0.35 -23.59 10.80
N LEU B 189 -1.22 -24.48 10.35
CA LEU B 189 -1.67 -24.49 8.96
C LEU B 189 -2.45 -23.23 8.59
N ILE B 190 -3.36 -22.83 9.47
CA ILE B 190 -4.31 -21.76 9.17
C ILE B 190 -4.12 -20.45 9.94
N GLU B 191 -3.15 -20.37 10.84
CA GLU B 191 -3.01 -19.23 11.76
C GLU B 191 -2.92 -17.85 11.09
N GLY B 192 -2.16 -17.78 9.99
CA GLY B 192 -1.87 -16.50 9.37
C GLY B 192 -2.96 -15.99 8.44
N ARG B 193 -3.89 -16.89 8.11
CA ARG B 193 -4.88 -16.66 7.05
C ARG B 193 -5.94 -15.62 7.42
N ARG B 194 -6.32 -14.83 6.42
CA ARG B 194 -7.43 -13.89 6.54
C ARG B 194 -8.74 -14.67 6.57
N GLY B 195 -9.77 -14.05 7.17
CA GLY B 195 -11.10 -14.57 7.13
C GLY B 195 -11.30 -15.92 7.77
N LEU B 196 -10.67 -16.13 8.92
CA LEU B 196 -10.90 -17.34 9.70
C LEU B 196 -12.24 -17.24 10.43
N ARG B 197 -12.92 -18.38 10.61
CA ARG B 197 -14.25 -18.44 11.20
C ARG B 197 -14.33 -19.69 12.06
N ARG B 198 -14.03 -19.55 13.35
CA ARG B 198 -14.10 -20.65 14.31
C ARG B 198 -15.53 -21.15 14.43
N ARG B 199 -15.74 -22.47 14.40
CA ARG B 199 -17.08 -23.06 14.34
C ARG B 199 -17.28 -24.22 15.32
N PRO B 200 -18.49 -24.35 15.88
CA PRO B 200 -18.78 -25.45 16.79
C PRO B 200 -18.65 -26.83 16.12
N LEU B 201 -18.31 -27.82 16.92
CA LEU B 201 -18.00 -29.16 16.43
C LEU B 201 -19.21 -29.87 15.78
N TRP B 202 -20.41 -29.56 16.25
CA TRP B 202 -21.62 -30.25 15.81
C TRP B 202 -21.98 -29.92 14.35
N GLU B 203 -21.40 -28.84 13.83
CA GLU B 203 -21.58 -28.46 12.43
C GLU B 203 -20.82 -29.39 11.49
N PHE B 204 -19.83 -30.08 12.04
CA PHE B 204 -19.09 -31.09 11.31
C PHE B 204 -19.55 -32.54 11.54
N GLU B 205 -20.78 -32.75 12.02
CA GLU B 205 -21.25 -34.10 12.28
C GLU B 205 -21.67 -34.74 10.96
N ILE B 206 -21.35 -36.04 10.80
CA ILE B 206 -21.43 -36.73 9.52
C ILE B 206 -22.88 -36.97 9.06
N ASP B 207 -23.75 -37.46 9.93
CA ASP B 207 -25.14 -37.75 9.55
C ASP B 207 -25.98 -36.51 9.19
N THR B 208 -25.67 -35.38 9.81
CA THR B 208 -26.32 -34.14 9.46
C THR B 208 -25.82 -33.62 8.11
N ALA B 209 -24.50 -33.66 7.91
CA ALA B 209 -23.90 -33.28 6.61
C ALA B 209 -24.43 -34.09 5.43
N ARG B 210 -24.53 -35.41 5.60
CA ARG B 210 -25.07 -36.27 4.57
C ARG B 210 -26.48 -35.86 4.21
N GLN B 211 -27.22 -35.45 5.22
CA GLN B 211 -28.64 -35.22 5.07
C GLN B 211 -28.86 -33.92 4.37
N GLN B 212 -28.09 -32.89 4.75
CA GLN B 212 -28.26 -31.59 4.16
C GLN B 212 -27.74 -31.65 2.75
N LEU B 213 -26.65 -32.40 2.52
CA LEU B 213 -26.08 -32.48 1.17
C LEU B 213 -27.03 -33.23 0.24
N ASN B 214 -27.64 -34.32 0.71
CA ASN B 214 -28.62 -35.03 -0.11
C ASN B 214 -29.85 -34.15 -0.46
N LEU B 215 -30.27 -33.33 0.49
CA LEU B 215 -31.40 -32.44 0.28
C LEU B 215 -31.11 -31.33 -0.73
N GLN B 216 -29.94 -30.71 -0.62
CA GLN B 216 -29.51 -29.69 -1.55
C GLN B 216 -29.49 -30.21 -3.00
N PHE B 217 -29.04 -31.45 -3.21
CA PHE B 217 -28.82 -31.97 -4.55
C PHE B 217 -30.02 -32.77 -5.04
N GLY B 218 -31.10 -32.82 -4.29
CA GLY B 218 -32.25 -33.61 -4.70
C GLY B 218 -32.04 -35.12 -4.77
N THR B 219 -30.93 -35.61 -4.22
CA THR B 219 -30.59 -37.06 -4.26
C THR B 219 -30.90 -37.77 -2.96
N ARG B 220 -30.97 -39.10 -3.01
CA ARG B 220 -31.09 -39.90 -1.78
C ARG B 220 -29.70 -40.29 -1.21
N ASP B 221 -28.72 -40.48 -2.09
CA ASP B 221 -27.34 -40.70 -1.65
C ASP B 221 -26.36 -39.97 -2.59
N LEU B 222 -25.07 -40.01 -2.27
CA LEU B 222 -24.09 -39.18 -2.96
C LEU B 222 -23.18 -40.02 -3.86
N VAL B 223 -23.62 -41.23 -4.20
CA VAL B 223 -22.88 -42.18 -5.02
C VAL B 223 -22.67 -41.64 -6.43
N GLY B 224 -23.67 -40.95 -6.95
CA GLY B 224 -23.58 -40.37 -8.27
C GLY B 224 -22.60 -39.19 -8.38
N PHE B 225 -22.08 -38.73 -7.25
CA PHE B 225 -21.02 -37.71 -7.21
C PHE B 225 -19.67 -38.29 -6.81
N GLY B 226 -19.66 -39.56 -6.43
CA GLY B 226 -18.42 -40.24 -6.08
C GLY B 226 -17.76 -39.78 -4.78
N VAL B 227 -18.59 -39.40 -3.80
CA VAL B 227 -18.13 -38.94 -2.49
C VAL B 227 -18.84 -39.70 -1.35
N GLU B 228 -19.58 -40.76 -1.67
CA GLU B 228 -20.40 -41.42 -0.65
C GLU B 228 -19.55 -41.99 0.52
N ASN B 229 -18.31 -42.38 0.24
CA ASN B 229 -17.42 -42.96 1.24
C ASN B 229 -16.22 -42.06 1.51
N ALA B 230 -16.44 -40.75 1.56
CA ALA B 230 -15.40 -39.80 1.90
C ALA B 230 -15.87 -38.99 3.09
N PRO B 231 -16.13 -39.65 4.22
CA PRO B 231 -16.82 -38.99 5.34
C PRO B 231 -16.09 -37.79 5.96
N ARG B 232 -14.77 -37.78 6.00
CA ARG B 232 -14.05 -36.56 6.43
C ARG B 232 -14.38 -35.36 5.55
N GLY B 233 -14.39 -35.60 4.23
CA GLY B 233 -14.63 -34.56 3.25
C GLY B 233 -16.02 -34.02 3.41
N LEU B 234 -16.97 -34.93 3.60
CA LEU B 234 -18.38 -34.58 3.70
C LEU B 234 -18.67 -33.72 4.91
N CYS B 235 -17.96 -33.98 6.02
CA CYS B 235 -18.15 -33.21 7.25
C CYS B 235 -17.73 -31.76 6.98
N ALA B 236 -16.68 -31.58 6.20
CA ALA B 236 -16.27 -30.23 5.84
C ALA B 236 -17.29 -29.59 4.91
N ALA B 237 -17.79 -30.39 3.96
CA ALA B 237 -18.74 -29.88 2.97
C ALA B 237 -20.11 -29.51 3.59
N GLY B 238 -20.48 -30.19 4.69
CA GLY B 238 -21.73 -29.92 5.35
C GLY B 238 -21.70 -28.64 6.18
N CYS B 239 -20.59 -28.41 6.87
CA CYS B 239 -20.42 -27.17 7.60
C CYS B 239 -20.42 -26.02 6.60
N LEU B 240 -19.67 -26.18 5.51
CA LEU B 240 -19.57 -25.12 4.52
C LEU B 240 -20.95 -24.80 3.95
N LEU B 241 -21.78 -25.82 3.72
CA LEU B 241 -23.06 -25.61 3.01
C LEU B 241 -24.02 -24.89 3.94
N GLN B 242 -24.13 -25.39 5.16
CA GLN B 242 -24.83 -24.69 6.23
C GLN B 242 -24.42 -23.22 6.36
N TYR B 243 -23.14 -22.91 6.31
CA TYR B 243 -22.72 -21.54 6.53
C TYR B 243 -23.15 -20.67 5.35
N ALA B 244 -23.01 -21.20 4.13
CA ALA B 244 -23.40 -20.48 2.94
C ALA B 244 -24.88 -20.11 3.02
N LYS B 245 -25.71 -21.10 3.34
CA LYS B 245 -27.15 -20.98 3.41
C LYS B 245 -27.54 -19.95 4.45
N ASP B 246 -26.87 -19.98 5.59
CA ASP B 246 -27.14 -19.08 6.71
C ASP B 246 -26.86 -17.63 6.32
N THR B 247 -25.79 -17.42 5.54
CA THR B 247 -25.43 -16.07 5.10
C THR B 247 -26.35 -15.58 4.01
N GLN B 248 -27.06 -16.49 3.31
CA GLN B 248 -27.86 -16.07 2.17
C GLN B 248 -29.37 -15.95 2.52
N ARG B 249 -29.81 -16.86 3.39
CA ARG B 249 -31.21 -17.01 3.77
C ARG B 249 -32.05 -17.13 2.50
N THR B 250 -31.58 -17.99 1.62
CA THR B 250 -32.11 -18.18 0.29
C THR B 250 -31.76 -19.62 -0.17
N THR B 251 -32.57 -20.21 -1.03
CA THR B 251 -32.15 -21.45 -1.68
C THR B 251 -30.99 -21.11 -2.61
N LEU B 252 -30.15 -22.11 -2.83
CA LEU B 252 -29.01 -21.97 -3.72
C LEU B 252 -29.16 -23.03 -4.78
N PRO B 253 -30.03 -22.77 -5.74
CA PRO B 253 -30.40 -23.80 -6.71
C PRO B 253 -29.28 -24.07 -7.75
N HIS B 254 -28.34 -23.12 -7.86
CA HIS B 254 -27.17 -23.27 -8.73
C HIS B 254 -26.11 -24.22 -8.18
N ILE B 255 -26.19 -24.60 -6.90
CA ILE B 255 -25.29 -25.59 -6.33
C ILE B 255 -25.95 -26.97 -6.36
N ARG B 256 -25.68 -27.76 -7.41
CA ARG B 256 -26.44 -29.00 -7.70
C ARG B 256 -25.58 -30.27 -7.67
N SER B 257 -24.32 -30.09 -7.30
CA SER B 257 -23.28 -31.07 -7.52
C SER B 257 -22.08 -30.86 -6.61
N ILE B 258 -21.39 -31.96 -6.28
CA ILE B 258 -20.05 -31.88 -5.68
C ILE B 258 -19.09 -32.89 -6.33
N THR B 259 -17.81 -32.53 -6.41
CA THR B 259 -16.76 -33.41 -6.93
C THR B 259 -15.66 -33.60 -5.93
N MET B 260 -14.97 -34.71 -6.04
CA MET B 260 -13.85 -35.00 -5.18
C MET B 260 -12.58 -34.90 -5.99
N GLU B 261 -11.58 -34.25 -5.43
CA GLU B 261 -10.28 -34.08 -6.07
C GLU B 261 -9.34 -35.02 -5.36
N ARG B 262 -8.78 -35.98 -6.09
CA ARG B 262 -7.84 -36.96 -5.53
C ARG B 262 -6.37 -36.65 -5.79
N GLU B 263 -5.54 -37.03 -4.83
CA GLU B 263 -4.07 -36.95 -4.89
C GLU B 263 -3.49 -37.35 -6.26
N GLN B 264 -3.80 -38.56 -6.71
CA GLN B 264 -3.22 -39.07 -7.95
C GLN B 264 -3.77 -38.47 -9.24
N ASP B 265 -4.86 -37.71 -9.18
CA ASP B 265 -5.39 -37.09 -10.37
C ASP B 265 -4.63 -35.81 -10.71
N SER B 266 -3.67 -35.38 -9.88
CA SER B 266 -2.97 -34.14 -10.18
C SER B 266 -1.50 -34.15 -9.86
N ILE B 267 -0.76 -33.26 -10.52
CA ILE B 267 0.64 -33.01 -10.19
C ILE B 267 0.59 -32.16 -8.96
N ILE B 268 1.18 -32.63 -7.89
CA ILE B 268 1.21 -31.92 -6.64
C ILE B 268 2.34 -30.90 -6.64
N MET B 269 2.07 -29.73 -6.07
CA MET B 269 3.06 -28.69 -5.92
C MET B 269 2.82 -27.96 -4.60
N ASP B 270 3.84 -27.94 -3.75
CA ASP B 270 3.78 -27.27 -2.46
C ASP B 270 3.81 -25.73 -2.70
N ALA B 271 3.55 -24.93 -1.68
CA ALA B 271 3.49 -23.48 -1.84
C ALA B 271 4.78 -22.90 -2.38
N ALA B 272 5.91 -23.29 -1.80
CA ALA B 272 7.20 -22.81 -2.26
C ALA B 272 7.43 -23.09 -3.74
N THR B 273 7.09 -24.30 -4.21
CA THR B 273 7.17 -24.60 -5.64
C THR B 273 6.24 -23.71 -6.47
N ARG B 274 5.00 -23.58 -6.01
CA ARG B 274 3.98 -22.77 -6.67
C ARG B 274 4.44 -21.32 -6.83
N ARG B 275 4.97 -20.78 -5.75
CA ARG B 275 5.51 -19.42 -5.73
C ARG B 275 6.70 -19.26 -6.68
N ASN B 276 7.64 -20.19 -6.64
CA ASN B 276 8.87 -20.10 -7.44
C ASN B 276 8.60 -20.17 -8.97
N LEU B 277 7.55 -20.89 -9.34
CA LEU B 277 7.21 -21.06 -10.76
C LEU B 277 6.43 -19.88 -11.27
N GLU B 278 5.99 -18.98 -10.38
CA GLU B 278 5.29 -17.74 -10.74
C GLU B 278 4.12 -17.97 -11.72
N ILE B 279 3.19 -18.81 -11.31
CA ILE B 279 2.07 -19.23 -12.13
C ILE B 279 1.08 -18.08 -12.36
N THR B 280 0.35 -17.68 -11.32
CA THR B 280 -0.57 -16.52 -11.34
C THR B 280 -0.01 -15.29 -10.66
N GLN B 281 0.86 -15.50 -9.67
CA GLN B 281 1.44 -14.44 -8.85
C GLN B 281 2.96 -14.41 -8.92
N ASN B 282 3.55 -13.23 -9.13
CA ASN B 282 5.01 -13.12 -9.12
C ASN B 282 5.55 -13.06 -7.68
N LEU B 283 6.87 -13.20 -7.52
CA LEU B 283 7.49 -13.24 -6.20
C LEU B 283 7.25 -11.97 -5.38
N ALA B 284 7.10 -10.83 -6.07
CA ALA B 284 6.76 -9.55 -5.43
C ALA B 284 5.24 -9.30 -5.15
N GLY B 285 4.41 -10.31 -5.36
CA GLY B 285 2.99 -10.21 -5.07
C GLY B 285 2.07 -9.72 -6.18
N GLY B 286 2.64 -9.28 -7.33
CA GLY B 286 1.86 -8.80 -8.48
C GLY B 286 1.40 -9.88 -9.48
N ALA B 287 0.85 -9.44 -10.62
CA ALA B 287 0.36 -10.34 -11.67
C ALA B 287 1.17 -10.29 -12.99
N GLU B 288 2.11 -9.35 -13.06
CA GLU B 288 2.95 -9.14 -14.24
C GLU B 288 4.13 -10.12 -14.25
N ASN B 289 4.74 -10.30 -15.43
CA ASN B 289 5.89 -11.21 -15.59
C ASN B 289 5.61 -12.57 -14.94
N THR B 290 4.45 -13.10 -15.27
CA THR B 290 3.93 -14.34 -14.72
C THR B 290 3.51 -15.29 -15.87
N LEU B 291 3.22 -16.53 -15.55
CA LEU B 291 2.90 -17.48 -16.62
C LEU B 291 1.55 -17.13 -17.22
N ALA B 292 0.61 -16.78 -16.35
CA ALA B 292 -0.70 -16.26 -16.74
C ALA B 292 -0.66 -14.97 -17.57
N SER B 293 0.28 -14.05 -17.31
CA SER B 293 0.32 -12.81 -18.09
C SER B 293 0.61 -13.18 -19.52
N VAL B 294 1.39 -14.23 -19.73
CA VAL B 294 1.70 -14.68 -21.09
C VAL B 294 0.65 -15.61 -21.73
N LEU B 295 0.11 -16.59 -20.99
CA LEU B 295 -0.81 -17.55 -21.56
C LEU B 295 -2.27 -17.12 -21.59
N ASP B 296 -2.65 -16.20 -20.70
CA ASP B 296 -4.06 -15.84 -20.51
C ASP B 296 -4.45 -14.60 -21.30
N CYS B 297 -4.58 -14.74 -22.63
CA CYS B 297 -5.35 -13.80 -23.45
C CYS B 297 -6.78 -14.29 -23.73
N THR B 298 -7.47 -14.78 -22.70
CA THR B 298 -8.90 -15.11 -22.82
C THR B 298 -9.71 -13.83 -22.98
N VAL B 299 -10.96 -13.97 -23.43
CA VAL B 299 -11.80 -12.80 -23.73
C VAL B 299 -12.99 -12.58 -22.78
N THR B 300 -13.24 -13.54 -21.90
CA THR B 300 -14.30 -13.42 -20.91
C THR B 300 -13.68 -13.63 -19.57
N PRO B 301 -14.11 -12.88 -18.57
CA PRO B 301 -13.64 -13.10 -17.20
C PRO B 301 -13.84 -14.53 -16.72
N MET B 302 -14.89 -15.23 -17.12
CA MET B 302 -15.06 -16.63 -16.65
C MET B 302 -14.04 -17.60 -17.25
N GLY B 303 -13.65 -17.35 -18.48
CA GLY B 303 -12.60 -18.12 -19.12
C GLY B 303 -11.23 -17.87 -18.51
N SER B 304 -10.95 -16.62 -18.14
CA SER B 304 -9.70 -16.25 -17.51
C SER B 304 -9.56 -16.94 -16.17
N ARG B 305 -10.66 -17.01 -15.43
CA ARG B 305 -10.66 -17.66 -14.13
C ARG B 305 -10.49 -19.17 -14.29
N MET B 306 -11.07 -19.76 -15.31
CA MET B 306 -10.92 -21.19 -15.54
C MET B 306 -9.50 -21.54 -15.98
N LEU B 307 -8.91 -20.72 -16.85
CA LEU B 307 -7.53 -20.95 -17.26
C LEU B 307 -6.60 -20.99 -16.06
N LYS B 308 -6.76 -20.04 -15.14
CA LYS B 308 -5.93 -20.00 -13.94
C LYS B 308 -6.15 -21.21 -13.03
N ARG B 309 -7.33 -21.83 -13.05
CA ARG B 309 -7.56 -23.03 -12.26
C ARG B 309 -6.81 -24.23 -12.90
N TRP B 310 -6.86 -24.31 -14.23
CA TRP B 310 -6.12 -25.30 -14.99
C TRP B 310 -4.57 -25.22 -14.78
N LEU B 311 -4.04 -24.02 -14.78
CA LEU B 311 -2.61 -23.80 -14.58
C LEU B 311 -2.18 -24.29 -13.22
N HIS B 312 -3.00 -24.04 -12.19
CA HIS B 312 -2.67 -24.44 -10.83
C HIS B 312 -3.01 -25.91 -10.54
N MET B 313 -3.66 -26.63 -11.46
CA MET B 313 -3.98 -28.05 -11.23
C MET B 313 -3.76 -28.88 -12.50
N PRO B 314 -2.51 -29.14 -12.84
CA PRO B 314 -2.21 -29.97 -14.00
C PRO B 314 -2.63 -31.38 -13.70
N VAL B 315 -3.19 -32.12 -14.66
CA VAL B 315 -3.66 -33.49 -14.34
C VAL B 315 -2.86 -34.58 -15.01
N ARG B 316 -2.87 -35.75 -14.38
CA ARG B 316 -2.05 -36.88 -14.77
C ARG B 316 -2.69 -37.74 -15.86
N ASP B 317 -4.00 -37.61 -16.01
CA ASP B 317 -4.76 -38.44 -16.95
C ASP B 317 -4.56 -37.91 -18.37
N THR B 318 -3.77 -38.64 -19.15
CA THR B 318 -3.45 -38.20 -20.50
C THR B 318 -4.69 -38.24 -21.42
N ARG B 319 -5.69 -39.06 -21.14
CA ARG B 319 -6.94 -39.01 -21.91
C ARG B 319 -7.46 -37.56 -22.01
N VAL B 320 -7.61 -36.88 -20.88
CA VAL B 320 -8.14 -35.53 -20.86
C VAL B 320 -7.20 -34.61 -21.61
N LEU B 321 -5.91 -34.86 -21.44
CA LEU B 321 -4.89 -34.00 -21.99
C LEU B 321 -4.89 -34.04 -23.53
N LEU B 322 -4.96 -35.25 -24.06
CA LEU B 322 -5.04 -35.48 -25.50
C LEU B 322 -6.20 -34.75 -26.16
N GLU B 323 -7.34 -34.69 -25.48
CA GLU B 323 -8.51 -34.03 -26.00
C GLU B 323 -8.33 -32.54 -26.08
N ARG B 324 -7.67 -31.99 -25.08
CA ARG B 324 -7.38 -30.58 -25.06
C ARG B 324 -6.38 -30.29 -26.17
N GLN B 325 -5.45 -31.20 -26.36
CA GLN B 325 -4.45 -31.09 -27.40
C GLN B 325 -5.16 -31.03 -28.73
N GLN B 326 -6.01 -32.02 -29.00
CA GLN B 326 -6.73 -32.12 -30.27
C GLN B 326 -7.62 -30.92 -30.60
N THR B 327 -8.24 -30.38 -29.56
CA THR B 327 -9.09 -29.24 -29.65
C THR B 327 -8.28 -27.99 -29.96
N ILE B 328 -7.13 -27.88 -29.31
CA ILE B 328 -6.25 -26.76 -29.55
C ILE B 328 -5.76 -26.76 -31.00
N GLY B 329 -5.51 -27.95 -31.55
CA GLY B 329 -5.03 -28.09 -32.92
C GLY B 329 -6.15 -27.82 -33.92
N ALA B 330 -7.35 -28.32 -33.61
CA ALA B 330 -8.51 -28.19 -34.49
C ALA B 330 -9.05 -26.75 -34.57
N LEU B 331 -8.77 -25.93 -33.56
CA LEU B 331 -9.32 -24.60 -33.47
C LEU B 331 -8.37 -23.53 -34.00
N GLN B 332 -7.13 -23.87 -34.31
CA GLN B 332 -6.14 -22.92 -34.86
C GLN B 332 -6.74 -21.96 -35.89
N ASP B 333 -7.42 -22.52 -36.89
CA ASP B 333 -7.90 -21.71 -38.03
C ASP B 333 -9.15 -20.86 -37.71
N PHE B 334 -9.86 -21.16 -36.62
CA PHE B 334 -11.14 -20.52 -36.26
C PHE B 334 -11.03 -19.40 -35.24
N THR B 335 -9.81 -19.16 -34.80
CA THR B 335 -9.54 -18.30 -33.65
C THR B 335 -9.86 -16.84 -33.88
N ALA B 336 -9.39 -16.28 -34.99
CA ALA B 336 -9.64 -14.88 -35.29
C ALA B 336 -11.14 -14.62 -35.38
N GLY B 337 -11.87 -15.60 -35.90
CA GLY B 337 -13.31 -15.50 -36.07
C GLY B 337 -14.12 -15.59 -34.79
N LEU B 338 -13.70 -16.49 -33.90
CA LEU B 338 -14.41 -16.85 -32.69
C LEU B 338 -14.25 -15.82 -31.57
N GLN B 339 -13.06 -15.28 -31.38
CA GLN B 339 -12.78 -14.47 -30.19
C GLN B 339 -13.59 -13.17 -30.05
N PRO B 340 -13.75 -12.37 -31.12
CA PRO B 340 -14.58 -11.14 -31.03
C PRO B 340 -16.06 -11.42 -30.66
N VAL B 341 -16.58 -12.55 -31.13
CA VAL B 341 -17.91 -13.04 -30.76
C VAL B 341 -17.98 -13.51 -29.30
N LEU B 342 -17.02 -14.32 -28.86
CA LEU B 342 -16.98 -14.84 -27.49
C LEU B 342 -16.82 -13.73 -26.46
N ARG B 343 -16.06 -12.69 -26.80
CA ARG B 343 -15.88 -11.55 -25.92
C ARG B 343 -17.21 -10.87 -25.56
N GLN B 344 -18.12 -10.78 -26.52
CA GLN B 344 -19.47 -10.25 -26.28
C GLN B 344 -20.32 -11.13 -25.36
N VAL B 345 -19.92 -12.38 -25.14
CA VAL B 345 -20.64 -13.24 -24.20
C VAL B 345 -20.49 -12.80 -22.73
N GLY B 346 -19.34 -12.24 -22.40
CA GLY B 346 -19.08 -11.72 -21.06
C GLY B 346 -19.05 -12.78 -19.98
N ASP B 347 -19.24 -12.31 -18.75
CA ASP B 347 -19.23 -13.19 -17.59
C ASP B 347 -20.62 -13.77 -17.29
N LEU B 348 -21.10 -14.62 -18.19
CA LEU B 348 -22.38 -15.27 -18.01
C LEU B 348 -22.43 -16.11 -16.72
N GLU B 349 -21.30 -16.63 -16.28
CA GLU B 349 -21.27 -17.44 -15.04
C GLU B 349 -21.80 -16.68 -13.83
N ARG B 350 -21.27 -15.47 -13.64
CA ARG B 350 -21.56 -14.64 -12.46
C ARG B 350 -22.93 -13.95 -12.55
N ILE B 351 -23.37 -13.68 -13.77
CA ILE B 351 -24.68 -13.13 -14.03
C ILE B 351 -25.68 -14.19 -13.65
N LEU B 352 -25.36 -15.42 -13.99
CA LEU B 352 -26.24 -16.56 -13.65
C LEU B 352 -26.39 -16.79 -12.17
N ALA B 353 -25.35 -16.53 -11.40
CA ALA B 353 -25.46 -16.68 -9.95
C ALA B 353 -26.52 -15.74 -9.42
N ARG B 354 -26.50 -14.52 -9.94
CA ARG B 354 -27.47 -13.51 -9.51
C ARG B 354 -28.89 -13.76 -9.99
N LEU B 355 -29.04 -14.56 -11.04
CA LEU B 355 -30.34 -15.06 -11.44
C LEU B 355 -30.79 -16.13 -10.43
N ALA B 356 -29.89 -17.04 -10.06
CA ALA B 356 -30.18 -18.06 -9.05
C ALA B 356 -30.64 -17.46 -7.70
N LEU B 357 -29.96 -16.40 -7.29
CA LEU B 357 -30.21 -15.72 -6.02
C LEU B 357 -31.32 -14.67 -6.12
N ARG B 358 -31.81 -14.42 -7.32
CA ARG B 358 -32.85 -13.44 -7.60
C ARG B 358 -32.47 -11.99 -7.25
N THR B 359 -31.18 -11.69 -7.40
CA THR B 359 -30.69 -10.32 -7.28
C THR B 359 -30.20 -9.73 -8.62
N ALA B 360 -30.44 -10.42 -9.73
CA ALA B 360 -29.92 -9.93 -11.01
C ALA B 360 -30.59 -8.61 -11.35
N ARG B 361 -29.79 -7.65 -11.78
CA ARG B 361 -30.29 -6.32 -12.07
C ARG B 361 -30.47 -6.14 -13.60
N PRO B 362 -31.20 -5.12 -14.06
CA PRO B 362 -31.51 -5.01 -15.49
C PRO B 362 -30.35 -5.16 -16.48
N ARG B 363 -29.16 -4.62 -16.20
CA ARG B 363 -28.04 -4.83 -17.11
C ARG B 363 -27.47 -6.27 -17.08
N ASP B 364 -27.69 -7.02 -16.00
CA ASP B 364 -27.43 -8.45 -15.98
C ASP B 364 -28.32 -9.25 -16.93
N LEU B 365 -29.59 -8.89 -16.98
CA LEU B 365 -30.50 -9.49 -17.97
C LEU B 365 -30.16 -9.04 -19.38
N ALA B 366 -29.74 -7.78 -19.52
CA ALA B 366 -29.35 -7.23 -20.82
C ALA B 366 -28.08 -7.84 -21.42
N ARG B 367 -27.12 -8.22 -20.57
CA ARG B 367 -25.87 -8.89 -21.00
C ARG B 367 -26.11 -10.38 -21.27
N MET B 368 -27.02 -10.97 -20.52
CA MET B 368 -27.48 -12.33 -20.80
C MET B 368 -28.15 -12.36 -22.18
N ARG B 369 -28.99 -11.37 -22.46
CA ARG B 369 -29.61 -11.27 -23.77
C ARG B 369 -28.52 -11.14 -24.86
N HIS B 370 -27.55 -10.27 -24.61
CA HIS B 370 -26.47 -10.04 -25.54
C HIS B 370 -25.63 -11.29 -25.84
N ALA B 371 -25.52 -12.16 -24.85
CA ALA B 371 -24.78 -13.41 -24.96
C ALA B 371 -25.57 -14.46 -25.72
N PHE B 372 -26.89 -14.50 -25.51
CA PHE B 372 -27.80 -15.37 -26.27
C PHE B 372 -27.75 -15.04 -27.76
N GLN B 373 -27.60 -13.75 -28.05
CA GLN B 373 -27.50 -13.30 -29.43
C GLN B 373 -26.20 -13.68 -30.13
N GLN B 374 -25.26 -14.32 -29.44
CA GLN B 374 -23.99 -14.71 -30.04
C GLN B 374 -23.96 -16.20 -30.34
N LEU B 375 -24.87 -16.96 -29.73
CA LEU B 375 -24.85 -18.39 -29.84
C LEU B 375 -25.07 -18.92 -31.27
N PRO B 376 -26.09 -18.45 -31.99
CA PRO B 376 -26.25 -18.80 -33.41
C PRO B 376 -24.96 -18.69 -34.22
N GLU B 377 -24.23 -17.57 -34.02
CA GLU B 377 -23.02 -17.30 -34.76
C GLU B 377 -21.87 -18.22 -34.33
N LEU B 378 -21.71 -18.46 -33.03
CA LEU B 378 -20.74 -19.44 -32.52
C LEU B 378 -21.07 -20.85 -32.99
N ARG B 379 -22.35 -21.17 -33.06
CA ARG B 379 -22.79 -22.46 -33.54
C ARG B 379 -22.38 -22.67 -35.01
N ALA B 380 -22.51 -21.62 -35.80
CA ALA B 380 -22.19 -21.66 -37.23
C ALA B 380 -20.69 -21.80 -37.46
N GLN B 381 -19.90 -21.00 -36.75
CA GLN B 381 -18.45 -21.06 -36.86
C GLN B 381 -17.89 -22.39 -36.44
N LEU B 382 -18.47 -23.04 -35.43
CA LEU B 382 -17.94 -24.29 -34.88
C LEU B 382 -18.41 -25.57 -35.59
N GLU B 383 -19.47 -25.46 -36.38
CA GLU B 383 -20.06 -26.62 -37.06
C GLU B 383 -19.03 -27.36 -37.90
N THR B 384 -18.17 -26.58 -38.55
CA THR B 384 -17.11 -27.07 -39.45
C THR B 384 -15.94 -27.78 -38.73
N VAL B 385 -15.65 -27.37 -37.50
CA VAL B 385 -14.50 -27.88 -36.77
C VAL B 385 -14.54 -29.41 -36.60
N ASP B 386 -13.46 -30.06 -37.06
CA ASP B 386 -13.28 -31.51 -37.03
C ASP B 386 -12.76 -31.91 -35.65
N SER B 387 -13.67 -32.11 -34.71
CA SER B 387 -13.30 -32.36 -33.33
C SER B 387 -14.52 -32.80 -32.55
N ALA B 388 -14.54 -34.04 -32.09
CA ALA B 388 -15.64 -34.52 -31.27
C ALA B 388 -15.84 -33.62 -30.03
N PRO B 389 -14.75 -33.21 -29.35
CA PRO B 389 -14.88 -32.36 -28.15
C PRO B 389 -15.39 -30.95 -28.46
N VAL B 390 -15.01 -30.39 -29.62
CA VAL B 390 -15.51 -29.06 -29.97
C VAL B 390 -16.99 -29.16 -30.28
N GLN B 391 -17.41 -30.23 -30.97
CA GLN B 391 -18.83 -30.45 -31.26
C GLN B 391 -19.65 -30.69 -29.99
N ALA B 392 -19.03 -31.28 -28.96
CA ALA B 392 -19.67 -31.49 -27.67
C ALA B 392 -19.85 -30.15 -26.93
N LEU B 393 -18.84 -29.29 -27.01
CA LEU B 393 -18.91 -27.93 -26.44
C LEU B 393 -19.93 -27.09 -27.13
N ARG B 394 -20.17 -27.41 -28.41
CA ARG B 394 -21.09 -26.67 -29.25
C ARG B 394 -22.53 -27.07 -28.89
N GLU B 395 -22.79 -28.34 -28.66
CA GLU B 395 -24.11 -28.80 -28.18
C GLU B 395 -24.41 -28.18 -26.80
N LYS B 396 -23.53 -28.46 -25.84
CA LYS B 396 -23.64 -27.99 -24.48
C LYS B 396 -23.80 -26.45 -24.32
N MET B 397 -23.26 -25.70 -25.28
CA MET B 397 -23.40 -24.26 -25.36
C MET B 397 -24.88 -23.81 -25.51
N GLY B 398 -25.68 -24.58 -26.22
CA GLY B 398 -27.09 -24.33 -26.38
C GLY B 398 -27.41 -23.19 -27.32
N GLU B 399 -28.71 -22.91 -27.44
CA GLU B 399 -29.26 -21.81 -28.25
C GLU B 399 -30.13 -20.88 -27.38
N PHE B 400 -31.09 -21.45 -26.65
CA PHE B 400 -32.07 -20.67 -25.88
C PHE B 400 -32.68 -19.55 -26.76
N ALA B 401 -33.25 -19.97 -27.88
CA ALA B 401 -33.88 -19.04 -28.80
C ALA B 401 -35.11 -18.37 -28.16
N GLU B 402 -35.90 -19.15 -27.43
CA GLU B 402 -37.12 -18.63 -26.82
C GLU B 402 -36.83 -17.64 -25.71
N LEU B 403 -35.72 -17.84 -24.97
CA LEU B 403 -35.37 -16.89 -23.92
C LEU B 403 -34.75 -15.63 -24.53
N ARG B 404 -33.97 -15.79 -25.61
CA ARG B 404 -33.42 -14.68 -26.38
C ARG B 404 -34.52 -13.70 -26.77
N ASP B 405 -35.61 -14.25 -27.30
CA ASP B 405 -36.71 -13.45 -27.85
C ASP B 405 -37.51 -12.84 -26.71
N LEU B 406 -37.71 -13.60 -25.65
CA LEU B 406 -38.35 -13.07 -24.45
C LEU B 406 -37.70 -11.77 -23.99
N LEU B 407 -36.39 -11.75 -23.81
CA LEU B 407 -35.68 -10.57 -23.30
C LEU B 407 -35.46 -9.46 -24.33
N GLU B 408 -35.63 -9.81 -25.61
CA GLU B 408 -35.60 -8.86 -26.71
C GLU B 408 -36.87 -8.02 -26.64
N ARG B 409 -38.01 -8.70 -26.43
CA ARG B 409 -39.31 -8.06 -26.29
C ARG B 409 -39.51 -7.44 -24.91
N ALA B 410 -38.89 -8.00 -23.87
CA ALA B 410 -39.24 -7.63 -22.49
C ALA B 410 -38.55 -6.37 -22.02
N ILE B 411 -37.27 -6.22 -22.38
CA ILE B 411 -36.41 -5.17 -21.84
C ILE B 411 -35.89 -4.30 -22.95
N ILE B 412 -35.67 -3.01 -22.67
CA ILE B 412 -35.21 -2.05 -23.69
C ILE B 412 -33.74 -2.25 -24.05
N ASP B 413 -33.25 -1.53 -25.06
CA ASP B 413 -31.87 -1.69 -25.54
C ASP B 413 -30.81 -1.48 -24.44
N THR B 414 -30.79 -0.32 -23.80
CA THR B 414 -29.84 -0.07 -22.71
C THR B 414 -30.56 0.35 -21.42
N PRO B 415 -31.00 -0.64 -20.62
CA PRO B 415 -31.78 -0.36 -19.41
C PRO B 415 -30.92 0.27 -18.32
N PRO B 416 -31.54 0.99 -17.38
CA PRO B 416 -30.80 1.63 -16.28
C PRO B 416 -30.30 0.59 -15.28
N VAL B 417 -29.43 1.02 -14.39
CA VAL B 417 -28.72 0.13 -13.46
C VAL B 417 -29.68 -0.62 -12.52
N LEU B 418 -30.67 0.07 -11.98
CA LEU B 418 -31.66 -0.48 -11.06
C LEU B 418 -33.04 -0.51 -11.71
N VAL B 419 -33.87 -1.47 -11.29
CA VAL B 419 -35.31 -1.53 -11.62
C VAL B 419 -36.09 -0.44 -10.92
N ARG B 420 -35.60 -0.07 -9.74
CA ARG B 420 -36.26 0.88 -8.82
C ARG B 420 -37.13 1.96 -9.44
N ASP B 421 -36.59 2.69 -10.43
CA ASP B 421 -37.29 3.85 -11.01
C ASP B 421 -37.92 3.59 -12.39
N GLY B 422 -38.13 2.33 -12.74
CA GLY B 422 -38.70 1.96 -14.03
C GLY B 422 -37.84 2.32 -15.23
N GLY B 423 -38.49 2.45 -16.39
CA GLY B 423 -37.79 2.59 -17.66
C GLY B 423 -37.00 1.35 -18.08
N VAL B 424 -37.35 0.17 -17.57
CA VAL B 424 -36.68 -1.07 -17.97
C VAL B 424 -37.48 -1.92 -18.99
N ILE B 425 -38.79 -2.03 -18.80
CA ILE B 425 -39.62 -2.83 -19.70
C ILE B 425 -39.91 -2.09 -21.00
N ALA B 426 -39.75 -2.79 -22.13
CA ALA B 426 -39.94 -2.22 -23.46
C ALA B 426 -41.40 -1.95 -23.75
N SER B 427 -41.65 -1.00 -24.66
CA SER B 427 -43.01 -0.70 -25.10
C SER B 427 -43.39 -1.73 -26.14
N GLY B 428 -44.59 -2.29 -25.99
CA GLY B 428 -45.05 -3.37 -26.85
C GLY B 428 -45.03 -4.73 -26.16
N TYR B 429 -44.40 -4.82 -24.99
CA TYR B 429 -44.35 -6.10 -24.25
C TYR B 429 -45.64 -6.41 -23.51
N ASN B 430 -46.24 -5.38 -22.92
CA ASN B 430 -47.48 -5.54 -22.14
C ASN B 430 -48.46 -4.42 -22.44
N GLU B 431 -49.69 -4.79 -22.78
CA GLU B 431 -50.66 -3.81 -23.26
C GLU B 431 -51.11 -2.88 -22.16
N GLU B 432 -51.37 -3.44 -20.98
CA GLU B 432 -51.78 -2.64 -19.83
C GLU B 432 -50.75 -1.54 -19.48
N LEU B 433 -49.47 -1.90 -19.50
CA LEU B 433 -48.38 -0.97 -19.19
C LEU B 433 -48.28 0.17 -20.21
N ASP B 434 -48.54 -0.15 -21.47
CA ASP B 434 -48.46 0.85 -22.54
C ASP B 434 -49.54 1.91 -22.39
N GLU B 435 -50.70 1.50 -21.87
CA GLU B 435 -51.82 2.39 -21.65
C GLU B 435 -51.57 3.34 -20.48
N TRP B 436 -51.06 2.84 -19.36
CA TRP B 436 -50.73 3.71 -18.23
C TRP B 436 -49.66 4.73 -18.64
N ARG B 437 -48.72 4.31 -19.45
CA ARG B 437 -47.67 5.19 -19.94
C ARG B 437 -48.20 6.28 -20.86
N ALA B 438 -49.20 5.92 -21.67
CA ALA B 438 -49.81 6.85 -22.61
C ALA B 438 -50.68 7.83 -21.83
N LEU B 439 -51.32 7.34 -20.78
CA LEU B 439 -52.12 8.21 -19.92
C LEU B 439 -51.24 9.19 -19.13
N ALA B 440 -50.05 8.77 -18.74
CA ALA B 440 -49.11 9.64 -18.06
C ALA B 440 -48.57 10.68 -19.03
N ASP B 441 -48.18 10.23 -20.22
CA ASP B 441 -47.59 11.11 -21.24
C ASP B 441 -48.62 12.13 -21.73
N GLY B 442 -49.90 11.81 -21.65
CA GLY B 442 -50.98 12.69 -22.10
C GLY B 442 -51.31 13.78 -21.09
N ALA B 443 -51.19 13.44 -19.81
CA ALA B 443 -51.26 14.42 -18.72
C ALA B 443 -49.99 15.28 -18.67
N THR B 444 -48.85 14.69 -19.02
CA THR B 444 -47.59 15.43 -19.05
C THR B 444 -47.60 16.40 -20.24
N ASP B 445 -48.20 15.94 -21.34
CA ASP B 445 -48.36 16.73 -22.56
C ASP B 445 -49.32 17.88 -22.26
N TYR B 446 -50.35 17.61 -21.47
CA TYR B 446 -51.33 18.64 -21.13
C TYR B 446 -50.64 19.79 -20.39
N LEU B 447 -49.78 19.46 -19.44
CA LEU B 447 -49.14 20.46 -18.58
C LEU B 447 -48.11 21.31 -19.33
N GLU B 448 -47.47 20.76 -20.36
CA GLU B 448 -46.58 21.54 -21.24
C GLU B 448 -47.39 22.58 -22.06
N ARG B 449 -48.59 22.20 -22.52
CA ARG B 449 -49.48 23.11 -23.26
C ARG B 449 -50.17 24.11 -22.32
N LEU B 450 -50.33 23.71 -21.05
CA LEU B 450 -50.84 24.59 -20.00
C LEU B 450 -49.82 25.68 -19.73
N GLU B 451 -48.54 25.32 -19.79
CA GLU B 451 -47.46 26.26 -19.56
C GLU B 451 -47.43 27.35 -20.63
N VAL B 452 -47.49 26.94 -21.89
CA VAL B 452 -47.52 27.86 -23.03
C VAL B 452 -48.82 28.67 -23.05
N ARG B 453 -49.91 28.11 -22.52
CA ARG B 453 -51.20 28.82 -22.50
C ARG B 453 -51.19 29.90 -21.44
N GLU B 454 -50.72 29.57 -20.25
CA GLU B 454 -50.69 30.54 -19.16
C GLU B 454 -49.69 31.63 -19.50
N ARG B 455 -48.62 31.25 -20.19
CA ARG B 455 -47.56 32.17 -20.59
C ARG B 455 -48.03 33.18 -21.67
N GLU B 456 -48.91 32.74 -22.56
CA GLU B 456 -49.44 33.60 -23.62
C GLU B 456 -50.42 34.61 -23.02
N ARG B 457 -51.39 34.11 -22.25
CA ARG B 457 -52.42 34.93 -21.59
C ARG B 457 -51.81 36.08 -20.78
N THR B 458 -50.96 35.74 -19.81
CA THR B 458 -50.37 36.72 -18.88
C THR B 458 -49.33 37.66 -19.50
N GLY B 459 -48.71 37.26 -20.61
CA GLY B 459 -47.65 38.02 -21.25
C GLY B 459 -46.34 38.03 -20.48
N LEU B 460 -46.13 36.97 -19.70
CA LEU B 460 -44.98 36.86 -18.81
C LEU B 460 -44.01 35.78 -19.32
N ASP B 461 -42.93 36.22 -19.97
CA ASP B 461 -41.96 35.34 -20.64
C ASP B 461 -41.14 34.40 -19.73
N THR B 462 -41.17 34.65 -18.43
CA THR B 462 -40.42 33.82 -17.48
C THR B 462 -41.30 32.72 -16.88
N LEU B 463 -42.58 32.68 -17.29
CA LEU B 463 -43.51 31.72 -16.73
C LEU B 463 -43.17 30.33 -17.20
N LYS B 464 -43.23 29.39 -16.26
CA LYS B 464 -42.94 27.99 -16.55
C LYS B 464 -43.58 27.08 -15.52
N VAL B 465 -43.69 25.81 -15.87
CA VAL B 465 -44.19 24.78 -14.95
C VAL B 465 -43.03 23.90 -14.54
N GLY B 466 -42.85 23.70 -13.24
CA GLY B 466 -41.88 22.74 -12.75
C GLY B 466 -42.53 21.67 -11.89
N PHE B 467 -41.69 20.78 -11.36
CA PHE B 467 -42.12 19.73 -10.43
C PHE B 467 -41.05 19.43 -9.36
N ASN B 468 -41.49 19.26 -8.11
CA ASN B 468 -40.69 18.64 -7.05
C ASN B 468 -41.54 17.99 -5.94
N ALA B 469 -40.91 17.22 -5.05
CA ALA B 469 -41.64 16.36 -4.10
C ALA B 469 -42.46 17.14 -3.07
N VAL B 470 -42.01 18.32 -2.70
CA VAL B 470 -42.69 19.15 -1.71
C VAL B 470 -43.99 19.74 -2.26
N HIS B 471 -43.91 20.36 -3.42
CA HIS B 471 -45.04 21.14 -3.95
C HIS B 471 -45.74 20.47 -5.12
N GLY B 472 -45.34 19.23 -5.44
CA GLY B 472 -45.75 18.59 -6.68
C GLY B 472 -45.47 19.50 -7.88
N TYR B 473 -46.46 19.70 -8.73
CA TYR B 473 -46.35 20.59 -9.88
C TYR B 473 -46.69 22.04 -9.47
N TYR B 474 -45.96 22.99 -10.03
CA TYR B 474 -46.14 24.40 -9.70
C TYR B 474 -45.92 25.28 -10.92
N ILE B 475 -46.42 26.50 -10.88
CA ILE B 475 -46.12 27.49 -11.90
C ILE B 475 -45.11 28.46 -11.31
N GLN B 476 -43.94 28.58 -11.92
CA GLN B 476 -42.95 29.51 -11.43
C GLN B 476 -42.97 30.77 -12.29
N ILE B 477 -42.71 31.90 -11.64
CA ILE B 477 -42.60 33.21 -12.27
C ILE B 477 -41.48 33.93 -11.53
N SER B 478 -40.67 34.68 -12.24
CA SER B 478 -39.57 35.39 -11.61
C SER B 478 -40.08 36.48 -10.65
N ARG B 479 -39.20 36.91 -9.76
CA ARG B 479 -39.50 37.94 -8.79
C ARG B 479 -39.88 39.28 -9.45
N GLY B 480 -39.23 39.64 -10.55
CA GLY B 480 -39.49 40.92 -11.18
C GLY B 480 -40.87 40.98 -11.81
N GLN B 481 -41.37 39.83 -12.25
CA GLN B 481 -42.66 39.73 -12.92
C GLN B 481 -43.79 39.23 -12.01
N SER B 482 -43.45 38.71 -10.84
CA SER B 482 -44.42 37.98 -10.01
C SER B 482 -45.57 38.85 -9.49
N HIS B 483 -45.34 40.15 -9.46
CA HIS B 483 -46.36 41.09 -9.03
C HIS B 483 -47.52 41.23 -10.05
N LEU B 484 -47.40 40.57 -11.20
CA LEU B 484 -48.45 40.53 -12.22
C LEU B 484 -49.05 39.13 -12.36
N ALA B 485 -48.89 38.34 -11.30
CA ALA B 485 -49.46 37.00 -11.26
C ALA B 485 -50.95 37.14 -11.15
N PRO B 486 -51.69 36.39 -11.95
CA PRO B 486 -53.16 36.39 -11.90
C PRO B 486 -53.70 36.07 -10.50
N ILE B 487 -54.86 36.62 -10.15
CA ILE B 487 -55.32 36.60 -8.77
C ILE B 487 -55.72 35.21 -8.33
N ASN B 488 -56.06 34.35 -9.29
CA ASN B 488 -56.40 32.94 -9.02
C ASN B 488 -55.19 32.06 -8.63
N TYR B 489 -53.97 32.56 -8.89
CA TYR B 489 -52.74 31.90 -8.49
C TYR B 489 -52.59 31.93 -6.96
N MET B 490 -52.44 30.78 -6.32
CA MET B 490 -52.19 30.71 -4.87
C MET B 490 -50.70 30.50 -4.62
N ARG B 491 -50.05 31.52 -4.06
CA ARG B 491 -48.65 31.46 -3.68
C ARG B 491 -48.36 30.30 -2.74
N ARG B 492 -47.22 29.65 -2.97
CA ARG B 492 -46.81 28.47 -2.22
C ARG B 492 -45.35 28.46 -1.77
N GLN B 493 -44.47 29.08 -2.53
CA GLN B 493 -43.05 29.14 -2.18
C GLN B 493 -42.33 30.33 -2.81
N THR B 494 -41.72 31.13 -1.96
CA THR B 494 -40.85 32.20 -2.38
C THR B 494 -39.40 31.74 -2.42
N LEU B 495 -38.80 31.89 -3.60
CA LEU B 495 -37.37 31.71 -3.77
C LEU B 495 -36.74 33.09 -3.77
N LYS B 496 -35.41 33.13 -3.81
CA LYS B 496 -34.65 34.37 -3.79
C LYS B 496 -34.99 35.28 -4.97
N ASN B 497 -35.29 34.67 -6.13
CA ASN B 497 -35.61 35.43 -7.35
C ASN B 497 -36.79 34.85 -8.10
N ALA B 498 -37.76 34.28 -7.38
CA ALA B 498 -38.94 33.70 -8.01
C ALA B 498 -40.04 33.35 -6.99
N GLU B 499 -41.27 33.19 -7.50
CA GLU B 499 -42.42 32.78 -6.71
C GLU B 499 -43.08 31.60 -7.41
N ARG B 500 -43.47 30.59 -6.66
CA ARG B 500 -44.12 29.44 -7.24
C ARG B 500 -45.55 29.42 -6.75
N TYR B 501 -46.48 29.11 -7.67
CA TYR B 501 -47.90 29.11 -7.36
C TYR B 501 -48.54 27.79 -7.77
N ILE B 502 -49.71 27.52 -7.23
CA ILE B 502 -50.59 26.47 -7.75
C ILE B 502 -51.97 27.03 -8.13
N ILE B 503 -52.62 26.31 -9.05
CA ILE B 503 -54.04 26.48 -9.40
C ILE B 503 -54.72 25.10 -9.31
N PRO B 504 -56.05 25.03 -9.22
CA PRO B 504 -56.74 23.72 -9.21
C PRO B 504 -56.47 22.86 -10.45
N GLU B 505 -56.47 23.51 -11.62
CA GLU B 505 -56.15 22.86 -12.89
C GLU B 505 -54.81 22.12 -12.84
N LEU B 506 -53.83 22.71 -12.16
CA LEU B 506 -52.50 22.12 -12.05
C LEU B 506 -52.50 20.86 -11.19
N LYS B 507 -53.20 20.94 -10.07
CA LYS B 507 -53.27 19.82 -9.14
C LYS B 507 -54.08 18.66 -9.73
N GLU B 508 -55.02 19.00 -10.61
CA GLU B 508 -55.88 18.00 -11.26
C GLU B 508 -55.02 17.07 -12.10
N TYR B 509 -54.23 17.67 -13.00
CA TYR B 509 -53.44 16.89 -13.93
C TYR B 509 -52.23 16.25 -13.28
N GLU B 510 -51.75 16.83 -12.17
CA GLU B 510 -50.69 16.22 -11.37
C GLU B 510 -51.12 14.85 -10.93
N ASP B 511 -52.38 14.76 -10.52
CA ASP B 511 -52.97 13.53 -10.04
C ASP B 511 -53.02 12.45 -11.12
N LYS B 512 -53.29 12.85 -12.35
CA LYS B 512 -53.29 11.93 -13.48
C LYS B 512 -51.87 11.41 -13.77
N VAL B 513 -50.91 12.33 -13.81
CA VAL B 513 -49.51 12.00 -14.09
C VAL B 513 -48.98 11.03 -13.07
N LEU B 514 -49.25 11.33 -11.80
CA LEU B 514 -48.62 10.63 -10.69
C LEU B 514 -49.23 9.26 -10.48
N THR B 515 -50.54 9.15 -10.61
CA THR B 515 -51.21 7.87 -10.36
C THR B 515 -50.90 6.90 -11.51
N SER B 516 -50.93 7.39 -12.75
CA SER B 516 -50.49 6.64 -13.93
C SER B 516 -49.08 6.09 -13.78
N LYS B 517 -48.08 6.97 -13.66
CA LYS B 517 -46.67 6.57 -13.43
C LYS B 517 -46.53 5.55 -12.30
N GLY B 518 -47.35 5.66 -11.26
CA GLY B 518 -47.28 4.76 -10.12
C GLY B 518 -47.76 3.37 -10.46
N LYS B 519 -48.82 3.29 -11.25
CA LYS B 519 -49.37 2.00 -11.67
C LYS B 519 -48.48 1.31 -12.69
N ALA B 520 -47.76 2.10 -13.48
CA ALA B 520 -46.86 1.59 -14.52
C ALA B 520 -45.54 1.16 -13.90
N LEU B 521 -45.12 1.83 -12.83
CA LEU B 521 -43.92 1.48 -12.09
C LEU B 521 -44.12 0.16 -11.35
N ALA B 522 -45.28 0.01 -10.69
CA ALA B 522 -45.61 -1.26 -10.03
C ALA B 522 -45.79 -2.40 -11.04
N LEU B 523 -46.20 -2.07 -12.26
CA LEU B 523 -46.41 -3.08 -13.28
C LEU B 523 -45.08 -3.51 -13.90
N GLU B 524 -44.12 -2.58 -13.97
CA GLU B 524 -42.80 -2.88 -14.51
C GLU B 524 -42.11 -3.86 -13.59
N LYS B 525 -42.26 -3.66 -12.28
CA LYS B 525 -41.61 -4.48 -11.28
C LYS B 525 -42.23 -5.86 -11.27
N GLN B 526 -43.53 -5.95 -11.45
CA GLN B 526 -44.17 -7.25 -11.42
C GLN B 526 -43.83 -8.05 -12.67
N LEU B 527 -43.71 -7.35 -13.80
CA LEU B 527 -43.29 -7.96 -15.06
C LEU B 527 -41.83 -8.40 -15.03
N TYR B 528 -41.00 -7.65 -14.28
CA TYR B 528 -39.58 -7.94 -14.14
C TYR B 528 -39.38 -9.21 -13.28
N GLU B 529 -40.13 -9.33 -12.20
CA GLU B 529 -40.05 -10.49 -11.32
C GLU B 529 -40.55 -11.73 -12.08
N GLU B 530 -41.39 -11.50 -13.07
CA GLU B 530 -41.97 -12.57 -13.87
C GLU B 530 -40.91 -13.15 -14.84
N LEU B 531 -39.99 -12.30 -15.33
CA LEU B 531 -38.88 -12.77 -16.14
C LEU B 531 -38.04 -13.79 -15.40
N PHE B 532 -37.82 -13.58 -14.11
CA PHE B 532 -37.11 -14.54 -13.26
C PHE B 532 -37.83 -15.88 -13.24
N ASP B 533 -39.15 -15.85 -13.09
CA ASP B 533 -39.98 -17.07 -13.11
C ASP B 533 -39.85 -17.87 -14.40
N LEU B 534 -39.69 -17.17 -15.53
CA LEU B 534 -39.62 -17.81 -16.85
C LEU B 534 -38.20 -18.24 -17.23
N LEU B 535 -37.21 -17.63 -16.62
CA LEU B 535 -35.80 -17.88 -16.93
C LEU B 535 -35.24 -19.04 -16.10
N LEU B 536 -35.61 -19.04 -14.82
CA LEU B 536 -35.08 -19.97 -13.80
C LEU B 536 -35.31 -21.45 -14.02
N PRO B 537 -36.39 -21.88 -14.71
CA PRO B 537 -36.58 -23.31 -15.01
C PRO B 537 -35.52 -23.88 -15.96
N HIS B 538 -34.86 -22.98 -16.70
CA HIS B 538 -33.78 -23.35 -17.59
C HIS B 538 -32.42 -23.15 -16.94
N LEU B 539 -32.38 -22.92 -15.63
CA LEU B 539 -31.12 -22.64 -14.93
C LEU B 539 -30.03 -23.68 -15.15
N GLU B 540 -30.36 -24.97 -15.06
CA GLU B 540 -29.37 -26.03 -15.22
C GLU B 540 -28.71 -25.99 -16.59
N ALA B 541 -29.50 -25.85 -17.64
CA ALA B 541 -28.96 -25.80 -18.99
C ALA B 541 -28.17 -24.53 -19.24
N LEU B 542 -28.54 -23.44 -18.58
CA LEU B 542 -27.84 -22.18 -18.70
C LEU B 542 -26.47 -22.26 -18.01
N GLN B 543 -26.35 -23.01 -16.90
CA GLN B 543 -25.05 -23.13 -16.21
C GLN B 543 -24.06 -24.01 -17.04
N GLN B 544 -24.64 -25.01 -17.71
CA GLN B 544 -23.92 -25.77 -18.72
C GLN B 544 -23.46 -24.89 -19.89
N SER B 545 -24.31 -24.01 -20.39
CA SER B 545 -23.89 -23.10 -21.46
C SER B 545 -22.70 -22.20 -21.01
N ALA B 546 -22.82 -21.57 -19.87
CA ALA B 546 -21.78 -20.63 -19.42
C ALA B 546 -20.44 -21.34 -19.21
N SER B 547 -20.54 -22.61 -18.79
CA SER B 547 -19.37 -23.42 -18.52
C SER B 547 -18.66 -23.84 -19.80
N ALA B 548 -19.45 -24.29 -20.78
CA ALA B 548 -18.99 -24.59 -22.13
C ALA B 548 -18.36 -23.37 -22.76
N LEU B 549 -19.02 -22.23 -22.64
CA LEU B 549 -18.48 -21.01 -23.20
C LEU B 549 -17.16 -20.69 -22.54
N ALA B 550 -17.06 -21.03 -21.26
CA ALA B 550 -15.85 -20.77 -20.50
C ALA B 550 -14.74 -21.67 -21.00
N GLU B 551 -15.02 -22.98 -21.14
CA GLU B 551 -14.00 -23.92 -21.65
C GLU B 551 -13.52 -23.53 -23.05
N LEU B 552 -14.45 -23.08 -23.89
CA LEU B 552 -14.13 -22.76 -25.26
C LEU B 552 -13.24 -21.58 -25.30
N ASP B 553 -13.54 -20.59 -24.46
CA ASP B 553 -12.68 -19.44 -24.29
C ASP B 553 -11.27 -19.87 -23.87
N VAL B 554 -11.15 -20.89 -23.00
CA VAL B 554 -9.84 -21.33 -22.53
C VAL B 554 -9.09 -21.94 -23.73
N LEU B 555 -9.76 -22.81 -24.46
CA LEU B 555 -9.09 -23.57 -25.49
C LEU B 555 -8.86 -22.72 -26.73
N VAL B 556 -9.74 -21.81 -27.03
CA VAL B 556 -9.56 -20.98 -28.20
C VAL B 556 -8.37 -20.07 -27.95
N ASN B 557 -8.24 -19.59 -26.73
CA ASN B 557 -7.09 -18.83 -26.31
C ASN B 557 -5.80 -19.65 -26.41
N LEU B 558 -5.82 -20.88 -25.93
CA LEU B 558 -4.60 -21.68 -25.85
C LEU B 558 -4.14 -22.02 -27.25
N ALA B 559 -5.11 -22.22 -28.15
CA ALA B 559 -4.85 -22.45 -29.56
C ALA B 559 -4.23 -21.23 -30.25
N GLU B 560 -4.71 -20.05 -29.91
CA GLU B 560 -4.13 -18.83 -30.45
C GLU B 560 -2.70 -18.64 -29.90
N ARG B 561 -2.51 -18.92 -28.61
CA ARG B 561 -1.18 -18.93 -28.01
C ARG B 561 -0.23 -19.98 -28.64
N ALA B 562 -0.67 -21.23 -28.81
CA ALA B 562 0.21 -22.19 -29.46
C ALA B 562 0.68 -21.67 -30.84
N TYR B 563 -0.25 -21.21 -31.66
CA TYR B 563 0.06 -20.79 -33.03
C TYR B 563 0.86 -19.50 -33.06
N THR B 564 0.43 -18.53 -32.27
CA THR B 564 1.15 -17.25 -32.22
C THR B 564 2.60 -17.40 -31.75
N LEU B 565 2.84 -18.19 -30.71
CA LEU B 565 4.12 -18.21 -29.98
C LEU B 565 5.05 -19.37 -30.33
N ASN B 566 4.76 -20.05 -31.45
CA ASN B 566 5.59 -21.17 -31.92
C ASN B 566 5.72 -22.31 -30.90
N TYR B 567 4.60 -22.78 -30.36
CA TYR B 567 4.58 -23.90 -29.42
C TYR B 567 4.35 -25.19 -30.24
N THR B 568 4.54 -26.33 -29.62
CA THR B 568 4.44 -27.60 -30.31
C THR B 568 3.70 -28.56 -29.44
N CYS B 569 3.17 -29.63 -30.01
CA CYS B 569 2.34 -30.56 -29.22
C CYS B 569 3.24 -31.59 -28.59
N PRO B 570 3.27 -31.66 -27.27
CA PRO B 570 4.10 -32.68 -26.58
C PRO B 570 3.47 -34.07 -26.69
N THR B 571 4.27 -35.13 -26.76
CA THR B 571 3.76 -36.52 -26.63
C THR B 571 4.13 -37.12 -25.28
N PHE B 572 3.42 -38.19 -24.91
CA PHE B 572 3.54 -38.83 -23.60
C PHE B 572 4.11 -40.20 -23.74
N ILE B 573 5.04 -40.58 -22.86
CA ILE B 573 5.59 -41.94 -22.84
C ILE B 573 5.19 -42.68 -21.53
N ASP B 574 5.31 -43.99 -21.50
CA ASP B 574 4.75 -44.77 -20.40
C ASP B 574 5.64 -44.75 -19.13
N LYS B 575 6.96 -44.59 -19.33
CA LYS B 575 7.93 -44.57 -18.24
C LYS B 575 8.46 -43.14 -18.07
N PRO B 576 9.02 -42.78 -16.91
CA PRO B 576 9.45 -41.40 -16.69
C PRO B 576 10.52 -40.96 -17.66
N GLY B 577 10.45 -39.72 -18.09
CA GLY B 577 11.49 -39.16 -18.95
C GLY B 577 11.10 -37.81 -19.47
N ILE B 578 12.06 -36.97 -19.77
CA ILE B 578 11.77 -35.68 -20.43
C ILE B 578 12.81 -35.50 -21.49
N ARG B 579 12.38 -35.37 -22.75
CA ARG B 579 13.26 -35.12 -23.89
C ARG B 579 12.73 -33.88 -24.51
N ILE B 580 13.50 -32.80 -24.42
CA ILE B 580 13.15 -31.51 -24.96
C ILE B 580 14.19 -31.14 -25.99
N THR B 581 13.72 -30.65 -27.13
CA THR B 581 14.57 -30.08 -28.17
C THR B 581 14.19 -28.62 -28.30
N GLU B 582 15.20 -27.76 -28.26
CA GLU B 582 15.06 -26.30 -28.30
C GLU B 582 13.92 -25.77 -27.40
N GLY B 583 13.86 -26.27 -26.17
CA GLY B 583 12.96 -25.74 -25.17
C GLY B 583 13.25 -24.28 -24.79
N ARG B 584 12.21 -23.53 -24.42
CA ARG B 584 12.36 -22.16 -23.92
C ARG B 584 11.51 -21.92 -22.69
N HIS B 585 11.91 -20.91 -21.91
CA HIS B 585 11.09 -20.40 -20.81
C HIS B 585 10.03 -19.44 -21.40
N PRO B 586 8.76 -19.78 -21.25
CA PRO B 586 7.64 -19.03 -21.84
C PRO B 586 7.45 -17.60 -21.35
N VAL B 587 7.87 -17.27 -20.14
CA VAL B 587 7.71 -15.90 -19.65
C VAL B 587 8.95 -15.15 -20.06
N VAL B 588 10.13 -15.69 -19.75
CA VAL B 588 11.36 -14.96 -20.06
C VAL B 588 11.49 -14.62 -21.58
N GLU B 589 11.06 -15.53 -22.46
CA GLU B 589 11.20 -15.33 -23.91
C GLU B 589 10.31 -14.24 -24.52
N GLN B 590 9.30 -13.80 -23.79
CA GLN B 590 8.40 -12.73 -24.21
C GLN B 590 8.72 -11.40 -23.55
N VAL B 591 9.38 -11.49 -22.40
CA VAL B 591 9.52 -10.35 -21.50
C VAL B 591 10.81 -9.55 -21.77
N LEU B 592 11.94 -10.24 -21.92
CA LEU B 592 13.21 -9.55 -22.20
C LEU B 592 13.43 -9.35 -23.69
N ASN B 593 14.05 -8.22 -24.06
CA ASN B 593 14.26 -7.86 -25.47
C ASN B 593 15.60 -8.37 -26.01
N GLU B 594 16.15 -9.40 -25.36
CA GLU B 594 17.41 -10.00 -25.74
C GLU B 594 17.09 -11.42 -26.24
N PRO B 595 17.77 -11.86 -27.30
CA PRO B 595 17.49 -13.18 -27.87
C PRO B 595 17.41 -14.19 -26.76
N PHE B 596 16.33 -14.96 -26.71
CA PHE B 596 16.30 -16.02 -25.74
C PHE B 596 17.07 -17.20 -26.29
N ILE B 597 17.84 -17.90 -25.46
CA ILE B 597 18.63 -19.03 -25.95
C ILE B 597 17.95 -20.37 -25.60
N ALA B 598 17.54 -21.10 -26.62
CA ALA B 598 16.85 -22.35 -26.45
C ALA B 598 17.84 -23.46 -26.07
N ASN B 599 17.40 -24.46 -25.31
CA ASN B 599 18.28 -25.52 -24.86
C ASN B 599 17.65 -26.91 -24.91
N PRO B 600 18.45 -27.94 -25.12
CA PRO B 600 17.95 -29.32 -24.99
C PRO B 600 17.85 -29.79 -23.54
N LEU B 601 17.19 -30.95 -23.37
CA LEU B 601 17.22 -31.70 -22.13
C LEU B 601 16.88 -33.15 -22.43
N ASN B 602 17.66 -34.05 -21.85
CA ASN B 602 17.46 -35.46 -22.05
C ASN B 602 17.60 -36.14 -20.69
N LEU B 603 16.46 -36.36 -20.05
CA LEU B 603 16.35 -37.09 -18.82
C LEU B 603 15.57 -38.38 -19.10
N SER B 604 16.08 -39.49 -18.58
CA SER B 604 15.48 -40.83 -18.74
C SER B 604 15.82 -41.70 -17.51
N PRO B 605 15.28 -42.90 -17.41
CA PRO B 605 15.73 -43.78 -16.31
C PRO B 605 17.25 -44.06 -16.35
N GLN B 606 17.90 -44.09 -17.52
CA GLN B 606 19.37 -44.26 -17.62
C GLN B 606 20.18 -42.97 -17.36
N ARG B 607 19.52 -41.82 -17.38
CA ARG B 607 20.19 -40.54 -17.27
C ARG B 607 19.23 -39.64 -16.50
N ARG B 608 19.25 -39.69 -15.18
CA ARG B 608 18.17 -39.08 -14.38
C ARG B 608 18.56 -37.89 -13.56
N MET B 609 19.85 -37.57 -13.53
CA MET B 609 20.31 -36.42 -12.81
C MET B 609 21.39 -35.76 -13.64
N LEU B 610 21.25 -34.44 -13.81
CA LEU B 610 22.29 -33.59 -14.36
C LEU B 610 22.88 -32.73 -13.28
N ILE B 611 24.20 -32.73 -13.17
CA ILE B 611 24.92 -31.83 -12.29
C ILE B 611 25.24 -30.59 -13.12
N ILE B 612 24.64 -29.46 -12.79
CA ILE B 612 24.83 -28.25 -13.60
C ILE B 612 25.79 -27.29 -12.91
N THR B 613 27.02 -27.24 -13.43
CA THR B 613 28.02 -26.30 -12.95
C THR B 613 28.09 -25.10 -13.87
N GLY B 614 28.94 -24.15 -13.48
CA GLY B 614 29.11 -22.91 -14.19
C GLY B 614 28.50 -21.76 -13.43
N PRO B 615 28.69 -20.55 -13.93
CA PRO B 615 28.04 -19.37 -13.35
C PRO B 615 26.53 -19.55 -13.34
N ASN B 616 25.81 -19.18 -12.29
CA ASN B 616 24.35 -19.10 -12.38
C ASN B 616 23.88 -17.80 -13.08
N MET B 617 23.85 -16.68 -12.35
CA MET B 617 23.50 -15.39 -12.97
C MET B 617 22.15 -15.35 -13.70
N GLY B 618 21.23 -16.26 -13.32
CA GLY B 618 19.93 -16.39 -13.97
C GLY B 618 19.79 -17.62 -14.87
N GLY B 619 20.83 -17.89 -15.65
CA GLY B 619 20.87 -18.97 -16.64
C GLY B 619 20.60 -20.39 -16.20
N LYS B 620 21.17 -20.82 -15.07
CA LYS B 620 20.88 -22.16 -14.56
C LYS B 620 19.44 -22.22 -14.08
N SER B 621 19.06 -21.18 -13.35
CA SER B 621 17.75 -21.10 -12.73
C SER B 621 16.63 -21.11 -13.77
N THR B 622 16.88 -20.40 -14.87
CA THR B 622 15.92 -20.25 -15.94
C THR B 622 15.79 -21.57 -16.65
N TYR B 623 16.92 -22.20 -16.90
CA TYR B 623 16.96 -23.51 -17.54
C TYR B 623 16.18 -24.56 -16.73
N MET B 624 16.23 -24.45 -15.41
CA MET B 624 15.62 -25.43 -14.53
C MET B 624 14.12 -25.16 -14.47
N ARG B 625 13.76 -23.89 -14.34
CA ARG B 625 12.37 -23.48 -14.20
C ARG B 625 11.61 -23.67 -15.51
N GLN B 626 12.31 -23.60 -16.66
CA GLN B 626 11.60 -23.73 -17.93
C GLN B 626 11.27 -25.19 -18.06
N THR B 627 12.10 -26.05 -17.50
CA THR B 627 11.81 -27.49 -17.43
C THR B 627 10.49 -27.70 -16.68
N ALA B 628 10.35 -27.07 -15.52
CA ALA B 628 9.11 -27.24 -14.77
C ALA B 628 7.93 -26.63 -15.48
N LEU B 629 8.11 -25.50 -16.12
CA LEU B 629 7.00 -24.83 -16.77
C LEU B 629 6.55 -25.57 -18.01
N ILE B 630 7.47 -26.24 -18.70
CA ILE B 630 7.13 -27.10 -19.83
C ILE B 630 6.34 -28.31 -19.36
N ALA B 631 6.86 -29.03 -18.37
CA ALA B 631 6.11 -30.11 -17.74
C ALA B 631 4.71 -29.68 -17.30
N LEU B 632 4.63 -28.56 -16.59
CA LEU B 632 3.32 -28.10 -16.09
C LEU B 632 2.36 -27.86 -17.26
N MET B 633 2.87 -27.29 -18.35
CA MET B 633 2.05 -26.97 -19.50
C MET B 633 1.66 -28.23 -20.28
N ALA B 634 2.59 -29.12 -20.55
CA ALA B 634 2.22 -30.41 -21.09
C ALA B 634 1.06 -30.99 -20.26
N TYR B 635 1.14 -30.88 -18.95
CA TYR B 635 0.13 -31.47 -18.10
C TYR B 635 -1.07 -30.56 -17.83
N ILE B 636 -1.18 -29.46 -18.56
CA ILE B 636 -2.43 -28.70 -18.63
C ILE B 636 -3.17 -29.03 -19.94
N GLY B 637 -2.49 -29.66 -20.91
CA GLY B 637 -3.07 -30.00 -22.20
C GLY B 637 -2.73 -28.96 -23.25
N SER B 638 -1.87 -28.02 -22.89
CA SER B 638 -1.43 -26.98 -23.78
C SER B 638 -0.27 -27.48 -24.65
N TYR B 639 -0.01 -26.76 -25.73
CA TYR B 639 1.25 -26.84 -26.47
C TYR B 639 2.35 -26.13 -25.62
N VAL B 640 3.62 -26.35 -25.95
CA VAL B 640 4.73 -25.96 -25.09
C VAL B 640 5.83 -25.34 -25.94
N PRO B 641 6.59 -24.40 -25.37
CA PRO B 641 7.66 -23.70 -26.08
C PRO B 641 8.92 -24.51 -26.46
N ALA B 642 8.85 -25.27 -27.53
CA ALA B 642 9.89 -26.20 -27.87
C ALA B 642 9.72 -26.64 -29.31
N GLN B 643 10.76 -27.22 -29.91
CA GLN B 643 10.57 -27.88 -31.19
C GLN B 643 9.97 -29.29 -30.96
N LYS B 644 10.26 -29.87 -29.80
CA LYS B 644 9.82 -31.20 -29.50
C LYS B 644 9.89 -31.47 -28.02
N VAL B 645 8.84 -32.10 -27.48
CA VAL B 645 8.83 -32.54 -26.10
C VAL B 645 8.20 -33.91 -26.04
N GLU B 646 8.93 -34.89 -25.52
CA GLU B 646 8.38 -36.17 -25.06
C GLU B 646 8.45 -36.21 -23.54
N ILE B 647 7.44 -36.71 -22.84
CA ILE B 647 7.44 -36.63 -21.37
C ILE B 647 6.64 -37.73 -20.73
N GLY B 648 7.23 -38.35 -19.71
CA GLY B 648 6.60 -39.46 -19.01
C GLY B 648 5.72 -38.94 -17.91
N PRO B 649 5.17 -39.82 -17.09
CA PRO B 649 4.28 -39.38 -16.00
C PRO B 649 5.03 -38.72 -14.86
N ILE B 650 4.40 -37.73 -14.25
CA ILE B 650 4.98 -36.93 -13.21
C ILE B 650 3.95 -36.78 -12.10
N ASP B 651 4.33 -37.16 -10.88
CA ASP B 651 3.42 -37.07 -9.75
C ASP B 651 3.53 -35.73 -9.00
N ARG B 652 4.72 -35.12 -9.02
CA ARG B 652 5.04 -33.95 -8.20
C ARG B 652 6.13 -33.16 -8.88
N ILE B 653 6.09 -31.85 -8.70
CA ILE B 653 7.15 -30.98 -9.13
C ILE B 653 7.66 -30.21 -7.91
N PHE B 654 8.97 -30.25 -7.73
CA PHE B 654 9.65 -29.66 -6.60
C PHE B 654 10.64 -28.73 -7.17
N THR B 655 10.52 -27.45 -6.90
CA THR B 655 11.59 -26.55 -7.35
C THR B 655 12.02 -25.70 -6.20
N ARG B 656 13.24 -25.97 -5.75
CA ARG B 656 13.92 -25.30 -4.64
C ARG B 656 14.90 -24.31 -5.27
N VAL B 657 14.36 -23.32 -5.95
CA VAL B 657 15.16 -22.43 -6.78
C VAL B 657 15.11 -20.99 -6.28
N GLY B 658 16.28 -20.38 -6.12
CA GLY B 658 16.38 -18.94 -5.86
C GLY B 658 16.39 -18.58 -4.40
N THR B 669 17.73 -17.71 4.76
CA THR B 669 18.61 -18.50 5.62
C THR B 669 18.95 -19.87 5.00
N PHE B 670 20.06 -20.41 5.47
CA PHE B 670 20.41 -21.80 5.29
C PHE B 670 19.26 -22.72 5.73
N MET B 671 18.63 -22.38 6.84
CA MET B 671 17.63 -23.24 7.50
C MET B 671 16.41 -23.50 6.63
N VAL B 672 15.96 -22.44 5.98
CA VAL B 672 14.81 -22.48 5.09
C VAL B 672 15.21 -23.20 3.81
N GLU B 673 16.47 -23.11 3.42
CA GLU B 673 16.95 -23.87 2.27
C GLU B 673 17.01 -25.37 2.59
N MET B 674 17.43 -25.73 3.81
CA MET B 674 17.53 -27.12 4.27
C MET B 674 16.18 -27.75 4.56
N THR B 675 15.23 -26.93 5.01
CA THR B 675 13.88 -27.37 5.30
C THR B 675 13.17 -27.68 3.99
N GLU B 676 13.38 -26.84 2.99
CA GLU B 676 12.84 -27.15 1.68
C GLU B 676 13.52 -28.42 1.08
N THR B 677 14.81 -28.61 1.33
CA THR B 677 15.49 -29.81 0.82
C THR B 677 14.94 -31.03 1.53
N ALA B 678 14.75 -30.92 2.83
CA ALA B 678 14.15 -32.01 3.63
C ALA B 678 12.81 -32.49 3.07
N ASN B 679 11.97 -31.54 2.67
CA ASN B 679 10.65 -31.83 2.10
C ASN B 679 10.76 -32.64 0.82
N ILE B 680 11.70 -32.28 -0.05
CA ILE B 680 11.94 -33.06 -1.27
C ILE B 680 12.36 -34.50 -0.96
N LEU B 681 13.32 -34.66 -0.06
CA LEU B 681 13.94 -35.94 0.17
C LEU B 681 12.97 -36.91 0.86
N HIS B 682 12.04 -36.35 1.64
CA HIS B 682 11.00 -37.12 2.33
C HIS B 682 9.80 -37.51 1.41
N ASN B 683 9.56 -36.74 0.36
CA ASN B 683 8.31 -36.84 -0.43
C ASN B 683 8.45 -37.14 -1.92
N ALA B 684 9.67 -37.09 -2.46
CA ALA B 684 9.86 -37.29 -3.89
C ALA B 684 9.85 -38.77 -4.19
N THR B 685 9.37 -39.14 -5.38
CA THR B 685 9.37 -40.53 -5.87
C THR B 685 10.11 -40.61 -7.22
N GLU B 686 10.15 -41.82 -7.80
CA GLU B 686 10.85 -42.02 -9.08
C GLU B 686 10.10 -41.41 -10.26
N TYR B 687 8.87 -40.97 -10.01
CA TYR B 687 8.11 -40.18 -10.99
C TYR B 687 8.12 -38.67 -10.67
N SER B 688 8.90 -38.23 -9.70
CA SER B 688 8.97 -36.80 -9.38
C SER B 688 9.96 -36.09 -10.27
N LEU B 689 9.75 -34.81 -10.47
CA LEU B 689 10.74 -33.91 -11.09
C LEU B 689 11.21 -32.95 -10.00
N VAL B 690 12.53 -32.85 -9.85
CA VAL B 690 13.19 -32.13 -8.77
C VAL B 690 14.21 -31.20 -9.34
N LEU B 691 14.04 -29.92 -9.07
CA LEU B 691 14.97 -28.90 -9.49
C LEU B 691 15.61 -28.29 -8.25
N MET B 692 16.93 -28.32 -8.15
CA MET B 692 17.61 -27.78 -6.97
C MET B 692 18.75 -26.86 -7.31
N ASP B 693 18.77 -25.71 -6.63
CA ASP B 693 19.63 -24.58 -6.95
C ASP B 693 20.71 -24.40 -5.91
N GLU B 694 21.86 -25.04 -6.16
CA GLU B 694 23.10 -24.80 -5.43
C GLU B 694 22.96 -24.89 -3.89
N ILE B 695 22.46 -26.02 -3.39
CA ILE B 695 22.43 -26.22 -1.95
C ILE B 695 23.82 -26.48 -1.37
N GLY B 696 23.99 -26.15 -0.10
CA GLY B 696 25.30 -26.11 0.51
C GLY B 696 25.75 -24.71 0.80
N ARG B 697 25.30 -23.73 0.02
CA ARG B 697 25.64 -22.33 0.27
C ARG B 697 25.03 -21.89 1.60
N GLY B 698 25.78 -21.07 2.35
CA GLY B 698 25.32 -20.60 3.65
C GLY B 698 25.85 -21.40 4.84
N THR B 699 26.66 -22.41 4.58
CA THR B 699 27.42 -23.09 5.63
C THR B 699 28.84 -23.32 5.11
N SER B 700 29.66 -23.99 5.90
CA SER B 700 31.07 -24.23 5.58
C SER B 700 31.25 -25.05 4.30
N THR B 701 32.42 -24.95 3.72
CA THR B 701 32.70 -25.56 2.46
C THR B 701 32.43 -27.06 2.57
N TYR B 702 32.96 -27.72 3.61
CA TYR B 702 32.95 -29.19 3.68
C TYR B 702 31.60 -29.74 4.12
N ASP B 703 30.97 -29.10 5.10
CA ASP B 703 29.58 -29.39 5.47
C ASP B 703 28.64 -29.28 4.28
N GLY B 704 28.69 -28.14 3.60
CA GLY B 704 27.81 -27.90 2.48
C GLY B 704 28.08 -28.82 1.30
N LEU B 705 29.35 -29.09 1.04
CA LEU B 705 29.72 -30.07 0.03
C LEU B 705 29.25 -31.50 0.42
N SER B 706 29.27 -31.84 1.70
CA SER B 706 28.85 -33.18 2.15
C SER B 706 27.35 -33.37 2.01
N LEU B 707 26.61 -32.31 2.28
CA LEU B 707 25.16 -32.33 2.16
C LEU B 707 24.75 -32.47 0.73
N ALA B 708 25.31 -31.62 -0.12
CA ALA B 708 25.06 -31.65 -1.55
C ALA B 708 25.35 -33.02 -2.14
N TRP B 709 26.53 -33.57 -1.84
CA TRP B 709 26.93 -34.91 -2.28
C TRP B 709 25.94 -35.94 -1.84
N ALA B 710 25.56 -35.92 -0.57
CA ALA B 710 24.69 -36.96 -0.03
C ALA B 710 23.26 -36.83 -0.54
N CYS B 711 22.81 -35.62 -0.83
CA CYS B 711 21.50 -35.43 -1.43
C CYS B 711 21.47 -35.98 -2.83
N ALA B 712 22.41 -35.53 -3.67
CA ALA B 712 22.56 -36.01 -5.03
C ALA B 712 22.55 -37.54 -5.09
N GLU B 713 23.45 -38.19 -4.34
CA GLU B 713 23.41 -39.66 -4.19
C GLU B 713 22.00 -40.17 -3.90
N ASN B 714 21.35 -39.58 -2.90
CA ASN B 714 20.01 -40.01 -2.50
C ASN B 714 18.98 -39.80 -3.63
N LEU B 715 19.00 -38.64 -4.26
CA LEU B 715 18.11 -38.39 -5.37
C LEU B 715 18.35 -39.35 -6.57
N ALA B 716 19.61 -39.72 -6.84
CA ALA B 716 19.98 -40.62 -7.93
C ALA B 716 19.90 -42.13 -7.60
N ASN B 717 20.33 -42.54 -6.42
CA ASN B 717 20.40 -43.97 -6.08
C ASN B 717 19.15 -44.50 -5.39
N LYS B 718 18.51 -43.70 -4.57
CA LYS B 718 17.41 -44.16 -3.73
C LYS B 718 16.07 -43.67 -4.27
N ILE B 719 15.86 -42.36 -4.33
CA ILE B 719 14.58 -41.88 -4.81
C ILE B 719 14.45 -42.09 -6.32
N LYS B 720 15.54 -41.89 -7.04
CA LYS B 720 15.58 -41.98 -8.50
C LYS B 720 14.66 -40.98 -9.22
N ALA B 721 14.38 -39.83 -8.60
CA ALA B 721 13.65 -38.78 -9.32
C ALA B 721 14.38 -38.36 -10.55
N LEU B 722 13.70 -37.67 -11.46
CA LEU B 722 14.37 -36.91 -12.50
C LEU B 722 14.73 -35.59 -11.88
N THR B 723 16.02 -35.23 -11.95
CA THR B 723 16.59 -34.14 -11.17
C THR B 723 17.53 -33.31 -11.98
N LEU B 724 17.40 -32.01 -11.87
CA LEU B 724 18.46 -31.10 -12.27
C LEU B 724 19.04 -30.60 -10.98
N PHE B 725 20.30 -30.94 -10.73
CA PHE B 725 20.98 -30.55 -9.52
C PHE B 725 22.01 -29.45 -9.83
N ALA B 726 21.62 -28.20 -9.68
CA ALA B 726 22.56 -27.12 -9.93
C ALA B 726 23.52 -27.02 -8.76
N THR B 727 24.79 -26.84 -9.05
CA THR B 727 25.75 -26.64 -7.98
C THR B 727 26.94 -25.76 -8.34
N HIS B 728 27.53 -25.16 -7.33
CA HIS B 728 28.82 -24.50 -7.51
C HIS B 728 30.02 -25.42 -7.24
N TYR B 729 29.80 -26.62 -6.63
CA TYR B 729 30.89 -27.46 -6.18
C TYR B 729 31.47 -28.25 -7.35
N PHE B 730 32.70 -27.92 -7.75
CA PHE B 730 33.41 -28.73 -8.75
C PHE B 730 33.61 -30.19 -8.33
N GLU B 731 33.64 -30.45 -7.04
CA GLU B 731 33.94 -31.78 -6.54
C GLU B 731 32.81 -32.73 -6.86
N LEU B 732 31.60 -32.18 -7.02
CA LEU B 732 30.42 -32.96 -7.42
C LEU B 732 30.42 -33.42 -8.88
N THR B 733 31.27 -32.87 -9.71
CA THR B 733 31.37 -33.33 -11.09
C THR B 733 32.03 -34.69 -11.18
N GLN B 734 32.62 -35.17 -10.08
CA GLN B 734 33.17 -36.52 -10.03
C GLN B 734 32.05 -37.56 -9.79
N LEU B 735 30.85 -37.10 -9.48
CA LEU B 735 29.69 -37.99 -9.30
C LEU B 735 29.39 -38.99 -10.45
N PRO B 736 29.33 -38.55 -11.71
CA PRO B 736 29.17 -39.45 -12.87
C PRO B 736 30.15 -40.63 -12.99
N GLU B 737 31.38 -40.48 -12.50
CA GLU B 737 32.36 -41.56 -12.48
C GLU B 737 32.04 -42.54 -11.37
N LYS B 738 31.54 -42.03 -10.25
CA LYS B 738 31.24 -42.88 -9.10
C LYS B 738 29.84 -43.54 -9.19
N MET B 739 28.95 -43.13 -10.11
CA MET B 739 27.64 -43.82 -10.20
C MET B 739 26.77 -43.64 -11.46
N GLU B 740 25.86 -44.61 -11.63
CA GLU B 740 25.00 -44.78 -12.80
C GLU B 740 23.90 -43.70 -12.85
N GLY B 741 23.60 -43.23 -14.05
CA GLY B 741 22.49 -42.32 -14.27
C GLY B 741 22.76 -40.87 -13.94
N VAL B 742 24.02 -40.51 -13.75
CA VAL B 742 24.38 -39.13 -13.46
C VAL B 742 25.31 -38.64 -14.56
N ALA B 743 25.04 -37.46 -15.08
CA ALA B 743 25.94 -36.82 -16.05
C ALA B 743 26.16 -35.35 -15.72
N ASN B 744 27.14 -34.74 -16.37
CA ASN B 744 27.58 -33.37 -16.11
C ASN B 744 27.16 -32.46 -17.28
N VAL B 745 26.62 -31.29 -16.98
CA VAL B 745 26.48 -30.21 -17.93
C VAL B 745 26.88 -28.85 -17.31
N HIS B 746 26.92 -27.81 -18.12
CA HIS B 746 27.35 -26.51 -17.62
C HIS B 746 27.01 -25.34 -18.49
N LEU B 747 27.01 -24.18 -17.86
CA LEU B 747 26.98 -22.91 -18.57
C LEU B 747 28.35 -22.33 -18.50
N ASP B 748 28.73 -21.58 -19.53
CA ASP B 748 29.94 -20.81 -19.51
C ASP B 748 29.64 -19.34 -19.82
N ALA B 749 30.71 -18.56 -19.89
CA ALA B 749 30.65 -17.13 -20.14
C ALA B 749 31.74 -16.78 -21.09
N LEU B 750 31.59 -15.63 -21.71
CA LEU B 750 32.56 -15.16 -22.68
C LEU B 750 33.06 -13.79 -22.22
N GLU B 751 34.38 -13.66 -22.08
CA GLU B 751 35.00 -12.36 -21.77
C GLU B 751 35.42 -11.69 -23.06
N HIS B 752 35.04 -10.42 -23.20
CA HIS B 752 35.32 -9.60 -24.40
C HIS B 752 35.32 -8.11 -24.04
N GLY B 753 35.95 -7.28 -24.85
CA GLY B 753 36.03 -5.84 -24.60
C GLY B 753 36.31 -5.58 -23.13
N ASP B 754 35.32 -5.04 -22.41
CA ASP B 754 35.43 -4.72 -20.97
C ASP B 754 34.31 -5.32 -20.15
N THR B 755 33.68 -6.37 -20.64
CA THR B 755 32.63 -7.04 -19.89
C THR B 755 32.77 -8.53 -19.95
N ILE B 756 31.70 -9.15 -19.48
CA ILE B 756 31.55 -10.56 -19.56
C ILE B 756 30.07 -10.85 -19.97
N ALA B 757 29.95 -11.73 -20.96
CA ALA B 757 28.65 -12.15 -21.48
C ALA B 757 28.40 -13.54 -20.90
N PHE B 758 27.50 -13.67 -19.95
CA PHE B 758 27.17 -15.00 -19.40
C PHE B 758 26.25 -15.77 -20.31
N MET B 759 26.81 -16.65 -21.15
CA MET B 759 26.04 -17.44 -22.12
C MET B 759 25.00 -18.32 -21.44
N HIS B 760 23.87 -18.49 -22.11
CA HIS B 760 22.76 -19.22 -21.49
C HIS B 760 22.62 -20.61 -22.11
N SER B 761 23.71 -21.09 -22.69
CA SER B 761 23.69 -22.30 -23.49
C SER B 761 24.21 -23.50 -22.69
N VAL B 762 23.38 -24.50 -22.50
CA VAL B 762 23.80 -25.64 -21.71
C VAL B 762 24.64 -26.57 -22.56
N GLN B 763 25.85 -26.84 -22.08
CA GLN B 763 26.81 -27.67 -22.80
C GLN B 763 27.19 -28.92 -22.01
N ASP B 764 27.60 -29.96 -22.72
CA ASP B 764 28.00 -31.20 -22.07
C ASP B 764 29.30 -31.01 -21.29
N GLY B 765 29.43 -31.71 -20.17
CA GLY B 765 30.66 -31.75 -19.40
C GLY B 765 30.65 -30.81 -18.22
N ALA B 766 31.65 -30.97 -17.35
CA ALA B 766 31.85 -30.09 -16.20
C ALA B 766 32.34 -28.76 -16.70
N ALA B 767 32.17 -27.73 -15.89
CA ALA B 767 32.74 -26.41 -16.17
C ALA B 767 34.22 -26.40 -15.83
N SER B 768 34.99 -25.58 -16.53
CA SER B 768 36.43 -25.48 -16.27
C SER B 768 36.87 -24.06 -15.94
N LYS B 769 35.91 -23.20 -15.65
CA LYS B 769 36.19 -21.83 -15.25
C LYS B 769 35.20 -21.36 -14.18
N SER B 770 35.72 -20.60 -13.23
CA SER B 770 34.97 -19.73 -12.34
C SER B 770 35.14 -18.28 -12.79
N TYR B 771 34.19 -17.43 -12.38
CA TYR B 771 34.12 -16.05 -12.76
C TYR B 771 33.92 -15.07 -11.60
N GLY B 772 33.96 -15.57 -10.37
CA GLY B 772 33.85 -14.70 -9.20
C GLY B 772 34.84 -13.56 -9.24
N LEU B 773 36.09 -13.89 -9.59
CA LEU B 773 37.19 -12.95 -9.55
C LEU B 773 37.08 -12.00 -10.70
N ALA B 774 36.62 -12.48 -11.85
CA ALA B 774 36.50 -11.62 -13.03
C ALA B 774 35.40 -10.56 -12.83
N VAL B 775 34.35 -10.98 -12.13
CA VAL B 775 33.27 -10.08 -11.74
C VAL B 775 33.67 -9.09 -10.64
N ALA B 776 34.51 -9.53 -9.69
CA ALA B 776 35.14 -8.59 -8.76
C ALA B 776 36.03 -7.52 -9.45
N ALA B 777 36.78 -7.89 -10.48
CA ALA B 777 37.64 -6.88 -11.14
C ALA B 777 36.78 -5.81 -11.80
N LEU B 778 35.79 -6.25 -12.59
CA LEU B 778 34.83 -5.36 -13.25
C LEU B 778 34.12 -4.40 -12.31
N ALA B 779 33.80 -4.89 -11.11
CA ALA B 779 33.14 -4.10 -10.08
C ALA B 779 34.07 -3.12 -9.36
N GLY B 780 35.38 -3.18 -9.60
CA GLY B 780 36.29 -2.18 -9.07
C GLY B 780 37.06 -2.56 -7.81
N VAL B 781 37.00 -3.84 -7.44
CA VAL B 781 37.84 -4.37 -6.38
C VAL B 781 39.33 -4.22 -6.79
N PRO B 782 40.17 -3.60 -5.95
CA PRO B 782 41.50 -3.17 -6.38
C PRO B 782 42.32 -4.31 -6.98
N LYS B 783 43.13 -4.01 -8.00
CA LYS B 783 43.95 -5.03 -8.67
C LYS B 783 44.75 -5.95 -7.70
N GLU B 784 45.39 -5.34 -6.71
CA GLU B 784 46.25 -6.08 -5.78
C GLU B 784 45.44 -7.09 -4.92
N VAL B 785 44.20 -6.73 -4.56
CA VAL B 785 43.31 -7.66 -3.91
C VAL B 785 42.96 -8.87 -4.79
N ILE B 786 42.58 -8.63 -6.04
CA ILE B 786 42.31 -9.72 -7.00
C ILE B 786 43.48 -10.67 -7.23
N LYS B 787 44.66 -10.09 -7.37
CA LYS B 787 45.91 -10.82 -7.57
C LYS B 787 46.08 -11.81 -6.41
N ARG B 788 45.84 -11.34 -5.19
CA ARG B 788 45.98 -12.16 -4.02
C ARG B 788 44.89 -13.24 -3.96
N ALA B 789 43.67 -12.89 -4.36
CA ALA B 789 42.58 -13.85 -4.43
C ALA B 789 42.88 -14.96 -5.46
N ARG B 790 43.52 -14.61 -6.57
CA ARG B 790 43.94 -15.56 -7.61
C ARG B 790 44.96 -16.57 -7.07
N GLN B 791 45.94 -16.09 -6.34
CA GLN B 791 46.91 -16.93 -5.70
C GLN B 791 46.24 -17.91 -4.70
N LYS B 792 45.34 -17.39 -3.88
CA LYS B 792 44.67 -18.20 -2.87
C LYS B 792 43.72 -19.19 -3.54
N LEU B 793 43.08 -18.79 -4.63
CA LEU B 793 42.19 -19.67 -5.35
C LEU B 793 42.94 -20.90 -5.84
N ARG B 794 44.09 -20.67 -6.47
CA ARG B 794 44.89 -21.73 -7.06
C ARG B 794 45.35 -22.67 -5.96
N GLU B 795 45.82 -22.11 -4.85
CA GLU B 795 46.29 -22.87 -3.71
C GLU B 795 45.18 -23.77 -3.11
N LEU B 796 43.97 -23.21 -3.00
CA LEU B 796 42.82 -23.92 -2.46
C LEU B 796 42.33 -25.08 -3.37
N GLU B 797 42.22 -24.80 -4.65
CA GLU B 797 41.72 -25.76 -5.63
C GLU B 797 42.72 -26.85 -5.97
N SER B 798 44.01 -26.60 -5.74
CA SER B 798 45.09 -27.52 -6.14
C SER B 798 45.20 -28.80 -5.33
N ILE B 799 44.64 -28.81 -4.13
CA ILE B 799 44.66 -30.02 -3.28
C ILE B 799 43.56 -31.00 -3.73
N SER B 800 42.65 -30.49 -4.57
CA SER B 800 41.30 -31.04 -4.73
C SER B 800 41.13 -31.87 -6.02
#